data_7BH1
#
_entry.id   7BH1
#
_cell.length_a   1.00
_cell.length_b   1.00
_cell.length_c   1.00
_cell.angle_alpha   90.00
_cell.angle_beta   90.00
_cell.angle_gamma   90.00
#
_symmetry.space_group_name_H-M   'P 1'
#
loop_
_entity.id
_entity.type
_entity.pdbx_description
1 polymer 'Potassium-transporting ATPase potassium-binding subunit'
2 polymer 'Potassium-transporting ATPase ATP-binding subunit'
3 polymer 'Potassium-transporting ATPase KdpC subunit'
4 polymer 'Potassium-transporting ATPase KdpF subunit'
5 non-polymer 'POTASSIUM ION'
6 non-polymer '(2R)-3-(((2-aminoethoxy)(hydroxy)phosphoryl)oxy)-2-(palmitoyloxy)propyl (E)-octadec-9-enoate'
7 water water
#
loop_
_entity_poly.entity_id
_entity_poly.type
_entity_poly.pdbx_seq_one_letter_code
_entity_poly.pdbx_strand_id
1 'polypeptide(L)'
;MAAQGFLLIATFLLVLMVLARPLGSGLARLINDIPLPGTTGVERVLFRALGVSDREMNWKQYLCAILGLNMLGLAVLFFM
LLGQHYLPLNPQQLPGLSWDLALNTAVSFVTNTNWRSYSGETTLSYFSQMAGLTVQNFLSAASGIAVIFALIRAFTRQSM
STLGNAWVDLLRITLWVLVPVALLIALFFIQQGALQNFLPYQAVNTVEGAQQLLPMGPVASQEAIKMLGTNGGGFFNANS
SHPFENPTALTNFVQMLAIFLIPTALCFAFGEVMGDRRQGRMLLWAMSVIFVICVGVVMWAEVQGNPHLLALGTDSSINM
EGKESRFGVLVSSLFAVVTTAASCGAVIAMHDSFTALGGMVPMWLMQIGEVVFGGVGSGLYGMMLFVLLAVFIAGLMIGR
TPEYLGKKIDVREMKLTALAILVTPTLVLMGAALAMMTDAGRSAMLNPGPHGFSEVLYAVSSAANNNGSAFAGLSANSPF
WNCLLAFCMFVGRFGVIIPVMAIAGSLVSKKSQAASSGTLPTHGPLFVGLLIGTVLLVGALTFIPALALGPVAEYLS
;
A
2 'polypeptide(L)'
;MSRKQLALFEPTLVVQALKEAVKKLNPQAQWRNPVMFIVWIGSLLTTCISIAMASGAMPGNALFSAAISGWLWITVLFAN
FAEALAEGRSKAQANSLKGVKKTAFARKLREPKYGAAADKVPADQLRKGDIVLVEAGDIIPCDGEVIEGGASVDESAITG
EAAPVIRESGGDFASVTGGTRILSDWLVIECSVNPGETFLDRMIAMVEGAQRRKTPNEIALTILLIALTIVFLLATATLW
PFSAWGGNAVSVTVLVALLVCLIPTTIGGLLSAIGVAGMSRMLGANVIATSGRAVEAAGDVDVLLLDKTGTITLGNRQAS
EFIPAQGVDEKTLADAAQLASLADETPEGRSIVILAKQRFNLRERDVQSLHATFVPFTAQSRMSGINIDNRMIRKGSVDA
IRRHVEANGGHFPTDVDQKVDQVARQGATPLVVVEGSRVLGVIALKDIVKGGIKERFAQLRKMGIKTVMITGDNRLTAAA
IAAEAGVDDFLAEATPEAKLALIRQYQAEGRLVAMTGDGTNDAPALAQADVAVAMNSGTQAAKEAGNMVDLDSNPTKLIE
VVHIGKQMLMTRGSLTTFSIANDVAKYFAIIPAAFAATYPQLNALNIMCLHSPDSAILSAVIFNALIIVFLIPLALKGVS
YKPLTASAMLRRNLWIYGLGGLLVPFIGIKVIDLLLTVCGLV
;
B
3 'polypeptide(L)'
;MSGLRPALSTFIFLLLITGGVYPLLTTVLGQWWFPWQANGSLIREGDTVRGSALIGQNFTGNGYFHGRPSATAEMPYNPQ
ASGGSNLAVSNPELDKLIAARVAALRAANPDASASVPVELVTASASGLDNNITPQAAAWQIPRVAKARNLSVEQLTQLIA
KYSQQPLVKYIGQPVVNIVELNLALDKLDEGTGLVPRGSSHHHHHHHH
;
C
4 'polypeptide(L)' MSAGVITGVLLVFLLLGYLVYALINAEAF D
#
loop_
_chem_comp.id
_chem_comp.type
_chem_comp.name
_chem_comp.formula
9Y0 non-polymer '(2R)-3-(((2-aminoethoxy)(hydroxy)phosphoryl)oxy)-2-(palmitoyloxy)propyl (E)-octadec-9-enoate' 'C39 H76 N O8 P'
K non-polymer 'POTASSIUM ION' 'K 1'
#
# COMPACT_ATOMS: atom_id res chain seq x y z
N MET A 1 -38.43 -5.42 -2.18
CA MET A 1 -37.12 -6.05 -2.46
C MET A 1 -36.02 -5.02 -2.25
N ALA A 2 -34.86 -5.55 -1.86
CA ALA A 2 -33.66 -4.84 -1.43
C ALA A 2 -33.84 -4.33 -0.01
N ALA A 3 -35.09 -4.11 0.40
CA ALA A 3 -35.36 -4.03 1.82
C ALA A 3 -35.03 -5.36 2.45
N GLN A 4 -35.19 -6.44 1.67
CA GLN A 4 -34.95 -7.81 2.07
C GLN A 4 -33.74 -8.40 1.37
N GLY A 5 -32.98 -7.56 0.70
CA GLY A 5 -31.60 -7.87 0.36
C GLY A 5 -30.66 -7.41 1.44
N PHE A 6 -30.92 -6.22 2.01
CA PHE A 6 -30.01 -5.78 3.05
C PHE A 6 -30.11 -6.64 4.29
N LEU A 7 -31.25 -7.27 4.56
CA LEU A 7 -31.26 -8.26 5.63
C LEU A 7 -30.34 -9.41 5.30
N LEU A 8 -30.43 -9.91 4.06
CA LEU A 8 -29.58 -11.03 3.69
C LEU A 8 -28.12 -10.70 3.93
N ILE A 9 -27.68 -9.52 3.51
CA ILE A 9 -26.27 -9.17 3.74
C ILE A 9 -25.99 -9.07 5.23
N ALA A 10 -26.87 -8.41 5.98
CA ALA A 10 -26.62 -8.24 7.40
C ALA A 10 -26.47 -9.58 8.08
N THR A 11 -27.41 -10.49 7.85
CA THR A 11 -27.32 -11.81 8.47
C THR A 11 -26.10 -12.56 7.98
N PHE A 12 -25.77 -12.45 6.69
CA PHE A 12 -24.59 -13.15 6.21
C PHE A 12 -23.33 -12.68 6.91
N LEU A 13 -23.13 -11.37 7.01
CA LEU A 13 -21.91 -10.90 7.63
C LEU A 13 -21.91 -11.20 9.12
N LEU A 14 -23.03 -10.93 9.79
CA LEU A 14 -23.09 -11.19 11.22
C LEU A 14 -22.77 -12.64 11.52
N VAL A 15 -23.37 -13.58 10.78
CA VAL A 15 -23.09 -14.98 11.05
C VAL A 15 -21.67 -15.32 10.67
N LEU A 16 -21.15 -14.71 9.62
CA LEU A 16 -19.78 -15.00 9.25
C LEU A 16 -18.82 -14.57 10.34
N MET A 17 -19.10 -13.46 11.01
CA MET A 17 -18.21 -12.99 12.06
C MET A 17 -18.34 -13.86 13.29
N VAL A 18 -19.55 -14.26 13.64
CA VAL A 18 -19.73 -15.13 14.79
C VAL A 18 -18.98 -16.43 14.57
N LEU A 19 -19.15 -17.03 13.39
CA LEU A 19 -18.42 -18.27 13.10
C LEU A 19 -16.94 -18.06 12.92
N ALA A 20 -16.49 -16.86 12.60
CA ALA A 20 -15.08 -16.66 12.28
C ALA A 20 -14.23 -16.34 13.48
N ARG A 21 -14.76 -15.69 14.51
CA ARG A 21 -13.92 -15.34 15.64
C ARG A 21 -13.33 -16.57 16.32
N PRO A 22 -14.12 -17.53 16.80
CA PRO A 22 -13.56 -18.82 17.25
C PRO A 22 -12.50 -19.42 16.35
N LEU A 23 -12.84 -19.71 15.09
CA LEU A 23 -11.84 -20.31 14.23
C LEU A 23 -10.66 -19.38 14.04
N GLY A 24 -10.90 -18.08 14.19
CA GLY A 24 -9.78 -17.15 14.14
C GLY A 24 -8.80 -17.40 15.26
N SER A 25 -9.31 -17.67 16.46
CA SER A 25 -8.40 -18.04 17.54
C SER A 25 -7.73 -19.37 17.28
N GLY A 26 -8.47 -20.31 16.71
CA GLY A 26 -7.87 -21.55 16.25
C GLY A 26 -6.62 -21.33 15.42
N LEU A 27 -6.76 -20.57 14.34
CA LEU A 27 -5.62 -20.35 13.49
C LEU A 27 -4.57 -19.47 14.16
N ALA A 28 -4.95 -18.65 15.12
CA ALA A 28 -3.93 -17.96 15.91
C ALA A 28 -3.07 -18.96 16.65
N ARG A 29 -3.68 -19.99 17.23
CA ARG A 29 -2.86 -20.98 17.92
C ARG A 29 -1.98 -21.72 16.93
N LEU A 30 -2.46 -21.99 15.73
CA LEU A 30 -1.57 -22.66 14.78
C LEU A 30 -0.41 -21.75 14.36
N ILE A 31 -0.69 -20.48 14.10
CA ILE A 31 0.37 -19.58 13.62
C ILE A 31 1.47 -19.48 14.65
N ASN A 32 1.12 -19.48 15.92
CA ASN A 32 2.10 -19.37 16.98
C ASN A 32 2.86 -20.66 17.19
N ASP A 33 2.43 -21.74 16.55
CA ASP A 33 3.12 -23.02 16.64
C ASP A 33 2.89 -23.65 18.00
N ILE A 34 1.69 -23.53 18.52
CA ILE A 34 1.29 -24.13 19.79
C ILE A 34 0.29 -25.23 19.46
N PRO A 35 0.48 -26.46 19.97
CA PRO A 35 -0.46 -27.55 19.65
C PRO A 35 -1.90 -27.13 19.87
N LEU A 36 -2.69 -27.05 18.81
CA LEU A 36 -4.14 -27.04 18.90
C LEU A 36 -4.63 -27.92 20.03
N PRO A 37 -5.54 -27.42 20.85
CA PRO A 37 -5.65 -27.84 22.26
C PRO A 37 -5.48 -29.30 22.59
N GLY A 38 -5.98 -30.19 21.74
CA GLY A 38 -6.01 -31.60 22.10
C GLY A 38 -4.93 -32.44 21.46
N THR A 39 -4.30 -31.94 20.41
CA THR A 39 -3.44 -32.75 19.56
C THR A 39 -1.99 -32.37 19.79
N THR A 40 -1.39 -32.96 20.80
CA THR A 40 0.06 -32.94 20.96
C THR A 40 0.65 -34.33 20.97
N GLY A 41 -0.03 -35.30 21.57
CA GLY A 41 0.41 -36.67 21.43
C GLY A 41 0.34 -37.14 19.99
N VAL A 42 -0.80 -36.88 19.34
CA VAL A 42 -0.95 -37.29 17.96
C VAL A 42 0.03 -36.55 17.07
N GLU A 43 0.14 -35.23 17.25
CA GLU A 43 1.09 -34.48 16.43
C GLU A 43 2.48 -35.04 16.57
N ARG A 44 2.86 -35.41 17.78
CA ARG A 44 4.22 -35.87 18.01
C ARG A 44 4.45 -37.20 17.34
N VAL A 45 3.59 -38.19 17.61
CA VAL A 45 3.82 -39.50 17.02
C VAL A 45 3.77 -39.42 15.51
N LEU A 46 2.85 -38.64 14.97
CA LEU A 46 2.73 -38.58 13.53
C LEU A 46 3.95 -37.93 12.90
N PHE A 47 4.38 -36.77 13.40
CA PHE A 47 5.53 -36.13 12.81
C PHE A 47 6.77 -37.00 12.93
N ARG A 48 6.95 -37.66 14.07
CA ARG A 48 8.12 -38.51 14.19
C ARG A 48 8.06 -39.64 13.20
N ALA A 49 6.88 -40.22 12.99
CA ALA A 49 6.78 -41.31 12.04
C ALA A 49 7.07 -40.84 10.63
N LEU A 50 6.56 -39.66 10.25
CA LEU A 50 6.72 -39.25 8.88
C LEU A 50 8.16 -38.91 8.55
N GLY A 51 8.82 -38.16 9.42
CA GLY A 51 10.16 -37.69 9.13
C GLY A 51 10.27 -36.20 9.31
N VAL A 52 9.12 -35.51 9.34
CA VAL A 52 9.13 -34.10 9.71
C VAL A 52 9.56 -34.00 11.16
N SER A 53 10.11 -32.85 11.53
CA SER A 53 10.65 -32.71 12.87
C SER A 53 10.48 -31.26 13.32
N ASP A 54 11.16 -30.92 14.40
CA ASP A 54 11.06 -29.58 14.96
C ASP A 54 11.84 -28.55 14.16
N ARG A 55 12.85 -28.96 13.40
CA ARG A 55 13.69 -28.01 12.69
C ARG A 55 12.86 -27.08 11.83
N GLU A 56 13.15 -25.79 11.90
CA GLU A 56 12.38 -24.79 11.19
C GLU A 56 13.04 -24.47 9.85
N MET A 57 12.46 -23.52 9.12
CA MET A 57 12.89 -23.22 7.76
C MET A 57 13.02 -21.72 7.58
N ASN A 58 14.08 -21.31 6.88
CA ASN A 58 14.18 -19.94 6.42
C ASN A 58 13.32 -19.77 5.18
N TRP A 59 13.18 -18.53 4.72
CA TRP A 59 12.22 -18.25 3.66
C TRP A 59 12.51 -19.08 2.41
N LYS A 60 13.78 -19.27 2.05
CA LYS A 60 14.08 -20.09 0.89
C LYS A 60 13.54 -21.49 1.08
N GLN A 61 13.84 -22.11 2.21
CA GLN A 61 13.43 -23.49 2.41
C GLN A 61 11.92 -23.61 2.59
N TYR A 62 11.28 -22.63 3.23
CA TYR A 62 9.83 -22.70 3.33
C TYR A 62 9.21 -22.64 1.95
N LEU A 63 9.60 -21.65 1.18
CA LEU A 63 9.11 -21.51 -0.17
C LEU A 63 9.36 -22.77 -0.97
N CYS A 64 10.56 -23.33 -0.88
CA CYS A 64 10.85 -24.50 -1.68
C CYS A 64 10.10 -25.72 -1.18
N ALA A 65 9.80 -25.80 0.10
CA ALA A 65 8.96 -26.89 0.56
C ALA A 65 7.57 -26.78 -0.03
N ILE A 66 6.96 -25.60 0.06
CA ILE A 66 5.61 -25.47 -0.46
C ILE A 66 5.59 -25.67 -1.97
N LEU A 67 6.60 -25.19 -2.67
CA LEU A 67 6.58 -25.36 -4.11
C LEU A 67 6.92 -26.78 -4.49
N GLY A 68 7.74 -27.47 -3.71
CA GLY A 68 7.97 -28.87 -3.98
C GLY A 68 6.70 -29.66 -3.78
N LEU A 69 5.96 -29.36 -2.72
CA LEU A 69 4.71 -30.07 -2.49
C LEU A 69 3.71 -29.78 -3.59
N ASN A 70 3.57 -28.53 -3.99
CA ASN A 70 2.60 -28.22 -5.03
C ASN A 70 3.01 -28.82 -6.36
N MET A 71 4.27 -28.69 -6.73
CA MET A 71 4.69 -29.24 -8.00
C MET A 71 4.57 -30.76 -8.01
N LEU A 72 4.71 -31.39 -6.84
CA LEU A 72 4.53 -32.83 -6.81
C LEU A 72 3.06 -33.15 -6.90
N GLY A 73 2.22 -32.33 -6.29
CA GLY A 73 0.80 -32.50 -6.48
C GLY A 73 0.44 -32.38 -7.94
N LEU A 74 1.03 -31.43 -8.64
CA LEU A 74 0.78 -31.26 -10.06
C LEU A 74 1.20 -32.48 -10.84
N ALA A 75 2.32 -33.09 -10.48
CA ALA A 75 2.72 -34.26 -11.26
C ALA A 75 1.76 -35.41 -11.05
N VAL A 76 1.40 -35.71 -9.80
CA VAL A 76 0.48 -36.83 -9.62
C VAL A 76 -0.88 -36.52 -10.19
N LEU A 77 -1.36 -35.27 -10.10
CA LEU A 77 -2.70 -34.99 -10.60
C LEU A 77 -2.74 -35.06 -12.11
N PHE A 78 -1.73 -34.52 -12.77
CA PHE A 78 -1.71 -34.57 -14.21
C PHE A 78 -1.68 -36.00 -14.66
N PHE A 79 -0.97 -36.85 -13.93
CA PHE A 79 -0.96 -38.24 -14.37
C PHE A 79 -2.23 -38.98 -14.01
N MET A 80 -2.93 -38.61 -12.94
CA MET A 80 -4.23 -39.25 -12.73
C MET A 80 -5.18 -38.88 -13.84
N LEU A 81 -5.31 -37.59 -14.12
CA LEU A 81 -6.26 -37.20 -15.15
C LEU A 81 -5.86 -37.72 -16.50
N LEU A 82 -4.60 -37.96 -16.72
CA LEU A 82 -4.16 -38.42 -18.02
C LEU A 82 -4.19 -39.93 -18.12
N GLY A 83 -4.54 -40.63 -17.05
CA GLY A 83 -4.72 -42.06 -17.17
C GLY A 83 -5.92 -42.59 -16.44
N GLN A 84 -6.96 -41.78 -16.24
CA GLN A 84 -8.06 -42.27 -15.43
C GLN A 84 -8.75 -43.48 -16.03
N HIS A 85 -8.44 -43.86 -17.27
CA HIS A 85 -8.96 -45.11 -17.80
C HIS A 85 -8.08 -46.28 -17.44
N TYR A 86 -7.23 -46.14 -16.42
CA TYR A 86 -6.51 -47.26 -15.83
C TYR A 86 -6.73 -47.35 -14.32
N LEU A 87 -7.62 -46.52 -13.76
CA LEU A 87 -7.84 -46.46 -12.33
C LEU A 87 -9.25 -46.93 -11.98
N PRO A 88 -9.46 -47.45 -10.81
CA PRO A 88 -10.77 -48.04 -10.50
C PRO A 88 -11.81 -46.97 -10.26
N LEU A 89 -13.00 -47.37 -9.82
CA LEU A 89 -14.12 -46.46 -9.61
C LEU A 89 -14.46 -45.75 -10.91
N ASN A 90 -14.65 -46.54 -11.95
CA ASN A 90 -15.17 -46.06 -13.22
C ASN A 90 -16.59 -46.59 -13.33
N PRO A 91 -17.59 -45.81 -13.01
CA PRO A 91 -18.94 -46.33 -13.14
C PRO A 91 -19.31 -46.49 -14.59
N GLN A 92 -18.99 -45.46 -15.37
CA GLN A 92 -19.11 -45.49 -16.82
C GLN A 92 -17.69 -45.41 -17.36
N GLN A 93 -17.28 -46.43 -18.10
CA GLN A 93 -15.90 -46.46 -18.57
C GLN A 93 -15.61 -45.17 -19.32
N LEU A 94 -14.76 -44.31 -18.75
CA LEU A 94 -14.52 -43.00 -19.33
C LEU A 94 -13.08 -42.88 -19.81
N PRO A 95 -12.83 -42.18 -20.91
CA PRO A 95 -11.47 -42.17 -21.45
C PRO A 95 -10.57 -41.22 -20.70
N GLY A 96 -9.28 -41.38 -20.92
CA GLY A 96 -8.29 -40.56 -20.26
C GLY A 96 -8.25 -39.19 -20.87
N LEU A 97 -8.48 -38.17 -20.05
CA LEU A 97 -8.50 -36.78 -20.51
C LEU A 97 -7.33 -36.52 -21.44
N SER A 98 -7.59 -35.76 -22.51
CA SER A 98 -6.54 -35.49 -23.48
C SER A 98 -5.41 -34.71 -22.82
N TRP A 99 -4.31 -34.54 -23.55
CA TRP A 99 -3.16 -33.91 -22.95
C TRP A 99 -3.46 -32.46 -22.55
N ASP A 100 -4.16 -31.72 -23.41
CA ASP A 100 -4.38 -30.30 -23.14
C ASP A 100 -5.33 -30.12 -21.97
N LEU A 101 -6.45 -30.83 -21.99
CA LEU A 101 -7.38 -30.70 -20.89
C LEU A 101 -6.80 -31.26 -19.61
N ALA A 102 -6.00 -32.32 -19.71
CA ALA A 102 -5.36 -32.83 -18.51
C ALA A 102 -4.45 -31.78 -17.91
N LEU A 103 -3.62 -31.15 -18.73
CA LEU A 103 -2.71 -30.14 -18.23
C LEU A 103 -3.47 -28.97 -17.63
N ASN A 104 -4.53 -28.53 -18.30
CA ASN A 104 -5.26 -27.39 -17.79
C ASN A 104 -5.92 -27.70 -16.46
N THR A 105 -6.62 -28.83 -16.37
CA THR A 105 -7.24 -29.17 -15.10
C THR A 105 -6.21 -29.38 -14.01
N ALA A 106 -5.09 -30.03 -14.33
CA ALA A 106 -4.08 -30.25 -13.31
C ALA A 106 -3.54 -28.93 -12.79
N VAL A 107 -3.01 -28.10 -13.69
CA VAL A 107 -2.45 -26.83 -13.25
C VAL A 107 -3.50 -26.00 -12.55
N SER A 108 -4.76 -26.12 -12.94
CA SER A 108 -5.80 -25.34 -12.28
C SER A 108 -5.98 -25.81 -10.85
N PHE A 109 -6.14 -27.10 -10.63
CA PHE A 109 -6.45 -27.57 -9.29
C PHE A 109 -5.25 -27.51 -8.37
N VAL A 110 -4.03 -27.59 -8.90
CA VAL A 110 -2.88 -27.46 -8.04
C VAL A 110 -2.76 -26.06 -7.52
N THR A 111 -3.12 -25.08 -8.34
CA THR A 111 -2.96 -23.69 -7.97
C THR A 111 -4.25 -23.09 -7.46
N ASN A 112 -5.12 -23.90 -6.88
CA ASN A 112 -6.27 -23.39 -6.15
C ASN A 112 -7.24 -22.66 -7.04
N THR A 113 -7.12 -22.80 -8.34
CA THR A 113 -8.01 -22.05 -9.22
C THR A 113 -9.27 -22.82 -9.50
N ASN A 114 -9.12 -24.09 -9.83
CA ASN A 114 -10.23 -24.96 -10.12
C ASN A 114 -11.03 -24.45 -11.31
N TRP A 115 -10.33 -23.86 -12.27
CA TRP A 115 -10.93 -23.62 -13.56
C TRP A 115 -11.38 -24.94 -14.14
N ARG A 116 -12.45 -24.90 -14.93
CA ARG A 116 -13.10 -26.14 -15.34
C ARG A 116 -13.63 -25.94 -16.77
N SER A 117 -12.87 -26.44 -17.73
CA SER A 117 -13.35 -26.51 -19.09
C SER A 117 -14.06 -27.82 -19.40
N TYR A 118 -13.81 -28.85 -18.61
CA TYR A 118 -14.41 -30.15 -18.81
C TYR A 118 -15.88 -30.10 -18.37
N SER A 119 -16.52 -31.25 -18.40
CA SER A 119 -17.87 -31.45 -17.88
C SER A 119 -17.79 -32.55 -16.84
N GLY A 120 -17.89 -32.18 -15.58
CA GLY A 120 -17.60 -33.12 -14.52
C GLY A 120 -18.41 -34.40 -14.59
N GLU A 121 -19.64 -34.35 -15.08
CA GLU A 121 -20.48 -35.52 -15.00
C GLU A 121 -20.31 -36.48 -16.15
N THR A 122 -19.67 -36.07 -17.23
CA THR A 122 -19.44 -36.95 -18.35
C THR A 122 -17.97 -37.08 -18.70
N THR A 123 -17.06 -36.37 -18.02
CA THR A 123 -15.65 -36.40 -18.37
C THR A 123 -14.73 -36.94 -17.29
N LEU A 124 -15.18 -37.00 -16.04
CA LEU A 124 -14.31 -37.41 -14.94
C LEU A 124 -14.95 -38.59 -14.25
N SER A 125 -14.16 -39.60 -13.97
CA SER A 125 -14.68 -40.74 -13.24
C SER A 125 -14.69 -40.35 -11.78
N TYR A 126 -15.01 -41.29 -10.91
CA TYR A 126 -15.01 -40.91 -9.50
C TYR A 126 -13.59 -40.79 -9.02
N PHE A 127 -12.77 -41.82 -9.25
CA PHE A 127 -11.44 -41.84 -8.67
C PHE A 127 -10.70 -40.55 -8.92
N SER A 128 -10.84 -39.98 -10.09
CA SER A 128 -10.19 -38.72 -10.33
C SER A 128 -10.77 -37.66 -9.40
N GLN A 129 -12.10 -37.56 -9.36
CA GLN A 129 -12.73 -36.62 -8.43
C GLN A 129 -12.31 -36.87 -6.98
N MET A 130 -12.48 -38.09 -6.51
CA MET A 130 -12.33 -38.40 -5.10
C MET A 130 -10.90 -38.22 -4.63
N ALA A 131 -9.92 -38.70 -5.42
CA ALA A 131 -8.54 -38.73 -5.00
C ALA A 131 -7.64 -37.99 -5.96
N GLY A 132 -8.20 -37.06 -6.70
CA GLY A 132 -7.50 -36.23 -7.62
C GLY A 132 -7.86 -34.82 -7.23
N LEU A 133 -8.94 -34.36 -7.83
CA LEU A 133 -9.42 -33.00 -7.60
C LEU A 133 -9.59 -32.67 -6.12
N THR A 134 -10.21 -33.54 -5.32
CA THR A 134 -10.43 -33.14 -3.92
C THR A 134 -9.11 -33.08 -3.16
N VAL A 135 -8.21 -34.01 -3.43
CA VAL A 135 -6.95 -34.01 -2.70
C VAL A 135 -6.19 -32.76 -3.03
N GLN A 136 -6.19 -32.35 -4.29
CA GLN A 136 -5.48 -31.14 -4.61
C GLN A 136 -6.26 -29.92 -4.18
N ASN A 137 -7.55 -30.06 -3.93
CA ASN A 137 -8.27 -28.98 -3.28
C ASN A 137 -7.71 -28.78 -1.87
N PHE A 138 -7.58 -29.89 -1.13
CA PHE A 138 -7.02 -29.81 0.22
C PHE A 138 -5.63 -29.22 0.22
N LEU A 139 -4.79 -29.67 -0.69
CA LEU A 139 -3.40 -29.21 -0.67
C LEU A 139 -3.22 -27.84 -1.27
N SER A 140 -4.00 -27.43 -2.25
CA SER A 140 -3.88 -26.06 -2.70
C SER A 140 -4.32 -25.11 -1.60
N ALA A 141 -5.39 -25.45 -0.87
CA ALA A 141 -5.81 -24.55 0.20
C ALA A 141 -4.82 -24.59 1.35
N ALA A 142 -4.25 -25.75 1.64
CA ALA A 142 -3.25 -25.82 2.69
C ALA A 142 -1.98 -25.08 2.30
N SER A 143 -1.61 -25.09 1.02
CA SER A 143 -0.49 -24.28 0.57
C SER A 143 -0.79 -22.80 0.74
N GLY A 144 -1.97 -22.36 0.33
CA GLY A 144 -2.30 -20.96 0.53
C GLY A 144 -2.21 -20.58 2.00
N ILE A 145 -2.72 -21.42 2.89
CA ILE A 145 -2.68 -21.04 4.29
C ILE A 145 -1.28 -21.19 4.85
N ALA A 146 -0.46 -22.09 4.31
CA ALA A 146 0.90 -22.17 4.80
C ALA A 146 1.70 -20.94 4.39
N VAL A 147 1.38 -20.35 3.25
CA VAL A 147 2.10 -19.14 2.86
C VAL A 147 1.63 -17.95 3.65
N ILE A 148 0.34 -17.85 3.94
CA ILE A 148 -0.06 -16.72 4.77
C ILE A 148 0.39 -16.94 6.21
N PHE A 149 0.58 -18.18 6.63
CA PHE A 149 1.17 -18.39 7.95
C PHE A 149 2.62 -17.95 7.95
N ALA A 150 3.34 -18.22 6.89
CA ALA A 150 4.70 -17.73 6.83
C ALA A 150 4.72 -16.22 6.90
N LEU A 151 3.83 -15.56 6.17
CA LEU A 151 3.85 -14.10 6.18
C LEU A 151 3.50 -13.54 7.56
N ILE A 152 2.47 -14.08 8.20
CA ILE A 152 2.07 -13.54 9.49
C ILE A 152 3.13 -13.81 10.55
N ARG A 153 3.78 -14.97 10.49
CA ARG A 153 4.88 -15.18 11.42
C ARG A 153 6.00 -14.24 11.10
N ALA A 154 6.17 -13.88 9.83
CA ALA A 154 7.19 -12.91 9.52
C ALA A 154 6.88 -11.58 10.18
N PHE A 155 5.63 -11.16 10.15
CA PHE A 155 5.33 -9.90 10.81
C PHE A 155 5.49 -9.97 12.32
N THR A 156 5.14 -11.08 12.95
CA THR A 156 5.14 -11.11 14.42
C THR A 156 6.44 -11.62 15.02
N ARG A 157 7.46 -11.90 14.23
CA ARG A 157 8.74 -12.30 14.77
C ARG A 157 9.73 -11.17 14.66
N GLN A 158 10.77 -11.25 15.47
CA GLN A 158 11.75 -10.17 15.56
C GLN A 158 13.13 -10.76 15.62
N SER A 159 13.93 -10.45 14.61
CA SER A 159 15.33 -10.80 14.50
C SER A 159 15.55 -12.29 14.28
N MET A 160 14.51 -13.10 14.17
CA MET A 160 14.73 -14.50 13.85
C MET A 160 15.07 -14.60 12.38
N SER A 161 15.29 -15.82 11.91
CA SER A 161 15.50 -16.04 10.48
C SER A 161 14.74 -17.26 9.99
N THR A 162 13.78 -17.76 10.75
CA THR A 162 13.07 -18.98 10.42
C THR A 162 11.57 -18.77 10.56
N LEU A 163 10.83 -19.17 9.54
CA LEU A 163 9.39 -19.03 9.49
C LEU A 163 8.64 -20.29 9.90
N GLY A 164 9.20 -21.12 10.77
CA GLY A 164 8.52 -22.33 11.17
C GLY A 164 8.44 -23.29 10.00
N ASN A 165 8.26 -24.58 10.22
CA ASN A 165 8.48 -25.49 9.11
C ASN A 165 7.20 -25.72 8.35
N ALA A 166 7.35 -26.00 7.05
CA ALA A 166 6.21 -25.98 6.16
C ALA A 166 5.46 -27.29 6.21
N TRP A 167 6.13 -28.40 6.50
CA TRP A 167 5.39 -29.65 6.57
C TRP A 167 4.49 -29.67 7.79
N VAL A 168 4.96 -29.16 8.92
CA VAL A 168 4.09 -29.10 10.08
C VAL A 168 2.89 -28.20 9.83
N ASP A 169 3.11 -27.06 9.20
CA ASP A 169 1.96 -26.19 8.97
C ASP A 169 1.00 -26.82 7.97
N LEU A 170 1.50 -27.52 6.97
CA LEU A 170 0.56 -28.16 6.06
C LEU A 170 -0.21 -29.26 6.78
N LEU A 171 0.48 -30.08 7.57
CA LEU A 171 -0.23 -31.16 8.25
C LEU A 171 -1.23 -30.62 9.25
N ARG A 172 -0.88 -29.60 10.03
CA ARG A 172 -1.87 -29.13 10.99
C ARG A 172 -3.01 -28.42 10.31
N ILE A 173 -2.75 -27.70 9.23
CA ILE A 173 -3.86 -27.02 8.58
C ILE A 173 -4.80 -28.02 7.96
N THR A 174 -4.27 -29.01 7.27
CA THR A 174 -5.12 -30.01 6.66
C THR A 174 -5.82 -30.81 7.75
N LEU A 175 -5.08 -31.56 8.55
CA LEU A 175 -5.72 -32.49 9.48
C LEU A 175 -6.62 -31.77 10.47
N TRP A 176 -6.13 -30.71 11.10
CA TRP A 176 -6.94 -30.07 12.15
C TRP A 176 -7.95 -29.09 11.59
N VAL A 177 -7.54 -28.15 10.76
CA VAL A 177 -8.48 -27.11 10.39
C VAL A 177 -9.46 -27.60 9.33
N LEU A 178 -8.97 -28.23 8.26
CA LEU A 178 -9.80 -28.47 7.07
C LEU A 178 -10.58 -29.78 7.14
N VAL A 179 -9.93 -30.90 7.42
CA VAL A 179 -10.64 -32.18 7.40
C VAL A 179 -11.83 -32.24 8.36
N PRO A 180 -11.71 -31.89 9.62
CA PRO A 180 -12.92 -31.83 10.44
C PRO A 180 -13.98 -30.88 9.94
N VAL A 181 -13.67 -29.59 9.79
CA VAL A 181 -14.73 -28.65 9.42
C VAL A 181 -15.32 -29.04 8.07
N ALA A 182 -14.52 -29.69 7.22
CA ALA A 182 -15.04 -30.09 5.93
C ALA A 182 -15.85 -31.36 6.04
N LEU A 183 -15.49 -32.26 6.93
CA LEU A 183 -16.32 -33.42 7.17
C LEU A 183 -17.64 -33.04 7.81
N LEU A 184 -17.67 -31.90 8.48
CA LEU A 184 -18.92 -31.48 9.10
C LEU A 184 -19.81 -30.76 8.07
N ILE A 185 -19.24 -29.87 7.28
CA ILE A 185 -20.05 -29.29 6.22
C ILE A 185 -20.49 -30.36 5.23
N ALA A 186 -19.73 -31.43 5.10
CA ALA A 186 -20.13 -32.43 4.14
C ALA A 186 -21.25 -33.29 4.69
N LEU A 187 -21.28 -33.53 5.99
CA LEU A 187 -22.44 -34.23 6.50
C LEU A 187 -23.66 -33.34 6.45
N PHE A 188 -23.47 -32.03 6.57
CA PHE A 188 -24.63 -31.16 6.44
C PHE A 188 -25.22 -31.23 5.05
N PHE A 189 -24.38 -31.15 4.02
CA PHE A 189 -24.95 -31.21 2.68
C PHE A 189 -25.57 -32.56 2.43
N ILE A 190 -24.97 -33.63 2.93
CA ILE A 190 -25.58 -34.92 2.65
C ILE A 190 -26.92 -35.02 3.33
N GLN A 191 -27.17 -34.22 4.36
CA GLN A 191 -28.56 -34.16 4.80
C GLN A 191 -29.43 -33.34 3.86
N GLN A 192 -29.04 -32.09 3.63
CA GLN A 192 -29.90 -31.19 2.86
C GLN A 192 -30.35 -31.77 1.53
N GLY A 193 -29.62 -32.71 0.97
CA GLY A 193 -30.01 -33.28 -0.30
C GLY A 193 -28.88 -33.54 -1.27
N ALA A 194 -27.69 -33.00 -1.04
CA ALA A 194 -26.57 -33.37 -1.87
C ALA A 194 -26.42 -34.87 -1.83
N LEU A 195 -25.64 -35.42 -2.73
CA LEU A 195 -25.48 -36.87 -2.81
C LEU A 195 -24.03 -37.23 -2.58
N GLN A 196 -23.84 -38.39 -1.97
CA GLN A 196 -22.51 -38.84 -1.59
C GLN A 196 -22.54 -40.36 -1.69
N ASN A 197 -22.22 -40.86 -2.88
CA ASN A 197 -22.29 -42.28 -3.12
C ASN A 197 -21.41 -42.61 -4.30
N PHE A 198 -21.21 -43.91 -4.50
CA PHE A 198 -20.37 -44.39 -5.59
C PHE A 198 -21.15 -45.29 -6.55
N LEU A 199 -22.47 -45.18 -6.57
CA LEU A 199 -23.25 -46.02 -7.46
C LEU A 199 -23.04 -45.63 -8.92
N PRO A 200 -23.21 -46.56 -9.85
CA PRO A 200 -23.15 -46.17 -11.25
C PRO A 200 -24.29 -45.24 -11.57
N TYR A 201 -24.12 -44.47 -12.63
CA TYR A 201 -25.16 -43.53 -13.03
C TYR A 201 -26.51 -44.20 -13.12
N GLN A 202 -27.45 -43.72 -12.33
CA GLN A 202 -28.72 -44.40 -12.11
C GLN A 202 -29.71 -44.03 -13.19
N ALA A 203 -30.36 -45.03 -13.76
CA ALA A 203 -31.33 -44.79 -14.81
C ALA A 203 -32.57 -44.10 -14.24
N VAL A 204 -33.30 -43.44 -15.11
CA VAL A 204 -34.54 -42.76 -14.72
C VAL A 204 -35.54 -42.79 -15.85
N ASN A 205 -36.68 -43.41 -15.61
CA ASN A 205 -37.79 -43.39 -16.55
C ASN A 205 -38.78 -42.32 -16.10
N THR A 206 -38.62 -41.10 -16.60
CA THR A 206 -39.46 -39.98 -16.19
C THR A 206 -40.95 -40.26 -16.27
N VAL A 207 -41.76 -39.44 -15.60
CA VAL A 207 -43.20 -39.66 -15.60
C VAL A 207 -43.76 -39.61 -17.01
N GLU A 208 -43.03 -39.02 -17.94
CA GLU A 208 -43.34 -39.09 -19.35
C GLU A 208 -42.47 -40.17 -19.99
N GLY A 209 -42.74 -40.45 -21.26
CA GLY A 209 -42.01 -41.50 -21.93
C GLY A 209 -40.50 -41.29 -21.96
N ALA A 210 -40.05 -40.04 -21.83
CA ALA A 210 -38.63 -39.74 -21.99
C ALA A 210 -37.81 -40.45 -20.93
N GLN A 211 -36.49 -40.31 -21.00
CA GLN A 211 -35.61 -40.96 -20.04
C GLN A 211 -34.33 -40.17 -19.92
N GLN A 212 -33.76 -40.19 -18.73
CA GLN A 212 -32.54 -39.46 -18.44
C GLN A 212 -31.65 -40.34 -17.59
N LEU A 213 -30.43 -39.87 -17.35
CA LEU A 213 -29.38 -40.66 -16.72
C LEU A 213 -28.75 -39.83 -15.63
N LEU A 214 -29.29 -39.90 -14.42
CA LEU A 214 -28.78 -39.09 -13.33
C LEU A 214 -27.31 -39.41 -13.09
N PRO A 215 -26.46 -38.41 -12.87
CA PRO A 215 -25.10 -38.71 -12.42
C PRO A 215 -25.12 -39.04 -10.93
N MET A 216 -23.98 -39.56 -10.47
CA MET A 216 -23.77 -39.86 -9.06
C MET A 216 -22.30 -39.63 -8.79
N GLY A 217 -21.92 -39.74 -7.53
CA GLY A 217 -20.53 -39.66 -7.18
C GLY A 217 -20.29 -39.15 -5.79
N PRO A 218 -19.05 -39.02 -5.41
CA PRO A 218 -18.75 -38.40 -4.13
C PRO A 218 -18.79 -36.89 -4.22
N VAL A 219 -19.98 -36.34 -4.12
CA VAL A 219 -20.17 -34.92 -4.35
C VAL A 219 -20.18 -34.11 -3.08
N ALA A 220 -20.64 -34.67 -1.98
CA ALA A 220 -20.75 -33.85 -0.79
C ALA A 220 -19.39 -33.63 -0.15
N SER A 221 -18.52 -34.62 -0.19
CA SER A 221 -17.17 -34.41 0.31
C SER A 221 -16.47 -33.34 -0.48
N GLN A 222 -16.51 -33.46 -1.79
CA GLN A 222 -15.87 -32.46 -2.61
C GLN A 222 -16.56 -31.12 -2.52
N GLU A 223 -17.83 -31.05 -2.19
CA GLU A 223 -18.43 -29.74 -1.92
C GLU A 223 -17.89 -29.13 -0.67
N ALA A 224 -17.86 -29.89 0.41
CA ALA A 224 -17.45 -29.28 1.66
C ALA A 224 -16.06 -28.72 1.49
N ILE A 225 -15.20 -29.46 0.79
CA ILE A 225 -13.84 -28.96 0.68
C ILE A 225 -13.70 -27.93 -0.43
N LYS A 226 -14.56 -27.93 -1.45
CA LYS A 226 -14.39 -26.94 -2.50
C LYS A 226 -14.83 -25.58 -2.03
N MET A 227 -15.78 -25.54 -1.10
CA MET A 227 -16.11 -24.25 -0.53
C MET A 227 -15.09 -23.89 0.53
N LEU A 228 -15.01 -24.70 1.60
CA LEU A 228 -14.27 -24.25 2.77
C LEU A 228 -12.87 -23.80 2.40
N GLY A 229 -12.29 -24.40 1.38
CA GLY A 229 -10.94 -24.09 0.96
C GLY A 229 -10.94 -23.11 -0.18
N THR A 230 -12.03 -22.36 -0.35
CA THR A 230 -12.23 -21.41 -1.44
C THR A 230 -11.63 -21.89 -2.77
N ASN A 231 -12.13 -23.03 -3.26
CA ASN A 231 -11.65 -23.58 -4.51
C ASN A 231 -12.57 -23.30 -5.68
N GLY A 232 -13.83 -23.73 -5.63
CA GLY A 232 -14.75 -23.56 -6.75
C GLY A 232 -14.96 -24.74 -7.67
N GLY A 233 -14.00 -25.61 -7.82
CA GLY A 233 -14.15 -26.79 -8.65
C GLY A 233 -15.16 -27.81 -8.19
N GLY A 234 -16.44 -27.48 -8.25
CA GLY A 234 -17.41 -28.47 -7.87
C GLY A 234 -17.43 -29.63 -8.83
N PHE A 235 -18.15 -30.65 -8.41
CA PHE A 235 -18.21 -31.89 -9.17
C PHE A 235 -18.77 -31.67 -10.58
N PHE A 236 -20.02 -31.26 -10.68
CA PHE A 236 -20.70 -31.20 -11.98
C PHE A 236 -20.35 -29.95 -12.76
N ASN A 237 -20.96 -29.80 -13.93
CA ASN A 237 -20.58 -28.70 -14.81
C ASN A 237 -21.01 -27.36 -14.23
N ALA A 238 -22.31 -27.18 -14.02
CA ALA A 238 -22.80 -25.97 -13.35
C ALA A 238 -22.55 -26.16 -11.86
N ASN A 239 -21.29 -25.96 -11.46
CA ASN A 239 -20.79 -26.55 -10.22
C ASN A 239 -21.72 -26.35 -9.03
N SER A 240 -21.92 -25.11 -8.59
CA SER A 240 -22.61 -24.91 -7.32
C SER A 240 -24.05 -24.52 -7.48
N SER A 241 -24.64 -24.76 -8.65
CA SER A 241 -26.05 -24.59 -8.85
C SER A 241 -26.75 -25.88 -9.17
N HIS A 242 -26.02 -26.94 -9.44
CA HIS A 242 -26.63 -28.23 -9.68
C HIS A 242 -27.36 -28.68 -8.43
N PRO A 243 -28.58 -29.17 -8.53
CA PRO A 243 -29.28 -29.57 -7.31
C PRO A 243 -28.66 -30.72 -6.56
N PHE A 244 -27.58 -31.30 -7.07
CA PHE A 244 -26.85 -32.35 -6.37
C PHE A 244 -25.61 -31.84 -5.67
N GLU A 245 -25.24 -30.58 -5.84
CA GLU A 245 -24.12 -30.00 -5.14
C GLU A 245 -24.52 -28.99 -4.09
N ASN A 246 -25.72 -28.47 -4.17
CA ASN A 246 -26.09 -27.35 -3.35
C ASN A 246 -27.61 -27.32 -3.37
N PRO A 247 -28.24 -28.27 -2.67
CA PRO A 247 -29.64 -28.61 -2.99
C PRO A 247 -30.68 -27.60 -2.58
N THR A 248 -30.54 -26.93 -1.44
CA THR A 248 -31.59 -26.03 -0.99
C THR A 248 -30.96 -24.73 -0.52
N ALA A 249 -31.80 -23.72 -0.36
CA ALA A 249 -31.31 -22.40 -0.02
C ALA A 249 -30.42 -22.43 1.21
N LEU A 250 -30.69 -23.35 2.12
CA LEU A 250 -29.90 -23.39 3.35
C LEU A 250 -28.47 -23.85 3.10
N THR A 251 -28.25 -24.83 2.23
CA THR A 251 -26.88 -25.16 1.89
C THR A 251 -26.23 -24.06 1.09
N ASN A 252 -27.01 -23.27 0.38
CA ASN A 252 -26.41 -22.13 -0.27
C ASN A 252 -25.89 -21.18 0.79
N PHE A 253 -26.60 -21.04 1.89
CA PHE A 253 -26.12 -20.13 2.91
C PHE A 253 -24.90 -20.70 3.60
N VAL A 254 -24.90 -22.00 3.89
CA VAL A 254 -23.71 -22.60 4.47
C VAL A 254 -22.55 -22.48 3.50
N GLN A 255 -22.79 -22.49 2.20
CA GLN A 255 -21.67 -22.36 1.31
C GLN A 255 -21.13 -20.94 1.26
N MET A 256 -21.98 -19.93 1.38
CA MET A 256 -21.39 -18.59 1.45
C MET A 256 -20.61 -18.42 2.75
N LEU A 257 -21.16 -18.88 3.87
CA LEU A 257 -20.39 -18.79 5.10
C LEU A 257 -19.08 -19.53 4.97
N ALA A 258 -19.09 -20.72 4.38
CA ALA A 258 -17.84 -21.44 4.24
C ALA A 258 -16.88 -20.76 3.29
N ILE A 259 -17.39 -20.09 2.25
CA ILE A 259 -16.49 -19.42 1.34
C ILE A 259 -15.71 -18.35 2.07
N PHE A 260 -16.33 -17.70 3.06
CA PHE A 260 -15.60 -16.71 3.83
C PHE A 260 -15.12 -17.17 5.18
N LEU A 261 -15.34 -18.42 5.56
CA LEU A 261 -14.97 -18.83 6.90
C LEU A 261 -13.48 -18.66 7.14
N ILE A 262 -12.65 -19.16 6.25
CA ILE A 262 -11.21 -19.18 6.53
C ILE A 262 -10.56 -17.84 6.21
N PRO A 263 -10.88 -17.13 5.14
CA PRO A 263 -10.25 -15.81 4.97
C PRO A 263 -10.54 -14.87 6.12
N THR A 264 -11.79 -14.81 6.58
CA THR A 264 -12.09 -13.96 7.71
C THR A 264 -11.45 -14.48 9.00
N ALA A 265 -11.43 -15.78 9.19
CA ALA A 265 -10.78 -16.31 10.39
C ALA A 265 -9.31 -15.96 10.37
N LEU A 266 -8.69 -15.98 9.19
CA LEU A 266 -7.30 -15.59 9.09
C LEU A 266 -7.12 -14.13 9.44
N CYS A 267 -8.04 -13.26 9.02
CA CYS A 267 -7.89 -11.87 9.43
C CYS A 267 -7.98 -11.72 10.94
N PHE A 268 -8.92 -12.41 11.59
CA PHE A 268 -8.96 -12.30 13.05
C PHE A 268 -7.74 -12.93 13.70
N ALA A 269 -7.23 -14.03 13.17
CA ALA A 269 -6.03 -14.62 13.73
C ALA A 269 -4.84 -13.70 13.55
N PHE A 270 -4.77 -13.03 12.41
CA PHE A 270 -3.73 -12.05 12.21
C PHE A 270 -3.85 -10.94 13.23
N GLY A 271 -5.08 -10.50 13.49
CA GLY A 271 -5.27 -9.49 14.50
C GLY A 271 -4.77 -9.95 15.85
N GLU A 272 -5.06 -11.20 16.20
CA GLU A 272 -4.65 -11.73 17.49
C GLU A 272 -3.13 -11.82 17.58
N VAL A 273 -2.50 -12.45 16.59
CA VAL A 273 -1.08 -12.80 16.69
C VAL A 273 -0.25 -11.55 16.97
N MET A 274 -0.61 -10.43 16.37
CA MET A 274 0.15 -9.22 16.60
C MET A 274 -0.09 -8.65 17.98
N GLY A 275 -0.99 -9.23 18.78
CA GLY A 275 -1.36 -8.68 20.05
C GLY A 275 -2.33 -7.52 20.00
N ASP A 276 -2.43 -6.82 18.88
CA ASP A 276 -3.30 -5.67 18.74
C ASP A 276 -4.41 -6.06 17.77
N ARG A 277 -5.55 -6.46 18.30
CA ARG A 277 -6.63 -6.95 17.44
C ARG A 277 -7.09 -5.91 16.44
N ARG A 278 -6.88 -4.63 16.76
CA ARG A 278 -7.39 -3.57 15.90
C ARG A 278 -6.84 -3.66 14.49
N GLN A 279 -5.67 -4.27 14.30
CA GLN A 279 -5.19 -4.49 12.93
C GLN A 279 -6.10 -5.46 12.19
N GLY A 280 -6.49 -6.55 12.84
CA GLY A 280 -7.42 -7.48 12.20
C GLY A 280 -8.75 -6.82 11.89
N ARG A 281 -9.27 -6.05 12.84
CA ARG A 281 -10.52 -5.36 12.56
C ARG A 281 -10.37 -4.39 11.40
N MET A 282 -9.35 -3.54 11.42
CA MET A 282 -9.03 -2.70 10.27
C MET A 282 -9.15 -3.46 8.96
N LEU A 283 -8.49 -4.61 8.86
CA LEU A 283 -8.53 -5.32 7.59
C LEU A 283 -9.95 -5.71 7.24
N LEU A 284 -10.67 -6.28 8.20
CA LEU A 284 -12.05 -6.68 7.90
C LEU A 284 -12.91 -5.49 7.54
N TRP A 285 -12.69 -4.34 8.14
CA TRP A 285 -13.52 -3.21 7.78
C TRP A 285 -13.26 -2.77 6.35
N ALA A 286 -12.01 -2.79 5.93
CA ALA A 286 -11.73 -2.44 4.53
C ALA A 286 -12.38 -3.44 3.59
N MET A 287 -12.10 -4.71 3.80
CA MET A 287 -12.62 -5.74 2.90
C MET A 287 -14.14 -5.79 2.93
N SER A 288 -14.74 -5.58 4.10
CA SER A 288 -16.20 -5.62 4.20
C SER A 288 -16.82 -4.44 3.48
N VAL A 289 -16.27 -3.24 3.64
CA VAL A 289 -16.89 -2.10 2.98
C VAL A 289 -16.85 -2.30 1.48
N ILE A 290 -15.75 -2.82 0.94
CA ILE A 290 -15.72 -3.03 -0.50
C ILE A 290 -16.74 -4.08 -0.89
N PHE A 291 -16.80 -5.18 -0.14
CA PHE A 291 -17.70 -6.25 -0.52
C PHE A 291 -19.15 -5.82 -0.42
N VAL A 292 -19.52 -5.08 0.62
CA VAL A 292 -20.90 -4.69 0.78
C VAL A 292 -21.32 -3.72 -0.31
N ILE A 293 -20.49 -2.72 -0.60
CA ILE A 293 -20.88 -1.83 -1.70
C ILE A 293 -20.99 -2.61 -3.00
N CYS A 294 -20.09 -3.58 -3.21
CA CYS A 294 -20.17 -4.37 -4.42
C CYS A 294 -21.49 -5.13 -4.49
N VAL A 295 -21.87 -5.79 -3.39
CA VAL A 295 -23.11 -6.56 -3.44
C VAL A 295 -24.29 -5.66 -3.58
N GLY A 296 -24.19 -4.42 -3.12
CA GLY A 296 -25.26 -3.49 -3.37
C GLY A 296 -25.40 -3.22 -4.85
N VAL A 297 -24.28 -2.95 -5.51
CA VAL A 297 -24.33 -2.66 -6.94
C VAL A 297 -24.90 -3.84 -7.70
N VAL A 298 -24.43 -5.06 -7.40
CA VAL A 298 -24.89 -6.21 -8.15
C VAL A 298 -26.37 -6.48 -7.89
N MET A 299 -26.78 -6.57 -6.63
CA MET A 299 -28.21 -6.78 -6.36
C MET A 299 -29.05 -5.77 -7.09
N TRP A 300 -28.61 -4.51 -7.14
CA TRP A 300 -29.38 -3.50 -7.83
C TRP A 300 -29.41 -3.74 -9.32
N ALA A 301 -28.27 -4.04 -9.93
CA ALA A 301 -28.26 -4.26 -11.37
C ALA A 301 -29.19 -5.40 -11.73
N GLU A 302 -29.15 -6.47 -10.96
CA GLU A 302 -29.99 -7.63 -11.27
C GLU A 302 -31.46 -7.29 -11.11
N VAL A 303 -31.82 -6.65 -10.00
CA VAL A 303 -33.24 -6.40 -9.81
C VAL A 303 -33.74 -5.40 -10.83
N GLN A 304 -32.86 -4.64 -11.46
CA GLN A 304 -33.27 -3.91 -12.66
C GLN A 304 -33.29 -4.85 -13.85
N GLY A 305 -32.17 -5.51 -14.08
CA GLY A 305 -32.13 -6.63 -14.98
C GLY A 305 -32.32 -6.26 -16.43
N ASN A 306 -32.78 -7.24 -17.16
CA ASN A 306 -32.96 -7.16 -18.60
C ASN A 306 -34.29 -6.47 -18.91
N PRO A 307 -34.29 -5.25 -19.44
CA PRO A 307 -35.59 -4.61 -19.71
C PRO A 307 -36.35 -5.23 -20.86
N HIS A 308 -35.66 -5.95 -21.74
CA HIS A 308 -36.37 -6.61 -22.82
C HIS A 308 -37.41 -7.57 -22.26
N LEU A 309 -37.09 -8.23 -21.15
CA LEU A 309 -38.06 -9.16 -20.58
C LEU A 309 -39.37 -8.44 -20.28
N LEU A 310 -39.30 -7.19 -19.86
CA LEU A 310 -40.55 -6.52 -19.57
C LEU A 310 -41.22 -6.07 -20.85
N ALA A 311 -40.45 -5.72 -21.87
CA ALA A 311 -41.08 -5.35 -23.13
C ALA A 311 -41.61 -6.57 -23.86
N LEU A 312 -40.77 -7.61 -23.99
CA LEU A 312 -41.11 -8.82 -24.72
C LEU A 312 -42.40 -9.46 -24.26
N GLY A 313 -42.84 -9.15 -23.04
CA GLY A 313 -44.14 -9.61 -22.58
C GLY A 313 -44.12 -10.18 -21.18
N THR A 314 -42.96 -10.23 -20.56
CA THR A 314 -42.81 -10.96 -19.33
C THR A 314 -43.43 -10.12 -18.22
N ASP A 315 -43.29 -10.57 -16.98
CA ASP A 315 -44.03 -10.03 -15.85
C ASP A 315 -43.21 -9.10 -15.00
N SER A 316 -41.90 -9.14 -15.12
CA SER A 316 -41.06 -8.27 -14.31
C SER A 316 -39.67 -8.31 -14.88
N SER A 317 -39.02 -7.17 -14.94
CA SER A 317 -37.74 -7.14 -15.61
C SER A 317 -36.64 -7.87 -14.88
N ILE A 318 -36.92 -8.56 -13.76
CA ILE A 318 -35.89 -9.25 -12.99
C ILE A 318 -35.09 -10.13 -13.94
N ASN A 319 -33.81 -10.28 -13.67
CA ASN A 319 -32.92 -11.00 -14.56
C ASN A 319 -32.72 -12.41 -14.04
N MET A 320 -33.74 -13.23 -14.24
CA MET A 320 -33.68 -14.65 -13.89
C MET A 320 -33.25 -15.46 -15.08
N GLU A 321 -32.35 -14.92 -15.89
CA GLU A 321 -31.93 -15.63 -17.08
C GLU A 321 -31.01 -16.78 -16.73
N GLY A 322 -29.84 -16.46 -16.20
CA GLY A 322 -28.97 -17.53 -15.74
C GLY A 322 -29.46 -18.14 -14.45
N LYS A 323 -29.76 -17.30 -13.48
CA LYS A 323 -29.94 -17.68 -12.08
C LYS A 323 -30.80 -18.91 -11.85
N GLU A 324 -30.58 -19.54 -10.72
CA GLU A 324 -31.37 -20.69 -10.36
C GLU A 324 -32.72 -20.19 -9.85
N SER A 325 -33.65 -21.10 -9.56
CA SER A 325 -34.94 -20.70 -9.02
C SER A 325 -35.11 -20.94 -7.54
N ARG A 326 -34.39 -21.89 -6.97
CA ARG A 326 -34.43 -22.06 -5.52
C ARG A 326 -33.89 -20.84 -4.84
N PHE A 327 -32.99 -20.13 -5.50
CA PHE A 327 -32.47 -18.86 -5.06
C PHE A 327 -33.12 -17.76 -5.88
N GLY A 328 -33.30 -16.62 -5.28
CA GLY A 328 -33.86 -15.50 -6.00
C GLY A 328 -32.80 -14.89 -6.87
N VAL A 329 -32.91 -13.58 -7.06
CA VAL A 329 -31.85 -12.79 -7.66
C VAL A 329 -31.04 -12.16 -6.56
N LEU A 330 -31.65 -11.95 -5.40
CA LEU A 330 -30.89 -11.40 -4.30
C LEU A 330 -29.80 -12.37 -3.87
N VAL A 331 -30.14 -13.64 -3.73
CA VAL A 331 -29.15 -14.58 -3.21
C VAL A 331 -28.16 -14.95 -4.28
N SER A 332 -28.62 -15.12 -5.51
CA SER A 332 -27.68 -15.40 -6.58
C SER A 332 -26.73 -14.23 -6.81
N SER A 333 -27.22 -13.00 -6.68
CA SER A 333 -26.34 -11.86 -6.84
C SER A 333 -25.32 -11.80 -5.71
N LEU A 334 -25.78 -11.97 -4.48
CA LEU A 334 -24.86 -12.02 -3.37
C LEU A 334 -23.86 -13.13 -3.54
N PHE A 335 -24.26 -14.22 -4.17
CA PHE A 335 -23.32 -15.31 -4.34
C PHE A 335 -22.39 -15.08 -5.49
N ALA A 336 -22.75 -14.24 -6.44
CA ALA A 336 -21.78 -13.91 -7.47
C ALA A 336 -20.72 -12.99 -6.89
N VAL A 337 -21.12 -12.00 -6.12
CA VAL A 337 -20.08 -11.16 -5.53
C VAL A 337 -19.27 -11.92 -4.50
N VAL A 338 -19.88 -12.83 -3.75
CA VAL A 338 -19.13 -13.60 -2.77
C VAL A 338 -18.16 -14.55 -3.47
N THR A 339 -18.63 -15.24 -4.51
CA THR A 339 -17.78 -16.22 -5.16
C THR A 339 -16.62 -15.53 -5.87
N THR A 340 -16.86 -14.40 -6.55
CA THR A 340 -15.75 -13.79 -7.25
C THR A 340 -14.90 -12.87 -6.40
N ALA A 341 -15.44 -12.31 -5.32
CA ALA A 341 -14.60 -11.50 -4.45
C ALA A 341 -13.59 -12.37 -3.73
N ALA A 342 -14.02 -13.52 -3.27
CA ALA A 342 -13.18 -14.38 -2.45
C ALA A 342 -12.32 -15.31 -3.26
N SER A 343 -12.32 -15.18 -4.58
CA SER A 343 -11.64 -16.12 -5.45
C SER A 343 -12.15 -17.54 -5.22
N CYS A 344 -13.37 -17.68 -4.75
CA CYS A 344 -13.92 -19.02 -4.61
C CYS A 344 -14.14 -19.64 -5.97
N GLY A 345 -14.80 -18.92 -6.86
CA GLY A 345 -14.95 -19.40 -8.21
C GLY A 345 -16.06 -20.40 -8.41
N ALA A 346 -16.94 -20.56 -7.43
CA ALA A 346 -18.09 -21.42 -7.58
C ALA A 346 -19.24 -20.54 -8.04
N VAL A 347 -19.61 -20.66 -9.29
CA VAL A 347 -20.73 -19.90 -9.81
C VAL A 347 -21.99 -20.55 -9.29
N ILE A 348 -23.00 -19.76 -8.97
CA ILE A 348 -24.32 -20.28 -8.65
C ILE A 348 -25.36 -19.79 -9.65
N ALA A 349 -25.01 -18.82 -10.47
CA ALA A 349 -25.88 -18.33 -11.52
C ALA A 349 -24.95 -17.96 -12.65
N MET A 350 -25.09 -18.61 -13.81
CA MET A 350 -24.09 -18.50 -14.86
C MET A 350 -23.74 -17.05 -15.07
N HIS A 351 -22.51 -16.68 -14.71
CA HIS A 351 -22.18 -15.26 -14.66
C HIS A 351 -22.30 -14.58 -16.00
N ASP A 352 -22.46 -15.32 -17.08
CA ASP A 352 -22.61 -14.67 -18.37
C ASP A 352 -23.88 -13.84 -18.42
N SER A 353 -24.99 -14.42 -18.02
CA SER A 353 -26.27 -13.77 -18.24
C SER A 353 -26.56 -12.68 -17.23
N PHE A 354 -25.59 -12.20 -16.48
CA PHE A 354 -25.85 -11.05 -15.63
C PHE A 354 -25.91 -9.80 -16.48
N THR A 355 -26.82 -8.90 -16.11
CA THR A 355 -26.88 -7.60 -16.77
C THR A 355 -25.51 -6.97 -16.74
N ALA A 356 -25.15 -6.29 -17.84
CA ALA A 356 -23.79 -5.78 -18.03
C ALA A 356 -23.17 -5.24 -16.77
N LEU A 357 -23.86 -4.32 -16.10
CA LEU A 357 -23.32 -3.79 -14.87
C LEU A 357 -23.19 -4.87 -13.81
N GLY A 358 -24.16 -5.77 -13.75
CA GLY A 358 -24.10 -6.84 -12.77
C GLY A 358 -22.91 -7.74 -12.95
N GLY A 359 -22.35 -7.79 -14.15
CA GLY A 359 -21.23 -8.65 -14.41
C GLY A 359 -19.92 -7.89 -14.35
N MET A 360 -19.97 -6.56 -14.44
CA MET A 360 -18.74 -5.80 -14.28
C MET A 360 -18.18 -5.95 -12.87
N VAL A 361 -19.04 -5.90 -11.86
CA VAL A 361 -18.59 -5.88 -10.47
C VAL A 361 -17.88 -7.17 -10.06
N PRO A 362 -18.40 -8.36 -10.33
CA PRO A 362 -17.59 -9.55 -10.04
C PRO A 362 -16.33 -9.59 -10.87
N MET A 363 -16.46 -9.39 -12.18
CA MET A 363 -15.28 -9.31 -13.04
C MET A 363 -14.26 -8.35 -12.47
N TRP A 364 -14.72 -7.21 -11.98
CA TRP A 364 -13.79 -6.26 -11.42
C TRP A 364 -13.16 -6.78 -10.14
N LEU A 365 -13.96 -7.36 -9.24
CA LEU A 365 -13.38 -7.85 -8.00
C LEU A 365 -12.38 -8.95 -8.25
N MET A 366 -12.43 -9.58 -9.41
CA MET A 366 -11.38 -10.52 -9.74
C MET A 366 -10.15 -9.77 -10.22
N GLN A 367 -10.34 -8.81 -11.11
CA GLN A 367 -9.19 -8.10 -11.64
C GLN A 367 -8.47 -7.28 -10.60
N ILE A 368 -9.14 -6.92 -9.51
CA ILE A 368 -8.55 -6.09 -8.47
C ILE A 368 -7.38 -6.78 -7.81
N GLY A 369 -7.29 -8.10 -7.94
CA GLY A 369 -6.23 -8.88 -7.33
C GLY A 369 -6.77 -9.92 -6.39
N GLU A 370 -8.09 -10.13 -6.36
CA GLU A 370 -8.71 -11.02 -5.40
C GLU A 370 -8.32 -10.60 -4.00
N VAL A 371 -8.57 -9.34 -3.72
CA VAL A 371 -8.20 -8.75 -2.45
C VAL A 371 -9.29 -8.90 -1.43
N VAL A 372 -10.51 -8.52 -1.79
CA VAL A 372 -11.59 -8.49 -0.83
C VAL A 372 -11.88 -9.90 -0.33
N PHE A 373 -11.54 -10.18 0.92
CA PHE A 373 -11.75 -11.49 1.51
C PHE A 373 -11.23 -12.59 0.58
N GLY A 374 -10.06 -12.40 0.00
CA GLY A 374 -9.74 -13.31 -1.10
C GLY A 374 -9.65 -14.77 -0.73
N GLY A 375 -9.19 -15.61 -1.65
CA GLY A 375 -9.13 -17.03 -1.42
C GLY A 375 -8.44 -17.42 -0.14
N VAL A 376 -8.60 -18.69 0.25
CA VAL A 376 -8.05 -19.16 1.50
C VAL A 376 -6.61 -18.69 1.50
N GLY A 377 -6.25 -17.86 2.45
CA GLY A 377 -4.89 -17.39 2.54
C GLY A 377 -4.54 -16.39 1.46
N SER A 378 -4.90 -16.61 0.19
CA SER A 378 -4.48 -15.68 -0.85
C SER A 378 -5.06 -14.30 -0.60
N GLY A 379 -6.17 -14.25 0.10
CA GLY A 379 -6.88 -13.04 0.37
C GLY A 379 -6.00 -12.18 1.22
N LEU A 380 -5.57 -12.71 2.34
CA LEU A 380 -4.83 -11.88 3.28
C LEU A 380 -3.50 -11.42 2.69
N TYR A 381 -2.69 -12.31 2.13
CA TYR A 381 -1.40 -11.80 1.66
C TYR A 381 -1.53 -10.91 0.44
N GLY A 382 -2.52 -11.11 -0.44
CA GLY A 382 -2.70 -10.11 -1.49
C GLY A 382 -3.17 -8.79 -0.92
N MET A 383 -4.08 -8.84 0.05
CA MET A 383 -4.48 -7.64 0.75
C MET A 383 -3.29 -6.97 1.40
N MET A 384 -2.38 -7.75 1.94
CA MET A 384 -1.22 -7.17 2.60
C MET A 384 -0.27 -6.53 1.63
N LEU A 385 -0.17 -7.04 0.40
CA LEU A 385 0.62 -6.29 -0.55
C LEU A 385 0.00 -4.93 -0.78
N PHE A 386 -1.33 -4.88 -0.91
CA PHE A 386 -1.92 -3.55 -1.02
C PHE A 386 -1.76 -2.75 0.26
N VAL A 387 -1.65 -3.41 1.41
CA VAL A 387 -1.47 -2.67 2.65
C VAL A 387 -0.06 -2.10 2.73
N LEU A 388 0.93 -2.84 2.27
CA LEU A 388 2.27 -2.27 2.22
C LEU A 388 2.31 -1.09 1.26
N LEU A 389 1.58 -1.18 0.16
CA LEU A 389 1.51 -0.03 -0.74
C LEU A 389 0.86 1.18 -0.06
N ALA A 390 -0.24 0.95 0.64
CA ALA A 390 -0.92 2.07 1.30
C ALA A 390 -0.10 2.61 2.45
N VAL A 391 0.53 1.74 3.22
CA VAL A 391 1.42 2.18 4.28
C VAL A 391 2.54 3.00 3.70
N PHE A 392 3.05 2.60 2.54
CA PHE A 392 4.12 3.38 1.94
C PHE A 392 3.63 4.76 1.57
N ILE A 393 2.47 4.86 0.92
CA ILE A 393 2.02 6.18 0.54
C ILE A 393 1.74 7.03 1.75
N ALA A 394 1.11 6.46 2.78
CA ALA A 394 0.81 7.25 3.96
C ALA A 394 2.09 7.71 4.63
N GLY A 395 3.02 6.78 4.87
CA GLY A 395 4.29 7.18 5.45
C GLY A 395 4.96 8.25 4.62
N LEU A 396 4.80 8.17 3.31
CA LEU A 396 5.45 9.15 2.46
C LEU A 396 4.83 10.53 2.56
N MET A 397 3.53 10.61 2.86
CA MET A 397 2.89 11.91 3.07
C MET A 397 2.67 12.23 4.52
N ILE A 398 3.41 11.60 5.42
CA ILE A 398 3.49 12.03 6.81
C ILE A 398 4.88 12.47 7.18
N GLY A 399 5.86 12.25 6.32
CA GLY A 399 7.23 12.46 6.64
C GLY A 399 7.90 11.22 7.18
N ARG A 400 7.16 10.39 7.92
CA ARG A 400 7.76 9.19 8.44
C ARG A 400 8.34 8.37 7.32
N THR A 401 9.15 7.42 7.69
CA THR A 401 9.50 6.35 6.77
C THR A 401 8.46 5.25 6.92
N PRO A 402 8.08 4.56 5.85
CA PRO A 402 6.98 3.60 5.96
C PRO A 402 7.16 2.60 7.09
N GLU A 403 6.06 2.24 7.73
CA GLU A 403 6.10 1.29 8.83
C GLU A 403 4.76 0.57 8.90
N TYR A 404 4.81 -0.73 9.17
CA TYR A 404 3.60 -1.48 9.42
C TYR A 404 3.87 -2.47 10.56
N LEU A 405 3.22 -2.26 11.68
CA LEU A 405 3.37 -3.13 12.85
C LEU A 405 4.78 -3.06 13.42
N GLY A 406 5.46 -1.93 13.22
CA GLY A 406 6.75 -1.70 13.82
C GLY A 406 7.93 -2.02 12.93
N LYS A 407 7.73 -2.73 11.83
CA LYS A 407 8.83 -3.12 10.96
C LYS A 407 8.92 -2.13 9.80
N LYS A 408 10.09 -1.53 9.63
CA LYS A 408 10.26 -0.62 8.50
C LYS A 408 10.11 -1.38 7.20
N ILE A 409 9.97 -0.62 6.12
CA ILE A 409 9.74 -1.19 4.78
C ILE A 409 10.71 -0.51 3.84
N ASP A 410 11.87 -1.12 3.63
CA ASP A 410 12.88 -0.57 2.76
C ASP A 410 12.65 -1.09 1.33
N VAL A 411 13.54 -0.70 0.42
CA VAL A 411 13.38 -1.02 -1.00
C VAL A 411 13.25 -2.51 -1.27
N ARG A 412 13.87 -3.36 -0.45
CA ARG A 412 13.81 -4.78 -0.78
C ARG A 412 12.41 -5.34 -0.63
N GLU A 413 11.58 -4.77 0.24
CA GLU A 413 10.16 -5.09 0.22
C GLU A 413 9.43 -4.35 -0.88
N MET A 414 9.81 -3.12 -1.21
CA MET A 414 9.10 -2.43 -2.26
C MET A 414 9.23 -3.11 -3.60
N LYS A 415 10.43 -3.57 -3.96
CA LYS A 415 10.56 -4.29 -5.23
C LYS A 415 9.65 -5.50 -5.25
N LEU A 416 9.71 -6.30 -4.19
CA LEU A 416 8.91 -7.51 -4.14
C LEU A 416 7.43 -7.20 -4.13
N THR A 417 7.02 -6.15 -3.43
CA THR A 417 5.62 -5.78 -3.43
C THR A 417 5.17 -5.34 -4.80
N ALA A 418 5.96 -4.50 -5.47
CA ALA A 418 5.55 -4.05 -6.79
C ALA A 418 5.45 -5.21 -7.74
N LEU A 419 6.36 -6.18 -7.62
CA LEU A 419 6.29 -7.32 -8.51
C LEU A 419 5.08 -8.19 -8.21
N ALA A 420 4.82 -8.47 -6.95
CA ALA A 420 3.66 -9.30 -6.66
C ALA A 420 2.37 -8.63 -7.06
N ILE A 421 2.26 -7.31 -6.87
CA ILE A 421 1.07 -6.61 -7.31
C ILE A 421 0.96 -6.65 -8.83
N LEU A 422 2.10 -6.58 -9.51
CA LEU A 422 2.15 -6.60 -10.96
C LEU A 422 1.70 -7.92 -11.56
N VAL A 423 2.24 -9.01 -11.04
CA VAL A 423 2.00 -10.37 -11.53
C VAL A 423 0.58 -10.64 -12.02
N THR A 424 -0.46 -10.12 -11.38
CA THR A 424 -1.80 -10.48 -11.87
C THR A 424 -2.35 -9.51 -12.91
N PRO A 425 -2.20 -8.19 -12.78
CA PRO A 425 -2.57 -7.35 -13.92
C PRO A 425 -1.80 -7.69 -15.18
N THR A 426 -0.50 -7.91 -15.09
CA THR A 426 0.23 -8.23 -16.31
C THR A 426 -0.28 -9.51 -16.94
N LEU A 427 -0.55 -10.53 -16.16
CA LEU A 427 -1.10 -11.75 -16.75
C LEU A 427 -2.44 -11.49 -17.39
N VAL A 428 -3.37 -10.85 -16.68
CA VAL A 428 -4.71 -10.76 -17.26
C VAL A 428 -4.68 -9.90 -18.52
N LEU A 429 -3.92 -8.81 -18.52
CA LEU A 429 -3.92 -7.95 -19.70
C LEU A 429 -3.16 -8.59 -20.85
N MET A 430 -1.97 -9.12 -20.60
CA MET A 430 -1.24 -9.76 -21.69
C MET A 430 -2.02 -10.95 -22.23
N GLY A 431 -2.67 -11.71 -21.35
CA GLY A 431 -3.48 -12.83 -21.81
C GLY A 431 -4.67 -12.37 -22.64
N ALA A 432 -5.42 -11.38 -22.14
CA ALA A 432 -6.54 -10.89 -22.92
C ALA A 432 -6.07 -10.37 -24.27
N ALA A 433 -4.88 -9.79 -24.32
CA ALA A 433 -4.35 -9.37 -25.61
C ALA A 433 -4.05 -10.56 -26.50
N LEU A 434 -3.42 -11.58 -25.94
CA LEU A 434 -3.08 -12.75 -26.74
C LEU A 434 -4.32 -13.43 -27.27
N ALA A 435 -5.34 -13.57 -26.42
CA ALA A 435 -6.54 -14.27 -26.87
C ALA A 435 -7.22 -13.48 -27.96
N MET A 436 -7.35 -12.16 -27.78
CA MET A 436 -8.10 -11.36 -28.73
C MET A 436 -7.35 -11.08 -30.00
N MET A 437 -6.09 -11.50 -30.10
CA MET A 437 -5.36 -11.44 -31.36
C MET A 437 -5.40 -12.78 -32.08
N THR A 438 -4.98 -13.85 -31.42
CA THR A 438 -5.00 -15.14 -32.08
C THR A 438 -6.42 -15.52 -32.46
N ASP A 439 -6.55 -16.21 -33.58
CA ASP A 439 -7.88 -16.54 -34.08
C ASP A 439 -8.56 -17.54 -33.18
N ALA A 440 -7.83 -18.53 -32.68
CA ALA A 440 -8.43 -19.50 -31.79
C ALA A 440 -9.00 -18.81 -30.56
N GLY A 441 -8.32 -17.78 -30.08
CA GLY A 441 -8.76 -17.12 -28.87
C GLY A 441 -10.15 -16.52 -28.97
N ARG A 442 -10.46 -15.87 -30.09
CA ARG A 442 -11.72 -15.17 -30.26
C ARG A 442 -12.72 -15.93 -31.10
N SER A 443 -12.50 -17.23 -31.31
CA SER A 443 -13.51 -18.10 -31.89
C SER A 443 -14.06 -19.02 -30.83
N ALA A 444 -14.04 -18.56 -29.59
CA ALA A 444 -14.52 -19.30 -28.46
C ALA A 444 -15.35 -18.37 -27.60
N MET A 445 -16.22 -17.61 -28.25
CA MET A 445 -17.21 -16.79 -27.57
C MET A 445 -18.58 -17.36 -27.89
N LEU A 446 -19.56 -16.81 -27.25
CA LEU A 446 -20.95 -17.18 -27.49
C LEU A 446 -21.82 -15.98 -27.74
N ASN A 447 -21.56 -14.89 -27.07
CA ASN A 447 -22.25 -13.63 -27.26
C ASN A 447 -21.41 -12.73 -28.16
N PRO A 448 -21.96 -11.91 -29.03
CA PRO A 448 -21.12 -11.09 -29.90
C PRO A 448 -20.80 -9.75 -29.27
N GLY A 449 -19.88 -9.04 -29.90
CA GLY A 449 -19.62 -7.67 -29.58
C GLY A 449 -19.08 -7.44 -28.18
N PRO A 450 -19.36 -6.24 -27.59
CA PRO A 450 -18.83 -5.93 -26.26
C PRO A 450 -18.87 -7.10 -25.30
N HIS A 451 -20.04 -7.69 -25.11
CA HIS A 451 -20.10 -8.77 -24.16
C HIS A 451 -19.27 -9.95 -24.63
N GLY A 452 -19.12 -10.09 -25.94
CA GLY A 452 -18.28 -11.15 -26.45
C GLY A 452 -16.85 -11.00 -26.00
N PHE A 453 -16.33 -9.79 -26.06
CA PHE A 453 -15.00 -9.56 -25.53
C PHE A 453 -14.99 -9.68 -24.02
N SER A 454 -16.10 -9.36 -23.38
CA SER A 454 -16.13 -9.46 -21.93
C SER A 454 -15.91 -10.90 -21.49
N GLU A 455 -16.43 -11.86 -22.23
CA GLU A 455 -16.22 -13.25 -21.86
C GLU A 455 -14.73 -13.58 -21.84
N VAL A 456 -14.01 -13.18 -22.89
CA VAL A 456 -12.59 -13.48 -22.94
C VAL A 456 -11.86 -12.79 -21.80
N LEU A 457 -12.17 -11.51 -21.57
CA LEU A 457 -11.47 -10.83 -20.50
C LEU A 457 -11.77 -11.46 -19.16
N TYR A 458 -13.00 -11.87 -18.93
CA TYR A 458 -13.32 -12.48 -17.66
C TYR A 458 -12.72 -13.86 -17.53
N ALA A 459 -12.63 -14.63 -18.62
CA ALA A 459 -12.00 -15.93 -18.51
C ALA A 459 -10.54 -15.77 -18.16
N VAL A 460 -9.81 -14.94 -18.90
CA VAL A 460 -8.41 -14.73 -18.57
C VAL A 460 -8.26 -14.11 -17.20
N SER A 461 -9.17 -13.21 -16.83
CA SER A 461 -9.08 -12.53 -15.54
C SER A 461 -9.28 -13.47 -14.39
N SER A 462 -10.26 -14.37 -14.49
CA SER A 462 -10.45 -15.38 -13.46
C SER A 462 -9.24 -16.27 -13.39
N ALA A 463 -8.77 -16.77 -14.53
CA ALA A 463 -7.69 -17.73 -14.51
C ALA A 463 -6.43 -17.13 -13.88
N ALA A 464 -6.03 -15.95 -14.31
CA ALA A 464 -4.76 -15.44 -13.81
C ALA A 464 -4.84 -14.97 -12.38
N ASN A 465 -6.04 -14.72 -11.86
CA ASN A 465 -6.21 -14.39 -10.45
C ASN A 465 -6.55 -15.60 -9.61
N ASN A 466 -6.56 -16.78 -10.21
CA ASN A 466 -6.85 -18.01 -9.50
C ASN A 466 -8.29 -18.09 -9.08
N ASN A 467 -9.17 -17.36 -9.73
CA ASN A 467 -10.54 -17.34 -9.28
C ASN A 467 -11.21 -18.66 -9.57
N GLY A 468 -11.32 -19.02 -10.84
CA GLY A 468 -12.00 -20.21 -11.25
C GLY A 468 -13.39 -19.96 -11.77
N SER A 469 -14.00 -18.84 -11.41
CA SER A 469 -15.26 -18.49 -12.02
C SER A 469 -15.06 -18.36 -13.52
N ALA A 470 -16.16 -18.28 -14.25
CA ALA A 470 -16.01 -18.24 -15.70
C ALA A 470 -17.31 -17.81 -16.31
N PHE A 471 -17.22 -17.14 -17.46
CA PHE A 471 -18.44 -16.70 -18.08
C PHE A 471 -19.12 -17.84 -18.82
N ALA A 472 -18.53 -19.02 -18.83
CA ALA A 472 -19.24 -20.25 -19.13
C ALA A 472 -19.82 -20.35 -20.54
N GLY A 473 -19.71 -19.33 -21.35
CA GLY A 473 -20.08 -19.44 -22.74
C GLY A 473 -18.80 -19.67 -23.51
N LEU A 474 -17.73 -19.14 -22.98
CA LEU A 474 -16.43 -19.23 -23.58
C LEU A 474 -15.97 -20.68 -23.64
N SER A 475 -15.97 -21.26 -24.83
CA SER A 475 -15.60 -22.65 -24.97
C SER A 475 -14.11 -22.79 -24.76
N ALA A 476 -13.70 -23.08 -23.52
CA ALA A 476 -12.31 -23.09 -23.14
C ALA A 476 -11.70 -24.48 -23.20
N ASN A 477 -12.16 -25.32 -24.12
CA ASN A 477 -11.64 -26.68 -24.21
C ASN A 477 -10.65 -26.87 -25.34
N SER A 478 -10.45 -25.90 -26.18
CA SER A 478 -9.53 -26.08 -27.29
C SER A 478 -8.10 -25.90 -26.80
N PRO A 479 -7.16 -26.72 -27.29
CA PRO A 479 -5.79 -26.71 -26.73
C PRO A 479 -5.21 -25.34 -26.53
N PHE A 480 -5.60 -24.36 -27.34
CA PHE A 480 -5.08 -23.03 -27.12
C PHE A 480 -5.53 -22.50 -25.78
N TRP A 481 -6.83 -22.55 -25.51
CA TRP A 481 -7.30 -22.01 -24.22
C TRP A 481 -6.75 -22.82 -23.06
N ASN A 482 -6.61 -24.13 -23.21
CA ASN A 482 -6.05 -24.90 -22.11
C ASN A 482 -4.65 -24.42 -21.79
N CYS A 483 -3.77 -24.38 -22.77
CA CYS A 483 -2.42 -23.96 -22.45
C CYS A 483 -2.38 -22.52 -21.97
N LEU A 484 -3.11 -21.62 -22.62
CA LEU A 484 -3.07 -20.23 -22.22
C LEU A 484 -3.53 -20.06 -20.78
N LEU A 485 -4.71 -20.59 -20.46
CA LEU A 485 -5.19 -20.45 -19.10
C LEU A 485 -4.36 -21.23 -18.11
N ALA A 486 -3.76 -22.34 -18.53
CA ALA A 486 -2.91 -23.07 -17.61
C ALA A 486 -1.72 -22.25 -17.22
N PHE A 487 -1.03 -21.68 -18.21
CA PHE A 487 0.09 -20.83 -17.89
C PHE A 487 -0.35 -19.62 -17.08
N CYS A 488 -1.50 -19.04 -17.40
CA CYS A 488 -1.96 -17.90 -16.63
C CYS A 488 -2.17 -18.27 -15.17
N MET A 489 -2.88 -19.36 -14.89
CA MET A 489 -3.12 -19.73 -13.51
C MET A 489 -1.82 -20.02 -12.79
N PHE A 490 -0.97 -20.81 -13.42
CA PHE A 490 0.29 -21.17 -12.80
C PHE A 490 1.08 -19.92 -12.41
N VAL A 491 1.31 -19.03 -13.37
CA VAL A 491 2.11 -17.87 -13.03
C VAL A 491 1.37 -16.95 -12.09
N GLY A 492 0.05 -16.91 -12.14
CA GLY A 492 -0.71 -16.13 -11.18
C GLY A 492 -0.36 -16.56 -9.79
N ARG A 493 -0.71 -17.81 -9.46
CA ARG A 493 -0.51 -18.27 -8.10
C ARG A 493 0.95 -18.23 -7.69
N PHE A 494 1.82 -18.91 -8.43
CA PHE A 494 3.19 -19.03 -7.95
C PHE A 494 3.97 -17.75 -8.11
N GLY A 495 3.69 -16.96 -9.14
CA GLY A 495 4.29 -15.67 -9.25
C GLY A 495 3.94 -14.75 -8.10
N VAL A 496 2.73 -14.90 -7.54
CA VAL A 496 2.45 -14.14 -6.34
C VAL A 496 3.11 -14.77 -5.12
N ILE A 497 3.15 -16.11 -5.04
CA ILE A 497 3.66 -16.75 -3.83
C ILE A 497 5.16 -16.55 -3.67
N ILE A 498 5.90 -16.41 -4.75
CA ILE A 498 7.35 -16.32 -4.59
C ILE A 498 7.73 -14.95 -4.04
N PRO A 499 7.24 -13.85 -4.59
CA PRO A 499 7.52 -12.56 -3.95
C PRO A 499 6.93 -12.43 -2.57
N VAL A 500 5.77 -13.02 -2.28
CA VAL A 500 5.27 -12.93 -0.92
C VAL A 500 6.25 -13.56 0.04
N MET A 501 6.79 -14.71 -0.31
CA MET A 501 7.75 -15.32 0.57
C MET A 501 9.04 -14.54 0.61
N ALA A 502 9.48 -13.98 -0.50
CA ALA A 502 10.65 -13.11 -0.40
C ALA A 502 10.37 -11.96 0.56
N ILE A 503 9.14 -11.44 0.55
CA ILE A 503 8.78 -10.38 1.50
C ILE A 503 8.86 -10.91 2.92
N ALA A 504 8.41 -12.13 3.16
CA ALA A 504 8.41 -12.62 4.53
C ALA A 504 9.83 -12.88 4.99
N GLY A 505 10.66 -13.38 4.10
CA GLY A 505 12.05 -13.60 4.43
C GLY A 505 12.76 -12.31 4.75
N SER A 506 12.42 -11.24 4.03
CA SER A 506 13.04 -9.96 4.32
C SER A 506 12.40 -9.21 5.47
N LEU A 507 11.23 -9.62 5.93
CA LEU A 507 10.59 -9.00 7.08
C LEU A 507 10.80 -9.77 8.37
N VAL A 508 11.49 -10.90 8.33
CA VAL A 508 11.81 -11.60 9.58
C VAL A 508 13.17 -11.22 10.11
N SER A 509 13.97 -10.50 9.36
CA SER A 509 15.29 -10.10 9.81
C SER A 509 15.32 -8.69 10.36
N LYS A 510 14.17 -8.10 10.61
CA LYS A 510 14.09 -6.76 11.15
C LYS A 510 13.70 -6.84 12.61
N LYS A 511 13.51 -5.68 13.22
CA LYS A 511 13.14 -5.60 14.62
C LYS A 511 12.07 -4.52 14.75
N SER A 512 10.96 -4.87 15.36
CA SER A 512 9.75 -4.05 15.33
C SER A 512 9.81 -3.03 16.45
N GLN A 513 10.15 -1.79 16.11
CA GLN A 513 10.19 -0.75 17.13
C GLN A 513 8.80 -0.50 17.68
N ALA A 514 8.76 0.04 18.89
CA ALA A 514 7.49 0.30 19.55
C ALA A 514 6.71 1.37 18.80
N ALA A 515 5.49 1.59 19.25
CA ALA A 515 4.57 2.54 18.61
C ALA A 515 4.72 3.88 19.31
N SER A 516 5.56 4.74 18.74
CA SER A 516 5.76 6.07 19.30
C SER A 516 4.46 6.87 19.15
N SER A 517 4.49 8.11 19.62
CA SER A 517 3.33 8.97 19.57
C SER A 517 3.13 9.64 18.22
N GLY A 518 3.96 9.33 17.22
CA GLY A 518 3.86 9.98 15.93
C GLY A 518 3.89 9.02 14.76
N THR A 519 3.39 7.81 14.96
CA THR A 519 3.20 6.83 13.91
C THR A 519 1.71 6.73 13.61
N LEU A 520 1.36 6.86 12.35
CA LEU A 520 -0.05 6.90 11.98
C LEU A 520 -0.72 5.60 12.38
N PRO A 521 -1.78 5.61 13.17
CA PRO A 521 -2.43 4.35 13.49
C PRO A 521 -2.80 3.66 12.19
N THR A 522 -2.38 2.42 12.04
CA THR A 522 -2.98 1.54 11.05
C THR A 522 -4.24 0.86 11.56
N HIS A 523 -5.15 1.63 12.13
CA HIS A 523 -6.41 1.06 12.56
C HIS A 523 -7.35 2.19 12.86
N GLY A 524 -8.48 2.23 12.20
CA GLY A 524 -9.36 3.35 12.33
C GLY A 524 -9.92 3.76 10.99
N PRO A 525 -10.90 4.63 11.03
CA PRO A 525 -11.61 4.96 9.80
C PRO A 525 -10.73 5.59 8.75
N LEU A 526 -9.70 6.32 9.13
CA LEU A 526 -8.93 6.98 8.09
C LEU A 526 -7.96 6.03 7.41
N PHE A 527 -7.37 5.09 8.14
CA PHE A 527 -6.51 4.16 7.44
C PHE A 527 -7.31 3.11 6.70
N VAL A 528 -8.47 2.70 7.23
CA VAL A 528 -9.29 1.81 6.44
C VAL A 528 -9.74 2.52 5.20
N GLY A 529 -9.99 3.82 5.33
CA GLY A 529 -10.24 4.62 4.16
C GLY A 529 -9.10 4.56 3.16
N LEU A 530 -7.88 4.75 3.63
CA LEU A 530 -6.79 4.85 2.68
C LEU A 530 -6.43 3.50 2.11
N LEU A 531 -6.81 2.45 2.78
CA LEU A 531 -6.62 1.12 2.22
C LEU A 531 -7.63 0.85 1.13
N ILE A 532 -8.91 1.13 1.42
CA ILE A 532 -9.93 0.99 0.38
C ILE A 532 -9.57 1.84 -0.80
N GLY A 533 -9.08 3.04 -0.54
CA GLY A 533 -8.76 3.94 -1.62
C GLY A 533 -7.62 3.41 -2.46
N THR A 534 -6.58 2.88 -1.82
CA THR A 534 -5.46 2.34 -2.58
C THR A 534 -5.91 1.18 -3.46
N VAL A 535 -6.68 0.27 -2.88
CA VAL A 535 -7.11 -0.91 -3.63
C VAL A 535 -7.99 -0.50 -4.80
N LEU A 536 -9.02 0.29 -4.53
CA LEU A 536 -9.92 0.66 -5.61
C LEU A 536 -9.23 1.52 -6.65
N LEU A 537 -8.38 2.47 -6.25
CA LEU A 537 -7.73 3.31 -7.24
C LEU A 537 -6.79 2.49 -8.11
N VAL A 538 -5.94 1.66 -7.53
CA VAL A 538 -5.04 0.90 -8.37
C VAL A 538 -5.82 -0.01 -9.31
N GLY A 539 -6.83 -0.71 -8.79
CA GLY A 539 -7.61 -1.57 -9.66
C GLY A 539 -8.32 -0.82 -10.76
N ALA A 540 -8.95 0.30 -10.42
CA ALA A 540 -9.69 1.06 -11.42
C ALA A 540 -8.75 1.65 -12.44
N LEU A 541 -7.65 2.22 -12.01
CA LEU A 541 -6.73 2.81 -12.96
C LEU A 541 -6.20 1.77 -13.92
N THR A 542 -5.88 0.59 -13.41
CA THR A 542 -5.35 -0.41 -14.30
C THR A 542 -6.38 -0.89 -15.31
N PHE A 543 -7.62 -1.12 -14.87
CA PHE A 543 -8.57 -1.87 -15.67
C PHE A 543 -9.73 -1.09 -16.27
N ILE A 544 -9.81 0.22 -16.10
CA ILE A 544 -10.94 0.89 -16.75
C ILE A 544 -10.78 0.94 -18.25
N PRO A 545 -9.58 0.98 -18.83
CA PRO A 545 -9.49 0.77 -20.28
C PRO A 545 -10.05 -0.58 -20.72
N ALA A 546 -9.58 -1.67 -20.14
CA ALA A 546 -10.08 -2.99 -20.54
C ALA A 546 -11.58 -3.11 -20.29
N LEU A 547 -12.07 -2.56 -19.17
CA LEU A 547 -13.48 -2.66 -18.84
C LEU A 547 -14.35 -1.67 -19.58
N ALA A 548 -13.77 -0.72 -20.29
CA ALA A 548 -14.59 0.21 -21.04
C ALA A 548 -15.04 -0.37 -22.36
N LEU A 549 -14.41 -1.44 -22.83
CA LEU A 549 -14.82 -2.15 -24.03
C LEU A 549 -15.55 -3.44 -23.73
N GLY A 550 -15.64 -3.85 -22.48
CA GLY A 550 -16.28 -5.09 -22.13
C GLY A 550 -17.64 -4.83 -21.54
N PRO A 551 -17.78 -4.90 -20.23
CA PRO A 551 -19.09 -4.63 -19.65
C PRO A 551 -19.63 -3.25 -19.94
N VAL A 552 -18.91 -2.18 -19.61
CA VAL A 552 -19.47 -0.83 -19.72
C VAL A 552 -20.03 -0.58 -21.10
N ALA A 553 -19.22 -0.82 -22.13
CA ALA A 553 -19.71 -0.57 -23.48
C ALA A 553 -20.97 -1.35 -23.76
N GLU A 554 -21.10 -2.53 -23.16
CA GLU A 554 -22.35 -3.27 -23.30
C GLU A 554 -23.48 -2.62 -22.53
N TYR A 555 -23.19 -2.10 -21.35
CA TYR A 555 -24.23 -1.49 -20.54
C TYR A 555 -24.80 -0.28 -21.26
N LEU A 556 -23.94 0.52 -21.84
CA LEU A 556 -24.39 1.73 -22.51
C LEU A 556 -24.95 1.45 -23.89
N SER A 557 -24.75 0.24 -24.41
CA SER A 557 -25.22 -0.21 -25.72
C SER A 557 -26.62 0.22 -26.16
N PHE B 9 13.31 31.81 -9.68
CA PHE B 9 12.36 31.78 -10.83
C PHE B 9 12.54 33.03 -11.70
N GLU B 10 13.61 33.78 -11.45
CA GLU B 10 13.85 35.00 -12.19
C GLU B 10 14.31 34.68 -13.60
N PRO B 11 14.22 35.65 -14.53
CA PRO B 11 14.54 35.35 -15.93
C PRO B 11 15.91 34.72 -16.16
N THR B 12 16.98 35.27 -15.58
CA THR B 12 18.31 34.74 -15.85
C THR B 12 18.37 33.25 -15.60
N LEU B 13 18.05 32.84 -14.37
CA LEU B 13 18.09 31.42 -14.05
C LEU B 13 17.08 30.63 -14.85
N VAL B 14 15.95 31.24 -15.20
CA VAL B 14 14.99 30.52 -16.02
C VAL B 14 15.59 30.20 -17.38
N VAL B 15 16.14 31.20 -18.08
CA VAL B 15 16.68 30.93 -19.40
C VAL B 15 17.84 29.95 -19.30
N GLN B 16 18.64 30.04 -18.25
CA GLN B 16 19.77 29.14 -18.17
C GLN B 16 19.32 27.72 -17.91
N ALA B 17 18.26 27.52 -17.14
CA ALA B 17 17.77 26.18 -16.94
C ALA B 17 16.98 25.69 -18.14
N LEU B 18 16.44 26.59 -18.94
CA LEU B 18 15.77 26.17 -20.17
C LEU B 18 16.77 25.64 -21.19
N LYS B 19 17.88 26.36 -21.37
CA LYS B 19 18.92 25.85 -22.25
C LYS B 19 19.51 24.56 -21.71
N GLU B 20 19.63 24.47 -20.38
CA GLU B 20 20.09 23.20 -19.82
C GLU B 20 19.11 22.08 -20.13
N ALA B 21 17.82 22.34 -20.06
CA ALA B 21 16.85 21.30 -20.37
C ALA B 21 16.98 20.83 -21.81
N VAL B 22 16.96 21.78 -22.74
CA VAL B 22 17.11 21.41 -24.16
C VAL B 22 18.36 20.58 -24.36
N LYS B 23 19.44 20.90 -23.66
CA LYS B 23 20.67 20.15 -23.81
C LYS B 23 20.64 18.83 -23.06
N LYS B 24 19.67 18.63 -22.17
CA LYS B 24 19.49 17.38 -21.47
C LYS B 24 18.34 16.58 -22.03
N LEU B 25 17.82 16.97 -23.20
CA LEU B 25 16.73 16.29 -23.85
C LEU B 25 17.17 15.07 -24.66
N ASN B 26 18.47 14.89 -24.90
CA ASN B 26 18.93 13.75 -25.66
C ASN B 26 18.76 12.47 -24.85
N PRO B 27 18.65 11.32 -25.52
CA PRO B 27 18.21 10.11 -24.79
C PRO B 27 19.28 9.56 -23.88
N GLN B 28 20.54 9.62 -24.29
CA GLN B 28 21.63 9.03 -23.50
C GLN B 28 21.70 9.62 -22.10
N ALA B 29 20.95 10.68 -21.81
CA ALA B 29 20.95 11.36 -20.53
C ALA B 29 19.63 11.20 -19.80
N GLN B 30 18.73 10.33 -20.28
CA GLN B 30 17.55 10.03 -19.48
C GLN B 30 17.23 8.57 -19.46
N TRP B 31 18.25 7.73 -19.54
CA TRP B 31 18.06 6.37 -19.11
C TRP B 31 17.45 6.39 -17.72
N ARG B 32 17.93 7.32 -16.89
CA ARG B 32 17.80 7.20 -15.45
C ARG B 32 16.54 7.82 -14.94
N ASN B 33 15.46 7.82 -15.70
CA ASN B 33 14.16 8.25 -15.19
C ASN B 33 13.08 7.54 -16.00
N PRO B 34 12.97 6.22 -15.86
CA PRO B 34 12.07 5.45 -16.72
C PRO B 34 10.68 5.98 -16.94
N VAL B 35 10.16 6.86 -16.08
CA VAL B 35 8.88 7.46 -16.40
C VAL B 35 9.06 8.53 -17.47
N MET B 36 10.05 9.38 -17.28
CA MET B 36 10.34 10.33 -18.34
C MET B 36 10.89 9.62 -19.55
N PHE B 37 11.58 8.49 -19.38
CA PHE B 37 12.04 7.83 -20.59
C PHE B 37 10.88 7.24 -21.37
N ILE B 38 9.83 6.75 -20.70
CA ILE B 38 8.70 6.29 -21.50
C ILE B 38 8.03 7.45 -22.17
N VAL B 39 7.96 8.61 -21.50
CA VAL B 39 7.39 9.77 -22.19
C VAL B 39 8.28 10.16 -23.36
N TRP B 40 9.58 10.02 -23.22
CA TRP B 40 10.47 10.42 -24.31
C TRP B 40 10.33 9.48 -25.49
N ILE B 41 10.37 8.18 -25.25
CA ILE B 41 10.29 7.27 -26.38
C ILE B 41 8.91 7.33 -26.99
N GLY B 42 7.88 7.54 -26.19
CA GLY B 42 6.57 7.78 -26.75
C GLY B 42 6.57 9.00 -27.64
N SER B 43 7.10 10.11 -27.14
CA SER B 43 7.16 11.31 -27.95
C SER B 43 7.87 11.06 -29.27
N LEU B 44 8.98 10.34 -29.23
CA LEU B 44 9.69 10.07 -30.47
C LEU B 44 8.85 9.21 -31.40
N LEU B 45 8.17 8.22 -30.85
CA LEU B 45 7.35 7.35 -31.66
C LEU B 45 6.24 8.12 -32.35
N THR B 46 5.61 9.05 -31.64
CA THR B 46 4.51 9.78 -32.27
C THR B 46 5.01 10.86 -33.20
N THR B 47 6.21 11.42 -33.00
CA THR B 47 6.70 12.30 -34.05
C THR B 47 7.04 11.52 -35.31
N CYS B 48 7.54 10.29 -35.17
CA CYS B 48 7.77 9.49 -36.37
C CYS B 48 6.45 9.21 -37.08
N ILE B 49 5.44 8.79 -36.32
CA ILE B 49 4.14 8.57 -36.94
C ILE B 49 3.64 9.85 -37.59
N SER B 50 3.88 10.99 -36.95
CA SER B 50 3.40 12.23 -37.52
C SER B 50 4.08 12.53 -38.84
N ILE B 51 5.40 12.36 -38.91
CA ILE B 51 6.08 12.61 -40.17
C ILE B 51 5.54 11.69 -41.25
N ALA B 52 5.43 10.41 -40.93
CA ALA B 52 4.90 9.46 -41.91
C ALA B 52 3.54 9.91 -42.43
N MET B 53 2.66 10.33 -41.53
CA MET B 53 1.37 10.84 -41.97
C MET B 53 1.52 12.06 -42.84
N ALA B 54 2.41 12.97 -42.45
CA ALA B 54 2.46 14.26 -43.12
C ALA B 54 2.92 14.12 -44.55
N SER B 55 3.85 13.22 -44.81
CA SER B 55 4.19 12.97 -46.22
C SER B 55 4.66 11.53 -46.32
N GLY B 56 3.73 10.66 -46.69
CA GLY B 56 4.07 9.26 -46.77
C GLY B 56 2.85 8.38 -46.66
N ALA B 57 3.01 7.26 -45.98
CA ALA B 57 2.02 6.19 -45.99
C ALA B 57 1.46 5.95 -44.61
N MET B 58 0.36 6.62 -44.30
CA MET B 58 -0.37 6.41 -43.06
C MET B 58 -1.80 6.88 -43.30
N PRO B 59 -2.73 6.61 -42.37
CA PRO B 59 -4.12 7.01 -42.60
C PRO B 59 -4.32 8.47 -42.94
N GLY B 60 -3.94 9.40 -42.07
CA GLY B 60 -4.10 10.80 -42.36
C GLY B 60 -4.24 11.62 -41.10
N ASN B 61 -4.63 12.89 -41.29
CA ASN B 61 -4.72 13.87 -40.23
C ASN B 61 -3.34 14.03 -39.57
N ALA B 62 -2.40 14.51 -40.39
CA ALA B 62 -1.03 14.66 -39.90
C ALA B 62 -0.98 15.61 -38.73
N LEU B 63 -1.78 16.67 -38.75
CA LEU B 63 -1.70 17.65 -37.69
C LEU B 63 -1.86 16.97 -36.34
N PHE B 64 -2.99 16.30 -36.13
CA PHE B 64 -3.29 15.89 -34.76
C PHE B 64 -2.21 15.02 -34.16
N SER B 65 -1.51 14.23 -34.97
CA SER B 65 -0.41 13.47 -34.38
C SER B 65 0.83 14.32 -34.27
N ALA B 66 0.96 15.37 -35.08
CA ALA B 66 2.08 16.27 -34.85
C ALA B 66 1.85 17.13 -33.63
N ALA B 67 0.62 17.53 -33.37
CA ALA B 67 0.31 18.29 -32.17
C ALA B 67 0.41 17.42 -30.93
N ILE B 68 0.08 16.14 -31.03
CA ILE B 68 0.28 15.30 -29.86
C ILE B 68 1.75 15.06 -29.64
N SER B 69 2.52 14.90 -30.70
CA SER B 69 3.95 14.69 -30.49
C SER B 69 4.66 15.96 -30.09
N GLY B 70 4.14 17.10 -30.49
CA GLY B 70 4.73 18.34 -30.04
C GLY B 70 4.47 18.56 -28.57
N TRP B 71 3.24 18.33 -28.12
CA TRP B 71 3.00 18.49 -26.70
C TRP B 71 3.70 17.42 -25.87
N LEU B 72 3.89 16.22 -26.37
CA LEU B 72 4.68 15.28 -25.58
C LEU B 72 6.14 15.71 -25.50
N TRP B 73 6.70 16.25 -26.58
CA TRP B 73 8.04 16.80 -26.47
C TRP B 73 8.07 17.91 -25.45
N ILE B 74 7.05 18.76 -25.42
CA ILE B 74 7.00 19.80 -24.39
C ILE B 74 6.96 19.17 -23.02
N THR B 75 6.25 18.07 -22.84
CA THR B 75 6.25 17.47 -21.52
C THR B 75 7.64 17.01 -21.11
N VAL B 76 8.38 16.40 -22.02
CA VAL B 76 9.75 16.02 -21.68
C VAL B 76 10.57 17.26 -21.40
N LEU B 77 10.39 18.29 -22.19
CA LEU B 77 11.16 19.49 -21.98
C LEU B 77 10.83 20.13 -20.65
N PHE B 78 9.58 20.04 -20.19
CA PHE B 78 9.25 20.62 -18.89
C PHE B 78 9.78 19.79 -17.75
N ALA B 79 9.83 18.48 -17.89
CA ALA B 79 10.45 17.71 -16.83
C ALA B 79 11.93 18.04 -16.74
N ASN B 80 12.61 18.07 -17.88
CA ASN B 80 14.01 18.43 -17.87
C ASN B 80 14.20 19.84 -17.35
N PHE B 81 13.28 20.73 -17.66
CA PHE B 81 13.37 22.10 -17.19
C PHE B 81 13.18 22.21 -15.69
N ALA B 82 12.21 21.50 -15.12
CA ALA B 82 12.07 21.56 -13.68
C ALA B 82 13.36 21.10 -12.99
N GLU B 83 13.94 20.01 -13.49
CA GLU B 83 15.18 19.56 -12.86
C GLU B 83 16.32 20.55 -13.06
N ALA B 84 16.42 21.12 -14.27
CA ALA B 84 17.48 22.08 -14.52
C ALA B 84 17.31 23.30 -13.64
N LEU B 85 16.07 23.73 -13.43
CA LEU B 85 15.83 24.88 -12.58
C LEU B 85 16.22 24.60 -11.15
N ALA B 86 15.87 23.43 -10.62
CA ALA B 86 16.26 23.10 -9.27
C ALA B 86 17.78 23.13 -9.14
N GLU B 87 18.47 22.50 -10.08
CA GLU B 87 19.93 22.49 -10.01
C GLU B 87 20.50 23.89 -10.16
N GLY B 88 19.91 24.71 -11.02
CA GLY B 88 20.39 26.07 -11.16
C GLY B 88 20.29 26.85 -9.86
N ARG B 89 19.15 26.76 -9.19
CA ARG B 89 19.02 27.42 -7.90
C ARG B 89 20.04 26.87 -6.91
N SER B 90 20.29 25.57 -6.93
CA SER B 90 21.26 25.00 -6.01
C SER B 90 22.63 25.56 -6.27
N LYS B 91 23.04 25.62 -7.54
CA LYS B 91 24.33 26.22 -7.87
C LYS B 91 24.39 27.66 -7.42
N ALA B 92 23.29 28.39 -7.54
CA ALA B 92 23.29 29.78 -7.10
C ALA B 92 23.53 29.87 -5.60
N GLN B 93 22.87 29.01 -4.83
CA GLN B 93 23.08 29.03 -3.39
C GLN B 93 24.51 28.68 -3.03
N ALA B 94 25.05 27.64 -3.66
CA ALA B 94 26.42 27.25 -3.38
C ALA B 94 27.39 28.37 -3.71
N ASN B 95 27.24 28.99 -4.88
CA ASN B 95 28.14 30.06 -5.25
C ASN B 95 27.95 31.28 -4.37
N SER B 96 26.76 31.47 -3.80
CA SER B 96 26.60 32.58 -2.87
C SER B 96 27.33 32.32 -1.56
N LEU B 97 27.28 31.08 -1.07
CA LEU B 97 28.05 30.75 0.13
C LEU B 97 29.52 30.94 -0.13
N LYS B 98 30.02 30.38 -1.22
CA LYS B 98 31.42 30.59 -1.58
C LYS B 98 31.71 32.07 -1.78
N GLY B 99 30.70 32.84 -2.21
CA GLY B 99 30.84 34.27 -2.38
C GLY B 99 30.90 35.04 -1.08
N VAL B 100 30.47 34.42 0.03
CA VAL B 100 30.80 34.99 1.33
C VAL B 100 32.32 34.98 1.51
N LYS B 101 32.98 33.93 1.02
CA LYS B 101 34.44 33.89 1.02
C LYS B 101 35.04 34.75 -0.08
N LYS B 102 34.34 34.96 -1.20
CA LYS B 102 34.87 35.75 -2.30
C LYS B 102 34.74 37.25 -2.07
N THR B 103 34.15 37.68 -0.96
CA THR B 103 34.09 39.09 -0.62
C THR B 103 35.40 39.64 -0.07
N ALA B 104 36.42 38.79 0.09
CA ALA B 104 37.67 39.14 0.74
C ALA B 104 38.76 39.37 -0.29
N PHE B 105 39.64 40.33 -0.01
CA PHE B 105 40.85 40.53 -0.78
C PHE B 105 41.96 39.67 -0.18
N ALA B 106 43.18 39.80 -0.69
CA ALA B 106 44.31 39.03 -0.20
C ALA B 106 45.59 39.82 -0.42
N ARG B 107 46.37 39.99 0.64
CA ARG B 107 47.60 40.77 0.60
C ARG B 107 48.77 39.79 0.58
N LYS B 108 49.49 39.77 -0.54
CA LYS B 108 50.58 38.84 -0.76
C LYS B 108 51.90 39.54 -0.51
N LEU B 109 52.76 38.93 0.29
CA LEU B 109 54.04 39.50 0.62
C LEU B 109 55.08 39.11 -0.43
N ARG B 110 55.94 40.06 -0.78
CA ARG B 110 57.05 39.77 -1.68
C ARG B 110 58.16 39.03 -0.94
N GLU B 111 58.47 39.45 0.28
CA GLU B 111 59.45 38.78 1.13
C GLU B 111 58.73 38.06 2.26
N PRO B 112 59.07 36.81 2.58
CA PRO B 112 58.27 36.07 3.57
C PRO B 112 58.24 36.68 4.96
N LYS B 113 59.23 37.48 5.35
CA LYS B 113 59.24 38.05 6.69
C LYS B 113 58.20 39.16 6.80
N TYR B 114 57.69 39.35 8.01
CA TYR B 114 56.64 40.34 8.24
C TYR B 114 57.17 41.74 8.00
N GLY B 115 56.34 42.56 7.37
CA GLY B 115 56.72 43.93 7.06
C GLY B 115 57.23 44.05 5.64
N ALA B 116 56.37 44.46 4.72
CA ALA B 116 56.74 44.58 3.31
C ALA B 116 55.59 45.15 2.51
N ALA B 117 55.80 45.39 1.22
CA ALA B 117 54.73 45.86 0.35
C ALA B 117 53.92 44.68 -0.15
N ALA B 118 52.61 44.74 0.07
CA ALA B 118 51.70 43.66 -0.31
C ALA B 118 50.62 44.20 -1.23
N ASP B 119 50.21 43.38 -2.19
CA ASP B 119 49.20 43.74 -3.17
C ASP B 119 47.93 42.94 -2.91
N LYS B 120 46.79 43.61 -3.07
CA LYS B 120 45.49 43.00 -2.77
C LYS B 120 45.04 42.12 -3.93
N VAL B 121 44.65 40.88 -3.61
CA VAL B 121 44.20 39.91 -4.59
C VAL B 121 42.87 39.31 -4.11
N PRO B 122 41.89 39.07 -4.99
CA PRO B 122 40.68 38.38 -4.55
C PRO B 122 40.99 37.04 -3.89
N ALA B 123 40.17 36.67 -2.91
CA ALA B 123 40.46 35.53 -2.05
C ALA B 123 40.17 34.18 -2.70
N ASP B 124 40.70 33.95 -3.90
CA ASP B 124 40.62 32.63 -4.53
C ASP B 124 41.88 32.23 -5.28
N GLN B 125 42.78 33.16 -5.61
CA GLN B 125 43.95 32.88 -6.43
C GLN B 125 45.17 32.41 -5.66
N LEU B 126 45.13 32.40 -4.33
CA LEU B 126 46.31 32.03 -3.55
C LEU B 126 46.56 30.52 -3.67
N ARG B 127 47.75 30.16 -4.16
CA ARG B 127 48.13 28.77 -4.39
C ARG B 127 49.37 28.40 -3.60
N LYS B 128 49.85 27.17 -3.81
CA LYS B 128 51.01 26.66 -3.08
C LYS B 128 52.27 27.43 -3.45
N GLY B 129 53.02 27.83 -2.42
CA GLY B 129 54.27 28.53 -2.57
C GLY B 129 54.17 29.99 -2.22
N ASP B 130 52.96 30.54 -2.22
CA ASP B 130 52.77 31.94 -1.91
C ASP B 130 52.94 32.18 -0.41
N ILE B 131 53.41 33.37 -0.06
CA ILE B 131 53.51 33.83 1.32
C ILE B 131 52.70 35.11 1.41
N VAL B 132 51.62 35.07 2.17
CA VAL B 132 50.64 36.15 2.23
C VAL B 132 50.55 36.68 3.65
N LEU B 133 50.23 37.96 3.76
CA LEU B 133 50.04 38.64 5.03
C LEU B 133 48.56 38.94 5.23
N VAL B 134 48.09 38.80 6.47
CA VAL B 134 46.72 39.12 6.84
C VAL B 134 46.78 39.96 8.11
N GLU B 135 46.49 41.25 7.99
CA GLU B 135 46.50 42.19 9.10
C GLU B 135 45.08 42.52 9.54
N ALA B 136 44.98 43.34 10.58
CA ALA B 136 43.69 43.71 11.15
C ALA B 136 42.80 44.39 10.13
N GLY B 137 41.55 43.93 10.05
CA GLY B 137 40.55 44.55 9.20
C GLY B 137 40.07 43.68 8.05
N ASP B 138 41.01 43.01 7.39
CA ASP B 138 40.69 42.19 6.24
C ASP B 138 40.12 40.84 6.69
N ILE B 139 39.68 40.05 5.71
CA ILE B 139 39.23 38.68 5.93
C ILE B 139 40.34 37.77 5.46
N ILE B 140 40.52 36.65 6.14
CA ILE B 140 41.56 35.70 5.73
C ILE B 140 41.13 35.17 4.37
N PRO B 141 41.93 35.37 3.32
CA PRO B 141 41.45 34.98 1.98
C PRO B 141 41.47 33.48 1.76
N CYS B 142 42.54 32.82 2.16
CA CYS B 142 42.73 31.41 1.87
C CYS B 142 43.48 30.77 3.03
N ASP B 143 43.57 29.44 2.98
CA ASP B 143 44.26 28.69 4.00
C ASP B 143 45.77 28.89 3.88
N GLY B 144 46.52 28.18 4.71
CA GLY B 144 47.96 28.23 4.70
C GLY B 144 48.48 28.02 6.10
N GLU B 145 49.79 28.17 6.25
CA GLU B 145 50.47 27.93 7.52
C GLU B 145 51.18 29.18 8.00
N VAL B 146 51.12 29.40 9.32
CA VAL B 146 51.76 30.53 9.95
C VAL B 146 53.25 30.24 10.09
N ILE B 147 54.08 31.17 9.63
CA ILE B 147 55.53 30.99 9.68
C ILE B 147 56.20 31.96 10.64
N GLU B 148 55.66 33.16 10.85
CA GLU B 148 56.27 34.13 11.75
C GLU B 148 55.16 35.00 12.35
N GLY B 149 55.30 35.30 13.64
CA GLY B 149 54.40 36.23 14.30
C GLY B 149 53.25 35.55 15.01
N GLY B 150 52.39 36.40 15.59
CA GLY B 150 51.23 35.90 16.30
C GLY B 150 50.04 36.84 16.40
N ALA B 151 48.88 36.36 15.96
CA ALA B 151 47.65 37.15 15.96
C ALA B 151 46.52 36.40 16.67
N SER B 152 45.53 37.17 17.12
CA SER B 152 44.27 36.63 17.60
C SER B 152 43.23 36.75 16.50
N VAL B 153 42.54 35.64 16.21
CA VAL B 153 41.52 35.61 15.17
C VAL B 153 40.15 35.43 15.83
N ASP B 154 39.10 35.65 15.04
CA ASP B 154 37.73 35.49 15.49
C ASP B 154 37.02 34.34 14.79
N GLU B 155 37.63 33.74 13.76
CA GLU B 155 37.06 32.61 13.03
C GLU B 155 35.61 32.88 12.62
N SER B 156 35.29 34.15 12.37
CA SER B 156 33.89 34.60 12.24
C SER B 156 33.09 33.74 11.28
N ALA B 157 33.67 33.38 10.14
CA ALA B 157 32.96 32.52 9.19
C ALA B 157 32.95 31.08 9.67
N ILE B 158 34.10 30.59 10.15
CA ILE B 158 34.25 29.23 10.61
C ILE B 158 33.95 29.15 12.11
N THR B 159 33.26 30.16 12.64
CA THR B 159 32.91 30.19 14.06
C THR B 159 31.91 31.31 14.32
N GLY B 160 30.70 30.93 14.74
CA GLY B 160 29.59 31.85 14.83
C GLY B 160 29.31 32.35 16.23
N GLU B 161 30.23 32.14 17.18
CA GLU B 161 30.11 32.65 18.52
C GLU B 161 31.05 33.82 18.80
N ALA B 162 31.97 34.11 17.89
CA ALA B 162 32.86 35.27 17.93
C ALA B 162 33.86 35.23 19.06
N ALA B 163 33.97 34.12 19.79
CA ALA B 163 34.96 34.04 20.84
C ALA B 163 36.37 34.12 20.23
N PRO B 164 37.28 34.89 20.81
CA PRO B 164 38.61 35.03 20.23
C PRO B 164 39.47 33.80 20.50
N VAL B 165 40.57 33.72 19.75
CA VAL B 165 41.55 32.65 19.92
C VAL B 165 42.88 33.17 19.40
N ILE B 166 43.94 32.90 20.14
CA ILE B 166 45.26 33.40 19.81
C ILE B 166 45.89 32.46 18.80
N ARG B 167 46.58 33.04 17.82
CA ARG B 167 47.27 32.30 16.76
C ARG B 167 48.70 32.81 16.69
N GLU B 168 49.63 32.01 17.19
CA GLU B 168 51.05 32.36 17.25
C GLU B 168 51.86 31.42 16.37
N SER B 169 53.03 31.88 15.95
CA SER B 169 53.90 31.09 15.09
C SER B 169 54.68 30.08 15.92
N GLY B 170 55.11 29.01 15.26
CA GLY B 170 55.87 27.98 15.92
C GLY B 170 55.05 27.27 16.98
N GLY B 171 53.90 26.73 16.58
CA GLY B 171 53.03 26.07 17.53
C GLY B 171 51.92 25.33 16.84
N ASP B 172 50.94 24.91 17.64
CA ASP B 172 49.81 24.13 17.15
C ASP B 172 48.78 24.98 16.41
N PHE B 173 48.99 26.30 16.31
CA PHE B 173 48.02 27.19 15.67
C PHE B 173 48.40 27.53 14.24
N ALA B 174 49.18 26.67 13.58
CA ALA B 174 49.62 26.94 12.22
C ALA B 174 48.60 26.49 11.18
N SER B 175 47.43 26.01 11.59
CA SER B 175 46.38 25.64 10.64
C SER B 175 45.45 26.83 10.49
N VAL B 176 45.44 27.42 9.29
CA VAL B 176 44.66 28.62 8.99
C VAL B 176 43.60 28.28 7.95
N THR B 177 42.38 28.77 8.17
CA THR B 177 41.25 28.57 7.29
C THR B 177 41.03 29.81 6.44
N GLY B 178 40.00 29.78 5.60
CA GLY B 178 39.68 30.88 4.70
C GLY B 178 38.26 31.39 4.89
N GLY B 179 38.10 32.72 4.77
CA GLY B 179 36.80 33.37 4.87
C GLY B 179 36.54 34.09 6.17
N THR B 180 37.23 33.73 7.25
CA THR B 180 36.98 34.32 8.56
C THR B 180 37.45 35.78 8.63
N ARG B 181 37.07 36.43 9.73
CA ARG B 181 37.39 37.83 9.94
C ARG B 181 38.48 37.94 11.01
N ILE B 182 39.51 38.72 10.71
CA ILE B 182 40.66 38.89 11.60
C ILE B 182 40.38 40.04 12.56
N LEU B 183 41.18 40.13 13.62
CA LEU B 183 41.06 41.07 14.72
C LEU B 183 42.28 41.99 14.69
N SER B 184 42.53 42.68 15.80
CA SER B 184 43.45 43.82 15.81
C SER B 184 44.92 43.42 15.90
N ASP B 185 45.26 42.26 15.35
CA ASP B 185 46.61 41.72 15.36
C ASP B 185 47.05 41.50 13.90
N TRP B 186 48.13 40.75 13.72
CA TRP B 186 48.68 40.51 12.40
C TRP B 186 49.28 39.11 12.32
N LEU B 187 49.29 38.55 11.12
CA LEU B 187 49.70 37.17 10.91
C LEU B 187 50.32 37.02 9.53
N VAL B 188 51.45 36.31 9.48
CA VAL B 188 52.14 35.98 8.23
C VAL B 188 51.99 34.48 8.00
N ILE B 189 51.39 34.12 6.88
CA ILE B 189 51.08 32.73 6.58
C ILE B 189 51.64 32.36 5.21
N GLU B 190 51.75 31.05 4.98
CA GLU B 190 52.21 30.49 3.71
C GLU B 190 51.07 29.68 3.12
N CYS B 191 50.57 30.08 1.96
CA CYS B 191 49.48 29.35 1.33
C CYS B 191 49.95 27.96 0.93
N SER B 192 49.14 26.95 1.23
CA SER B 192 49.46 25.56 0.98
C SER B 192 48.32 24.90 0.22
N VAL B 193 48.60 23.69 -0.29
CA VAL B 193 47.61 22.87 -0.98
C VAL B 193 47.34 21.61 -0.18
N ASN B 194 47.43 21.71 1.14
CA ASN B 194 47.00 20.64 2.02
C ASN B 194 45.48 20.69 2.13
N PRO B 195 44.86 19.63 2.65
CA PRO B 195 43.41 19.65 2.83
C PRO B 195 42.99 20.88 3.61
N GLY B 196 41.92 21.53 3.16
CA GLY B 196 41.50 22.78 3.72
C GLY B 196 41.02 22.64 5.15
N GLU B 197 40.50 23.75 5.67
CA GLU B 197 39.89 23.80 7.00
C GLU B 197 38.41 24.18 6.92
N THR B 198 37.77 23.95 5.77
CA THR B 198 36.36 24.24 5.59
C THR B 198 35.66 23.00 5.05
N PHE B 199 34.46 22.74 5.56
CA PHE B 199 33.59 21.72 5.00
C PHE B 199 32.63 22.33 4.00
N LEU B 200 32.72 23.64 3.77
CA LEU B 200 31.88 24.26 2.75
C LEU B 200 32.33 23.81 1.37
N ASP B 201 33.58 24.13 1.02
CA ASP B 201 34.17 23.81 -0.27
C ASP B 201 33.86 22.39 -0.71
N ARG B 202 33.84 21.45 0.24
CA ARG B 202 33.69 20.04 -0.11
C ARG B 202 32.32 19.78 -0.73
N MET B 203 31.24 20.13 0.00
CA MET B 203 29.91 19.97 -0.59
C MET B 203 29.72 20.88 -1.78
N ILE B 204 30.32 22.07 -1.75
CA ILE B 204 30.20 22.98 -2.88
C ILE B 204 30.64 22.29 -4.16
N ALA B 205 31.80 21.63 -4.10
CA ALA B 205 32.25 20.85 -5.23
C ALA B 205 31.34 19.65 -5.46
N MET B 206 30.81 19.05 -4.38
CA MET B 206 29.99 17.86 -4.52
C MET B 206 28.79 18.11 -5.42
N VAL B 207 27.93 19.06 -5.04
CA VAL B 207 26.69 19.26 -5.78
C VAL B 207 26.93 19.94 -7.11
N GLU B 208 28.01 20.71 -7.24
CA GLU B 208 28.23 21.44 -8.48
C GLU B 208 28.48 20.51 -9.67
N GLY B 209 28.95 19.29 -9.42
CA GLY B 209 29.20 18.35 -10.49
C GLY B 209 27.92 17.66 -10.93
N ALA B 210 28.09 16.76 -11.90
CA ALA B 210 26.97 16.02 -12.48
C ALA B 210 26.87 14.64 -11.83
N GLN B 211 26.37 14.65 -10.59
CA GLN B 211 26.18 13.42 -9.84
C GLN B 211 25.21 13.67 -8.70
N ARG B 212 24.44 12.65 -8.35
CA ARG B 212 23.55 12.76 -7.22
C ARG B 212 23.10 11.36 -6.81
N ARG B 213 23.31 11.03 -5.55
CA ARG B 213 22.97 9.71 -5.04
C ARG B 213 21.48 9.66 -4.75
N LYS B 214 20.78 8.73 -5.40
CA LYS B 214 19.39 8.50 -5.06
C LYS B 214 19.28 8.08 -3.61
N THR B 215 18.34 8.61 -2.92
CA THR B 215 18.19 8.24 -1.52
C THR B 215 17.25 7.06 -1.40
N PRO B 216 17.41 6.20 -0.38
CA PRO B 216 16.52 5.05 -0.21
C PRO B 216 15.05 5.35 -0.42
N ASN B 217 14.53 6.38 0.24
CA ASN B 217 13.12 6.66 0.08
C ASN B 217 12.77 7.04 -1.34
N GLU B 218 13.66 7.72 -2.05
CA GLU B 218 13.35 8.12 -3.41
C GLU B 218 13.60 6.99 -4.39
N ILE B 219 14.27 5.92 -3.94
CA ILE B 219 14.29 4.68 -4.71
C ILE B 219 13.01 3.92 -4.49
N ALA B 220 12.49 3.90 -3.27
CA ALA B 220 11.21 3.23 -3.07
C ALA B 220 10.14 3.93 -3.88
N LEU B 221 10.13 5.26 -3.85
CA LEU B 221 9.13 5.96 -4.63
C LEU B 221 9.34 5.73 -6.12
N THR B 222 10.58 5.60 -6.58
CA THR B 222 10.75 5.31 -7.99
C THR B 222 10.26 3.91 -8.32
N ILE B 223 10.36 2.98 -7.38
CA ILE B 223 9.88 1.64 -7.61
C ILE B 223 8.36 1.67 -7.75
N LEU B 224 7.73 2.60 -7.05
CA LEU B 224 6.27 2.73 -7.12
C LEU B 224 5.89 3.31 -8.47
N LEU B 225 6.54 4.39 -8.87
CA LEU B 225 6.26 5.00 -10.16
C LEU B 225 6.54 4.03 -11.29
N ILE B 226 7.59 3.22 -11.18
CA ILE B 226 7.86 2.29 -12.28
C ILE B 226 6.79 1.21 -12.31
N ALA B 227 6.27 0.79 -11.16
CA ALA B 227 5.19 -0.20 -11.22
C ALA B 227 3.97 0.40 -11.87
N LEU B 228 3.70 1.66 -11.57
CA LEU B 228 2.56 2.35 -12.17
C LEU B 228 2.76 2.46 -13.67
N THR B 229 3.99 2.75 -14.10
CA THR B 229 4.26 2.87 -15.51
C THR B 229 4.14 1.54 -16.22
N ILE B 230 4.44 0.44 -15.56
CA ILE B 230 4.32 -0.86 -16.24
C ILE B 230 2.86 -1.20 -16.37
N VAL B 231 2.11 -1.01 -15.29
CA VAL B 231 0.68 -1.32 -15.30
C VAL B 231 -0.04 -0.54 -16.38
N PHE B 232 0.27 0.75 -16.52
CA PHE B 232 -0.42 1.56 -17.53
C PHE B 232 0.14 1.32 -18.92
N LEU B 233 1.43 1.00 -19.05
CA LEU B 233 1.90 0.66 -20.38
C LEU B 233 1.19 -0.59 -20.86
N LEU B 234 1.02 -1.58 -19.99
CA LEU B 234 0.31 -2.79 -20.41
C LEU B 234 -1.16 -2.51 -20.70
N ALA B 235 -1.83 -1.68 -19.90
CA ALA B 235 -3.22 -1.41 -20.20
C ALA B 235 -3.36 -0.66 -21.52
N THR B 236 -2.73 0.50 -21.64
CA THR B 236 -2.87 1.27 -22.85
C THR B 236 -2.32 0.57 -24.07
N ALA B 237 -1.37 -0.36 -23.94
CA ALA B 237 -0.91 -1.07 -25.12
C ALA B 237 -1.86 -2.19 -25.49
N THR B 238 -2.44 -2.87 -24.50
CA THR B 238 -3.41 -3.90 -24.82
C THR B 238 -4.76 -3.32 -25.19
N LEU B 239 -4.91 -2.00 -25.18
CA LEU B 239 -6.11 -1.45 -25.80
C LEU B 239 -6.13 -1.70 -27.29
N TRP B 240 -4.97 -1.89 -27.92
CA TRP B 240 -4.99 -2.07 -29.37
C TRP B 240 -5.64 -3.39 -29.79
N PRO B 241 -5.34 -4.54 -29.20
CA PRO B 241 -6.08 -5.75 -29.60
C PRO B 241 -7.57 -5.64 -29.36
N PHE B 242 -7.96 -5.15 -28.18
CA PHE B 242 -9.36 -5.10 -27.83
C PHE B 242 -10.12 -4.22 -28.82
N SER B 243 -9.70 -2.97 -28.94
CA SER B 243 -10.27 -2.09 -29.94
C SER B 243 -10.31 -2.76 -31.31
N ALA B 244 -9.15 -3.16 -31.82
CA ALA B 244 -9.09 -3.74 -33.16
C ALA B 244 -10.04 -4.91 -33.37
N TRP B 245 -10.44 -5.58 -32.29
CA TRP B 245 -11.49 -6.57 -32.42
C TRP B 245 -12.85 -5.89 -32.52
N GLY B 246 -13.06 -4.83 -31.75
CA GLY B 246 -14.40 -4.31 -31.68
C GLY B 246 -14.84 -3.46 -32.85
N GLY B 247 -13.93 -3.08 -33.74
CA GLY B 247 -14.29 -2.20 -34.82
C GLY B 247 -13.08 -1.72 -35.59
N ASN B 248 -12.98 -0.43 -35.80
CA ASN B 248 -11.76 0.16 -36.34
C ASN B 248 -10.82 0.47 -35.19
N ALA B 249 -9.63 -0.11 -35.22
CA ALA B 249 -8.70 -0.08 -34.10
C ALA B 249 -8.44 1.34 -33.62
N VAL B 250 -7.98 1.48 -32.39
CA VAL B 250 -7.58 2.78 -31.88
C VAL B 250 -6.27 3.19 -32.53
N SER B 251 -6.12 4.48 -32.81
CA SER B 251 -4.91 4.93 -33.46
C SER B 251 -3.72 4.66 -32.55
N VAL B 252 -2.51 4.77 -33.12
CA VAL B 252 -1.33 4.69 -32.28
C VAL B 252 -1.04 6.00 -31.61
N THR B 253 -1.41 7.11 -32.26
CA THR B 253 -1.17 8.41 -31.66
C THR B 253 -2.06 8.64 -30.45
N VAL B 254 -3.34 8.28 -30.54
CA VAL B 254 -4.21 8.42 -29.37
C VAL B 254 -3.74 7.50 -28.27
N LEU B 255 -3.10 6.39 -28.61
CA LEU B 255 -2.67 5.46 -27.59
C LEU B 255 -1.41 5.95 -26.91
N VAL B 256 -0.50 6.54 -27.66
CA VAL B 256 0.65 7.14 -27.00
C VAL B 256 0.20 8.31 -26.15
N ALA B 257 -0.84 9.03 -26.57
CA ALA B 257 -1.33 10.11 -25.72
C ALA B 257 -1.93 9.56 -24.44
N LEU B 258 -2.73 8.52 -24.54
CA LEU B 258 -3.32 7.95 -23.34
C LEU B 258 -2.24 7.39 -22.42
N LEU B 259 -1.20 6.80 -23.00
CA LEU B 259 -0.14 6.22 -22.19
C LEU B 259 0.62 7.31 -21.47
N VAL B 260 1.01 8.36 -22.17
CA VAL B 260 1.75 9.44 -21.51
C VAL B 260 0.90 10.08 -20.44
N CYS B 261 -0.36 10.37 -20.74
CA CYS B 261 -1.19 11.03 -19.74
C CYS B 261 -1.31 10.19 -18.48
N LEU B 262 -1.61 8.90 -18.62
CA LEU B 262 -1.80 8.08 -17.43
C LEU B 262 -0.54 7.97 -16.59
N ILE B 263 0.60 7.67 -17.22
CA ILE B 263 1.88 7.52 -16.54
C ILE B 263 2.08 8.66 -15.55
N PRO B 264 2.52 8.40 -14.32
CA PRO B 264 2.67 9.51 -13.38
C PRO B 264 3.78 10.45 -13.82
N THR B 265 3.48 11.30 -14.79
CA THR B 265 4.47 12.22 -15.29
C THR B 265 4.70 13.39 -14.36
N THR B 266 3.70 13.78 -13.57
CA THR B 266 3.92 14.89 -12.65
C THR B 266 5.00 14.57 -11.64
N ILE B 267 4.80 13.52 -10.85
CA ILE B 267 5.83 13.21 -9.88
C ILE B 267 7.02 12.58 -10.57
N GLY B 268 6.83 11.95 -11.71
CA GLY B 268 7.93 11.40 -12.46
C GLY B 268 8.93 12.48 -12.77
N GLY B 269 8.48 13.54 -13.42
CA GLY B 269 9.39 14.61 -13.76
C GLY B 269 9.93 15.33 -12.54
N LEU B 270 9.05 15.70 -11.61
CA LEU B 270 9.46 16.53 -10.48
C LEU B 270 10.28 15.82 -9.41
N LEU B 271 10.32 14.49 -9.37
CA LEU B 271 11.08 13.79 -8.33
C LEU B 271 12.46 14.39 -8.08
N SER B 272 13.27 14.49 -9.14
CA SER B 272 14.63 14.95 -8.94
C SER B 272 14.65 16.42 -8.54
N ALA B 273 13.74 17.20 -9.11
CA ALA B 273 13.67 18.60 -8.74
C ALA B 273 13.35 18.75 -7.27
N ILE B 274 12.52 17.85 -6.73
CA ILE B 274 12.19 17.91 -5.32
C ILE B 274 13.39 17.59 -4.47
N GLY B 275 14.14 16.54 -4.84
CA GLY B 275 15.34 16.23 -4.09
C GLY B 275 16.29 17.41 -4.01
N VAL B 276 16.61 17.98 -5.17
CA VAL B 276 17.59 19.06 -5.13
C VAL B 276 16.97 20.33 -4.56
N ALA B 277 15.66 20.49 -4.64
CA ALA B 277 15.04 21.65 -4.00
C ALA B 277 15.16 21.56 -2.50
N GLY B 278 14.94 20.36 -1.94
CA GLY B 278 15.13 20.21 -0.52
C GLY B 278 16.55 20.49 -0.10
N MET B 279 17.52 20.06 -0.90
CA MET B 279 18.89 20.35 -0.53
C MET B 279 19.17 21.85 -0.59
N SER B 280 18.75 22.49 -1.67
CA SER B 280 18.94 23.94 -1.79
C SER B 280 18.25 24.70 -0.68
N ARG B 281 17.05 24.29 -0.31
CA ARG B 281 16.32 25.01 0.72
C ARG B 281 17.02 24.87 2.06
N MET B 282 17.54 23.67 2.36
CA MET B 282 18.29 23.54 3.58
C MET B 282 19.52 24.42 3.53
N LEU B 283 20.27 24.36 2.43
CA LEU B 283 21.41 25.25 2.25
C LEU B 283 21.03 26.70 2.50
N GLY B 284 19.81 27.07 2.13
CA GLY B 284 19.31 28.38 2.48
C GLY B 284 19.16 28.54 3.96
N ALA B 285 18.83 27.46 4.65
CA ALA B 285 18.78 27.49 6.11
C ALA B 285 20.16 27.41 6.73
N ASN B 286 21.22 27.47 5.93
CA ASN B 286 22.62 27.68 6.30
C ASN B 286 23.35 26.40 6.68
N VAL B 287 22.71 25.24 6.67
CA VAL B 287 23.38 24.00 7.04
C VAL B 287 23.81 23.30 5.77
N ILE B 288 25.05 22.81 5.78
CA ILE B 288 25.64 22.18 4.59
C ILE B 288 25.39 20.68 4.72
N ALA B 289 24.45 20.16 3.94
CA ALA B 289 24.23 18.73 3.94
C ALA B 289 25.46 18.03 3.37
N THR B 290 25.45 16.70 3.42
CA THR B 290 26.43 15.89 2.72
C THR B 290 25.80 15.02 1.65
N SER B 291 24.57 14.59 1.83
CA SER B 291 23.90 13.77 0.83
C SER B 291 22.44 13.70 1.18
N GLY B 292 21.62 13.39 0.18
CA GLY B 292 20.20 13.27 0.44
C GLY B 292 19.90 12.30 1.55
N ARG B 293 20.77 11.31 1.75
CA ARG B 293 20.55 10.34 2.81
C ARG B 293 20.46 11.06 4.14
N ALA B 294 21.35 12.02 4.37
CA ALA B 294 21.34 12.73 5.64
C ALA B 294 20.10 13.58 5.80
N VAL B 295 19.59 14.14 4.70
CA VAL B 295 18.38 14.94 4.80
C VAL B 295 17.19 14.07 5.15
N GLU B 296 17.13 12.87 4.57
CA GLU B 296 15.98 12.02 4.91
C GLU B 296 16.15 11.35 6.26
N ALA B 297 17.38 11.18 6.73
CA ALA B 297 17.56 10.81 8.12
C ALA B 297 17.03 11.91 9.01
N ALA B 298 17.34 13.16 8.68
CA ALA B 298 16.73 14.28 9.39
C ALA B 298 15.23 14.16 9.38
N GLY B 299 14.68 13.77 8.24
CA GLY B 299 13.24 13.58 8.15
C GLY B 299 12.72 12.48 9.04
N ASP B 300 13.58 11.56 9.47
CA ASP B 300 13.15 10.42 10.26
C ASP B 300 13.52 10.50 11.74
N VAL B 301 14.30 11.49 12.17
CA VAL B 301 14.80 11.51 13.54
C VAL B 301 13.66 11.46 14.54
N ASP B 302 13.74 10.52 15.47
CA ASP B 302 12.76 10.41 16.54
C ASP B 302 13.24 11.01 17.85
N VAL B 303 14.46 11.53 17.92
CA VAL B 303 14.96 12.13 19.13
C VAL B 303 16.14 13.00 18.78
N LEU B 304 16.21 14.19 19.39
CA LEU B 304 17.29 15.13 19.13
C LEU B 304 17.91 15.54 20.46
N LEU B 305 19.18 15.21 20.66
CA LEU B 305 19.84 15.52 21.92
C LEU B 305 20.28 16.97 21.96
N LEU B 306 19.33 17.86 22.24
CA LEU B 306 19.64 19.28 22.32
C LEU B 306 20.29 19.57 23.67
N ASP B 307 21.56 19.91 23.69
CA ASP B 307 22.18 20.24 24.97
C ASP B 307 21.60 21.53 25.55
N LYS B 308 21.38 21.51 26.87
CA LYS B 308 20.74 22.61 27.58
C LYS B 308 21.32 23.98 27.25
N THR B 309 22.63 24.12 27.39
CA THR B 309 23.34 25.32 27.00
C THR B 309 23.19 25.55 25.51
N GLY B 310 23.04 26.82 25.12
CA GLY B 310 22.86 27.13 23.72
C GLY B 310 21.45 27.61 23.46
N THR B 311 20.47 26.76 23.71
CA THR B 311 19.06 27.09 23.50
C THR B 311 18.23 27.14 24.76
N ILE B 312 18.38 26.19 25.69
CA ILE B 312 17.57 26.18 26.90
C ILE B 312 18.18 27.02 28.03
N THR B 313 19.36 27.61 27.85
CA THR B 313 19.90 28.41 28.94
C THR B 313 19.60 29.90 28.80
N LEU B 314 19.39 30.40 27.58
CA LEU B 314 19.17 31.82 27.34
C LEU B 314 20.21 32.66 28.08
N GLY B 315 21.45 32.48 27.68
CA GLY B 315 22.53 33.21 28.32
C GLY B 315 22.92 32.52 29.61
N ASN B 316 22.92 33.28 30.71
CA ASN B 316 23.25 32.75 32.02
C ASN B 316 22.12 33.01 33.01
N ARG B 317 22.09 32.17 34.04
CA ARG B 317 21.08 32.25 35.09
C ARG B 317 21.01 33.65 35.69
N GLN B 318 19.81 34.02 36.15
CA GLN B 318 19.58 35.28 36.82
C GLN B 318 18.92 35.03 38.16
N ALA B 319 19.00 36.03 39.04
CA ALA B 319 18.52 35.87 40.42
C ALA B 319 17.02 35.58 40.44
N SER B 320 16.59 34.82 41.46
CA SER B 320 15.19 34.46 41.65
C SER B 320 14.65 34.72 43.05
N GLU B 321 15.44 34.44 44.09
CA GLU B 321 15.00 34.64 45.46
C GLU B 321 16.12 35.30 46.27
N PHE B 322 15.71 36.05 47.29
CA PHE B 322 16.63 36.69 48.23
C PHE B 322 16.69 35.89 49.52
N ILE B 323 17.89 35.51 49.92
CA ILE B 323 18.09 34.69 51.12
C ILE B 323 19.07 35.42 52.04
N PRO B 324 18.64 35.89 53.23
CA PRO B 324 19.55 36.69 54.07
C PRO B 324 20.40 35.87 55.01
N ALA B 325 21.70 36.16 55.08
CA ALA B 325 22.57 35.52 56.05
C ALA B 325 22.40 36.12 57.44
N GLN B 326 21.92 37.36 57.53
CA GLN B 326 21.84 38.09 58.78
C GLN B 326 20.44 38.68 58.94
N GLY B 327 19.43 38.04 58.36
CA GLY B 327 18.09 38.58 58.44
C GLY B 327 18.01 39.98 57.87
N VAL B 328 18.82 40.28 56.87
CA VAL B 328 18.89 41.63 56.29
C VAL B 328 17.63 41.91 55.49
N ASP B 329 17.43 43.18 55.13
CA ASP B 329 16.30 43.59 54.34
C ASP B 329 16.56 43.33 52.86
N GLU B 330 15.51 42.94 52.13
CA GLU B 330 15.67 42.65 50.72
C GLU B 330 16.15 43.87 49.95
N LYS B 331 15.76 45.08 50.38
CA LYS B 331 16.22 46.28 49.71
C LYS B 331 17.72 46.47 49.89
N THR B 332 18.20 46.44 51.13
CA THR B 332 19.63 46.59 51.36
C THR B 332 20.40 45.38 50.84
N LEU B 333 19.75 44.20 50.81
CA LEU B 333 20.41 43.02 50.26
C LEU B 333 20.65 43.20 48.78
N ALA B 334 19.63 43.59 48.03
CA ALA B 334 19.79 43.82 46.60
C ALA B 334 20.72 45.00 46.33
N ASP B 335 20.73 46.01 47.21
CA ASP B 335 21.62 47.14 47.02
C ASP B 335 23.08 46.72 47.18
N ALA B 336 23.37 45.89 48.19
CA ALA B 336 24.75 45.46 48.39
C ALA B 336 25.17 44.43 47.34
N ALA B 337 24.22 43.60 46.90
CA ALA B 337 24.53 42.63 45.85
C ALA B 337 24.84 43.32 44.53
N GLN B 338 24.06 44.35 44.17
CA GLN B 338 24.38 45.08 42.95
C GLN B 338 25.65 45.90 43.11
N LEU B 339 25.86 46.52 44.27
CA LEU B 339 27.09 47.27 44.50
C LEU B 339 28.31 46.38 44.30
N ALA B 340 28.26 45.16 44.83
CA ALA B 340 29.37 44.24 44.69
C ALA B 340 29.45 43.65 43.28
N SER B 341 28.32 43.52 42.60
CA SER B 341 28.29 42.93 41.27
C SER B 341 28.62 43.94 40.17
N LEU B 342 28.69 45.23 40.49
CA LEU B 342 29.11 46.22 39.50
C LEU B 342 30.52 45.93 39.00
N ALA B 343 31.37 45.35 39.85
CA ALA B 343 32.71 44.97 39.44
C ALA B 343 32.75 43.66 38.69
N ASP B 344 31.61 42.97 38.57
CA ASP B 344 31.52 41.72 37.81
C ASP B 344 30.90 42.10 36.47
N GLU B 345 31.76 42.34 35.48
CA GLU B 345 31.31 42.79 34.17
C GLU B 345 30.85 41.65 33.28
N THR B 346 30.84 40.42 33.79
CA THR B 346 30.27 39.30 33.06
C THR B 346 28.76 39.48 32.95
N PRO B 347 28.12 38.77 32.00
CA PRO B 347 26.66 38.86 31.91
C PRO B 347 25.95 38.51 33.20
N GLU B 348 26.51 37.58 34.00
CA GLU B 348 25.84 37.18 35.23
C GLU B 348 25.73 38.35 36.21
N GLY B 349 26.80 39.13 36.37
CA GLY B 349 26.73 40.23 37.31
C GLY B 349 25.81 41.33 36.82
N ARG B 350 25.83 41.59 35.52
CA ARG B 350 24.92 42.57 34.94
C ARG B 350 23.47 42.13 35.14
N SER B 351 23.18 40.85 34.97
CA SER B 351 21.82 40.36 35.19
C SER B 351 21.43 40.46 36.66
N ILE B 352 22.38 40.23 37.56
CA ILE B 352 22.05 40.35 38.98
C ILE B 352 21.72 41.78 39.33
N VAL B 353 22.52 42.73 38.81
CA VAL B 353 22.24 44.12 39.09
C VAL B 353 20.91 44.54 38.46
N ILE B 354 20.62 44.04 37.26
CA ILE B 354 19.39 44.42 36.58
C ILE B 354 18.19 43.90 37.34
N LEU B 355 18.23 42.63 37.78
CA LEU B 355 17.12 42.10 38.54
C LEU B 355 16.99 42.79 39.88
N ALA B 356 18.07 43.32 40.44
CA ALA B 356 17.94 44.09 41.67
C ALA B 356 17.16 45.37 41.42
N LYS B 357 17.61 46.17 40.43
CA LYS B 357 16.92 47.41 40.12
C LYS B 357 15.46 47.14 39.79
N GLN B 358 15.21 46.12 38.97
CA GLN B 358 13.84 45.81 38.57
C GLN B 358 12.99 45.39 39.77
N ARG B 359 13.55 44.61 40.69
CA ARG B 359 12.76 44.13 41.81
C ARG B 359 12.36 45.25 42.75
N PHE B 360 13.27 46.20 43.03
CA PHE B 360 12.95 47.21 44.04
C PHE B 360 13.38 48.62 43.65
N ASN B 361 13.45 48.89 42.34
CA ASN B 361 13.78 50.23 41.83
C ASN B 361 14.99 50.82 42.56
N LEU B 362 15.99 49.98 42.79
CA LEU B 362 17.27 50.40 43.32
C LEU B 362 18.17 50.58 42.11
N ARG B 363 18.12 51.77 41.51
CA ARG B 363 18.55 51.99 40.14
C ARG B 363 19.97 52.52 40.01
N GLU B 364 20.32 53.56 40.78
CA GLU B 364 21.55 54.30 40.56
C GLU B 364 22.31 54.48 41.87
N ARG B 365 23.60 54.75 41.73
CA ARG B 365 24.47 55.08 42.85
C ARG B 365 25.38 56.20 42.40
N ASP B 366 25.36 57.33 43.11
CA ASP B 366 26.05 58.53 42.65
C ASP B 366 27.56 58.33 42.76
N VAL B 367 28.31 59.35 42.35
CA VAL B 367 29.77 59.27 42.36
C VAL B 367 30.29 59.30 43.78
N GLN B 368 29.56 59.90 44.71
CA GLN B 368 30.05 60.03 46.08
C GLN B 368 30.31 58.65 46.69
N SER B 369 29.45 57.69 46.41
CA SER B 369 29.72 56.30 46.79
C SER B 369 30.86 55.69 45.99
N LEU B 370 31.20 56.30 44.85
CA LEU B 370 32.28 55.85 43.98
C LEU B 370 33.62 56.32 44.54
N HIS B 371 34.65 56.36 43.70
CA HIS B 371 36.05 56.48 44.14
C HIS B 371 36.44 55.29 44.99
N ALA B 372 36.17 54.10 44.46
CA ALA B 372 36.42 52.82 45.08
C ALA B 372 37.42 52.05 44.23
N THR B 373 37.76 50.86 44.68
CA THR B 373 38.63 49.95 43.92
C THR B 373 37.79 48.74 43.54
N PHE B 374 37.57 48.57 42.24
CA PHE B 374 36.68 47.53 41.75
C PHE B 374 37.45 46.22 41.66
N VAL B 375 36.82 45.14 42.12
CA VAL B 375 37.45 43.82 42.04
C VAL B 375 36.89 43.10 40.83
N PRO B 376 37.61 43.03 39.71
CA PRO B 376 37.07 42.37 38.53
C PRO B 376 36.95 40.87 38.74
N PHE B 377 36.18 40.23 37.86
CA PHE B 377 36.02 38.79 37.93
C PHE B 377 37.35 38.12 37.63
N THR B 378 37.81 37.26 38.54
CA THR B 378 39.11 36.63 38.42
C THR B 378 39.00 35.13 38.68
N ALA B 379 39.79 34.35 37.95
CA ALA B 379 39.78 32.91 38.12
C ALA B 379 40.48 32.47 39.41
N GLN B 380 41.49 33.23 39.86
CA GLN B 380 42.23 32.81 41.03
C GLN B 380 41.43 33.03 42.31
N SER B 381 40.78 34.18 42.44
CA SER B 381 39.99 34.47 43.64
C SER B 381 38.60 33.87 43.56
N ARG B 382 38.06 33.68 42.36
CA ARG B 382 36.71 33.16 42.19
C ARG B 382 35.71 34.01 42.95
N MET B 383 35.95 35.32 42.98
CA MET B 383 35.12 36.24 43.74
C MET B 383 35.32 37.63 43.17
N SER B 384 34.23 38.41 43.18
CA SER B 384 34.26 39.81 42.81
C SER B 384 33.59 40.61 43.92
N GLY B 385 33.83 41.92 43.92
CA GLY B 385 33.29 42.73 44.98
C GLY B 385 33.69 44.17 44.83
N ILE B 386 33.51 44.92 45.92
CA ILE B 386 33.88 46.33 45.99
C ILE B 386 34.38 46.61 47.40
N ASN B 387 35.51 47.30 47.51
CA ASN B 387 36.05 47.72 48.80
C ASN B 387 35.70 49.18 49.08
N ILE B 388 34.39 49.47 49.07
CA ILE B 388 33.95 50.84 49.32
C ILE B 388 34.25 51.21 50.76
N ASP B 389 33.78 50.40 51.71
CA ASP B 389 34.07 50.62 53.12
C ASP B 389 35.48 50.11 53.43
N ASN B 390 35.87 50.24 54.71
CA ASN B 390 37.12 49.64 55.15
C ASN B 390 37.07 48.13 55.13
N ARG B 391 35.88 47.53 55.15
CA ARG B 391 35.73 46.12 54.94
C ARG B 391 35.67 45.83 53.44
N MET B 392 35.92 44.58 53.07
CA MET B 392 35.87 44.18 51.66
C MET B 392 34.54 43.48 51.42
N ILE B 393 33.80 43.97 50.44
CA ILE B 393 32.54 43.34 50.02
C ILE B 393 32.88 42.43 48.87
N ARG B 394 32.31 41.22 48.87
CA ARG B 394 32.67 40.22 47.87
C ARG B 394 31.45 39.46 47.39
N LYS B 395 31.60 38.81 46.23
CA LYS B 395 30.58 38.00 45.62
C LYS B 395 31.24 36.91 44.77
N GLY B 396 30.86 35.67 45.00
CA GLY B 396 31.45 34.57 44.29
C GLY B 396 30.62 33.31 44.44
N SER B 397 31.26 32.17 44.16
CA SER B 397 30.59 30.89 44.28
C SER B 397 30.50 30.46 45.74
N VAL B 398 29.84 29.34 46.00
CA VAL B 398 29.68 28.86 47.36
C VAL B 398 30.99 28.31 47.90
N ASP B 399 31.67 27.50 47.08
CA ASP B 399 32.89 26.85 47.54
C ASP B 399 34.00 27.88 47.71
N ALA B 400 34.14 28.80 46.76
CA ALA B 400 35.21 29.79 46.84
C ALA B 400 34.94 30.78 47.96
N ILE B 401 33.67 31.04 48.28
CA ILE B 401 33.38 31.97 49.36
C ILE B 401 33.60 31.30 50.70
N ARG B 402 33.23 30.02 50.84
CA ARG B 402 33.56 29.30 52.06
C ARG B 402 35.07 29.21 52.24
N ARG B 403 35.81 28.97 51.15
CA ARG B 403 37.25 28.85 51.26
C ARG B 403 37.93 30.18 51.53
N HIS B 404 37.33 31.30 51.09
CA HIS B 404 37.92 32.60 51.32
C HIS B 404 37.55 33.18 52.69
N VAL B 405 36.34 32.90 53.18
CA VAL B 405 36.02 33.28 54.56
C VAL B 405 36.86 32.46 55.53
N GLU B 406 37.05 31.16 55.25
CA GLU B 406 37.98 30.39 56.07
C GLU B 406 39.42 30.88 55.89
N ALA B 407 39.74 31.43 54.72
CA ALA B 407 41.05 32.03 54.51
C ALA B 407 41.16 33.45 55.04
N ASN B 408 40.03 34.15 55.19
CA ASN B 408 40.03 35.55 55.63
C ASN B 408 39.78 35.67 57.14
N GLY B 409 39.97 34.58 57.89
CA GLY B 409 39.83 34.64 59.34
C GLY B 409 38.40 34.88 59.81
N GLY B 410 37.41 34.51 59.01
CA GLY B 410 36.02 34.64 59.40
C GLY B 410 35.37 33.30 59.64
N HIS B 411 34.05 33.25 59.48
CA HIS B 411 33.33 31.99 59.60
C HIS B 411 31.99 32.13 58.88
N PHE B 412 31.48 31.00 58.42
CA PHE B 412 30.18 30.95 57.76
C PHE B 412 29.12 30.52 58.77
N PRO B 413 28.10 31.33 59.07
CA PRO B 413 27.06 30.87 60.00
C PRO B 413 26.30 29.67 59.45
N THR B 414 25.87 28.81 60.37
CA THR B 414 25.23 27.55 59.98
C THR B 414 23.92 27.81 59.23
N ASP B 415 23.19 28.86 59.61
CA ASP B 415 21.94 29.16 58.93
C ASP B 415 22.19 29.47 57.45
N VAL B 416 23.33 30.09 57.14
CA VAL B 416 23.67 30.38 55.75
C VAL B 416 23.77 29.09 54.95
N ASP B 417 24.48 28.10 55.50
CA ASP B 417 24.61 26.82 54.81
C ASP B 417 23.28 26.08 54.73
N GLN B 418 22.46 26.19 55.78
CA GLN B 418 21.15 25.55 55.73
C GLN B 418 20.29 26.14 54.64
N LYS B 419 20.31 27.46 54.51
CA LYS B 419 19.59 28.12 53.42
C LYS B 419 20.20 27.76 52.06
N VAL B 420 21.52 27.58 52.00
CA VAL B 420 22.15 27.13 50.76
C VAL B 420 21.62 25.74 50.40
N ASP B 421 21.45 24.88 51.39
CA ASP B 421 20.85 23.58 51.14
C ASP B 421 19.41 23.73 50.68
N GLN B 422 18.70 24.72 51.19
CA GLN B 422 17.35 24.99 50.70
C GLN B 422 17.38 25.36 49.23
N VAL B 423 18.34 26.20 48.83
CA VAL B 423 18.47 26.55 47.42
C VAL B 423 18.83 25.30 46.60
N ALA B 424 19.63 24.41 47.17
CA ALA B 424 19.93 23.16 46.49
C ALA B 424 18.66 22.33 46.31
N ARG B 425 17.76 22.38 47.29
CA ARG B 425 16.46 21.74 47.13
C ARG B 425 15.66 22.40 46.02
N GLN B 426 15.81 23.72 45.88
CA GLN B 426 15.08 24.43 44.83
C GLN B 426 15.56 24.04 43.44
N GLY B 427 16.78 23.52 43.33
CA GLY B 427 17.33 23.16 42.05
C GLY B 427 18.17 24.24 41.40
N ALA B 428 18.39 25.36 42.08
CA ALA B 428 19.14 26.49 41.54
C ALA B 428 20.54 26.50 42.11
N THR B 429 21.51 26.81 41.25
CA THR B 429 22.88 26.96 41.71
C THR B 429 22.96 28.20 42.61
N PRO B 430 23.36 28.08 43.88
CA PRO B 430 23.32 29.26 44.76
C PRO B 430 24.59 30.09 44.66
N LEU B 431 24.40 31.40 44.59
CA LEU B 431 25.48 32.37 44.67
C LEU B 431 25.42 33.04 46.03
N VAL B 432 26.59 33.40 46.55
CA VAL B 432 26.72 33.92 47.91
C VAL B 432 27.38 35.29 47.85
N VAL B 433 26.95 36.16 48.76
CA VAL B 433 27.54 37.47 48.95
C VAL B 433 28.07 37.58 50.36
N VAL B 434 29.26 38.16 50.51
CA VAL B 434 29.94 38.29 51.79
C VAL B 434 30.41 39.72 51.93
N GLU B 435 30.10 40.33 53.07
CA GLU B 435 30.50 41.70 53.39
C GLU B 435 31.63 41.66 54.41
N GLY B 436 32.81 42.15 54.02
CA GLY B 436 33.95 42.11 54.89
C GLY B 436 34.42 40.69 55.09
N SER B 437 34.09 40.14 56.26
CA SER B 437 34.41 38.76 56.57
C SER B 437 33.20 38.00 57.09
N ARG B 438 32.02 38.62 57.11
CA ARG B 438 30.78 38.00 57.56
C ARG B 438 29.86 37.87 56.35
N VAL B 439 29.27 36.70 56.17
CA VAL B 439 28.46 36.45 54.99
C VAL B 439 27.22 37.33 55.03
N LEU B 440 26.87 37.92 53.89
CA LEU B 440 25.68 38.77 53.82
C LEU B 440 24.45 38.00 53.38
N GLY B 441 24.60 37.01 52.51
CA GLY B 441 23.48 36.20 52.12
C GLY B 441 23.79 35.44 50.85
N VAL B 442 22.79 34.69 50.40
CA VAL B 442 22.86 33.91 49.17
C VAL B 442 21.66 34.30 48.31
N ILE B 443 21.89 34.36 47.00
CA ILE B 443 20.85 34.67 46.03
C ILE B 443 20.69 33.47 45.10
N ALA B 444 19.46 33.04 44.89
CA ALA B 444 19.17 31.87 44.07
C ALA B 444 19.06 32.32 42.61
N LEU B 445 19.87 31.72 41.75
CA LEU B 445 19.96 32.10 40.34
C LEU B 445 19.52 30.90 39.50
N LYS B 446 18.24 30.85 39.15
CA LYS B 446 17.71 29.78 38.32
C LYS B 446 17.80 30.18 36.85
N ASP B 447 18.22 29.23 36.02
CA ASP B 447 18.42 29.52 34.61
C ASP B 447 17.11 29.42 33.84
N ILE B 448 16.95 30.30 32.89
CA ILE B 448 15.71 30.42 32.14
C ILE B 448 15.82 29.56 30.89
N VAL B 449 14.69 28.99 30.49
CA VAL B 449 14.57 28.37 29.17
C VAL B 449 14.51 29.51 28.16
N LYS B 450 14.67 29.18 26.87
CA LYS B 450 14.74 30.25 25.85
C LYS B 450 13.50 31.10 25.83
N GLY B 451 12.38 30.61 26.35
CA GLY B 451 11.18 31.40 26.46
C GLY B 451 10.16 31.05 25.40
N GLY B 452 10.63 30.85 24.17
CA GLY B 452 9.75 30.50 23.07
C GLY B 452 10.08 29.15 22.49
N ILE B 453 10.41 28.20 23.35
CA ILE B 453 10.83 26.88 22.90
C ILE B 453 9.93 25.76 23.40
N LYS B 454 9.21 25.94 24.51
CA LYS B 454 8.31 24.88 24.95
C LYS B 454 7.29 24.57 23.87
N GLU B 455 6.84 25.60 23.15
CA GLU B 455 5.85 25.37 22.10
C GLU B 455 6.44 24.56 20.96
N ARG B 456 7.67 24.89 20.53
CA ARG B 456 8.27 24.14 19.42
C ARG B 456 8.51 22.70 19.83
N PHE B 457 8.93 22.48 21.07
CA PHE B 457 9.06 21.10 21.53
C PHE B 457 7.72 20.40 21.59
N ALA B 458 6.66 21.12 21.94
CA ALA B 458 5.33 20.51 21.92
C ALA B 458 4.96 20.09 20.50
N GLN B 459 5.20 20.98 19.54
CA GLN B 459 4.92 20.63 18.15
C GLN B 459 5.71 19.40 17.73
N LEU B 460 6.99 19.36 18.06
CA LEU B 460 7.79 18.18 17.75
C LEU B 460 7.21 16.95 18.42
N ARG B 461 6.82 17.08 19.69
CA ARG B 461 6.20 15.97 20.39
C ARG B 461 5.00 15.47 19.64
N LYS B 462 4.25 16.37 19.04
CA LYS B 462 3.10 15.96 18.23
C LYS B 462 3.57 15.20 17.00
N MET B 463 4.55 15.75 16.28
CA MET B 463 5.04 15.05 15.10
C MET B 463 5.60 13.68 15.44
N GLY B 464 6.13 13.51 16.65
CA GLY B 464 6.66 12.23 17.09
C GLY B 464 8.14 12.25 17.33
N ILE B 465 8.67 13.42 17.66
CA ILE B 465 10.10 13.63 17.87
C ILE B 465 10.27 13.99 19.33
N LYS B 466 10.65 13.01 20.15
CA LYS B 466 10.79 13.23 21.58
C LYS B 466 12.10 13.97 21.83
N THR B 467 12.00 15.25 22.17
CA THR B 467 13.17 16.02 22.55
C THR B 467 13.87 15.35 23.72
N VAL B 468 15.15 15.66 23.89
CA VAL B 468 15.93 15.09 24.98
C VAL B 468 16.99 16.07 25.43
N MET B 469 16.95 16.45 26.70
CA MET B 469 17.94 17.36 27.22
C MET B 469 19.18 16.57 27.63
N ILE B 470 20.34 17.24 27.60
CA ILE B 470 21.60 16.67 28.03
C ILE B 470 22.34 17.77 28.77
N THR B 471 22.42 17.67 30.10
CA THR B 471 23.01 18.72 30.90
C THR B 471 24.08 18.13 31.80
N GLY B 472 24.95 19.02 32.29
CA GLY B 472 25.99 18.63 33.21
C GLY B 472 25.64 18.72 34.68
N ASP B 473 24.42 19.12 35.03
CA ASP B 473 24.04 19.28 36.42
C ASP B 473 23.59 17.94 36.98
N ASN B 474 23.06 17.95 38.21
CA ASN B 474 22.60 16.75 38.86
C ASN B 474 21.17 16.40 38.43
N ARG B 475 20.72 15.21 38.83
CA ARG B 475 19.45 14.66 38.38
C ARG B 475 18.25 15.25 39.11
N LEU B 476 18.43 16.33 39.87
CA LEU B 476 17.32 17.12 40.39
C LEU B 476 17.14 18.41 39.61
N THR B 477 18.20 19.21 39.49
CA THR B 477 18.09 20.45 38.72
C THR B 477 17.81 20.13 37.26
N ALA B 478 18.38 19.04 36.75
CA ALA B 478 18.15 18.69 35.37
C ALA B 478 16.69 18.35 35.12
N ALA B 479 16.06 17.65 36.05
CA ALA B 479 14.62 17.40 35.95
C ALA B 479 13.84 18.69 36.02
N ALA B 480 14.21 19.57 36.96
CA ALA B 480 13.57 20.87 37.08
C ALA B 480 13.57 21.58 35.73
N ILE B 481 14.75 21.78 35.16
CA ILE B 481 14.85 22.48 33.88
C ILE B 481 14.11 21.72 32.80
N ALA B 482 14.12 20.39 32.84
CA ALA B 482 13.39 19.61 31.85
C ALA B 482 11.92 19.98 31.84
N ALA B 483 11.26 19.81 32.98
CA ALA B 483 9.86 20.22 33.09
C ALA B 483 9.68 21.69 32.74
N GLU B 484 10.69 22.51 33.03
CA GLU B 484 10.58 23.92 32.74
C GLU B 484 10.57 24.18 31.23
N ALA B 485 11.25 23.34 30.47
CA ALA B 485 11.40 23.60 29.04
C ALA B 485 10.33 22.91 28.20
N GLY B 486 9.96 21.69 28.57
CA GLY B 486 9.03 20.91 27.77
C GLY B 486 9.75 19.84 27.01
N VAL B 487 10.73 19.22 27.64
CA VAL B 487 11.49 18.14 27.07
C VAL B 487 10.99 16.85 27.69
N ASP B 488 11.47 15.72 27.18
CA ASP B 488 11.02 14.42 27.68
C ASP B 488 12.07 13.74 28.55
N ASP B 489 13.24 13.43 28.01
CA ASP B 489 14.28 12.73 28.75
C ASP B 489 15.48 13.65 28.98
N PHE B 490 16.01 13.60 30.18
CA PHE B 490 17.07 14.49 30.62
C PHE B 490 18.19 13.68 31.24
N LEU B 491 19.42 14.14 31.07
CA LEU B 491 20.59 13.50 31.63
C LEU B 491 21.32 14.44 32.55
N ALA B 492 21.81 13.92 33.67
CA ALA B 492 22.56 14.67 34.65
C ALA B 492 24.03 14.31 34.58
N GLU B 493 24.89 15.31 34.79
CA GLU B 493 26.33 15.12 34.72
C GLU B 493 26.72 14.49 33.38
N ALA B 494 26.23 15.09 32.31
CA ALA B 494 26.44 14.54 30.99
C ALA B 494 27.92 14.41 30.69
N THR B 495 28.38 13.18 30.53
CA THR B 495 29.75 12.91 30.14
C THR B 495 29.76 12.26 28.77
N PRO B 496 30.66 12.68 27.87
CA PRO B 496 30.54 12.29 26.45
C PRO B 496 30.33 10.80 26.24
N GLU B 497 31.06 9.95 26.95
CA GLU B 497 30.88 8.52 26.78
C GLU B 497 29.46 8.11 27.17
N ALA B 498 28.90 8.74 28.20
CA ALA B 498 27.52 8.45 28.57
C ALA B 498 26.57 8.92 27.49
N LYS B 499 26.90 10.04 26.85
CA LYS B 499 26.10 10.52 25.74
C LYS B 499 26.09 9.49 24.62
N LEU B 500 27.27 8.96 24.29
CA LEU B 500 27.35 7.91 23.27
C LEU B 500 26.55 6.69 23.68
N ALA B 501 26.60 6.32 24.96
CA ALA B 501 25.83 5.17 25.43
C ALA B 501 24.34 5.40 25.22
N LEU B 502 23.86 6.59 25.57
CA LEU B 502 22.45 6.90 25.35
C LEU B 502 22.11 6.87 23.87
N ILE B 503 23.03 7.36 23.03
CA ILE B 503 22.79 7.36 21.59
C ILE B 503 22.59 5.93 21.10
N ARG B 504 23.50 5.04 21.47
CA ARG B 504 23.34 3.65 21.04
C ARG B 504 22.09 3.02 21.64
N GLN B 505 21.71 3.43 22.86
CA GLN B 505 20.48 2.92 23.43
C GLN B 505 19.29 3.31 22.58
N TYR B 506 19.24 4.57 22.15
CA TYR B 506 18.11 5.02 21.35
C TYR B 506 18.18 4.49 19.93
N GLN B 507 19.37 4.15 19.45
CA GLN B 507 19.47 3.57 18.12
C GLN B 507 19.04 2.11 18.13
N ALA B 508 19.31 1.40 19.23
CA ALA B 508 18.96 -0.01 19.30
C ALA B 508 17.46 -0.21 19.14
N GLU B 509 16.66 0.71 19.69
CA GLU B 509 15.23 0.62 19.52
C GLU B 509 14.78 0.81 18.08
N GLY B 510 15.69 1.20 17.19
CA GLY B 510 15.37 1.54 15.82
C GLY B 510 15.24 3.03 15.57
N ARG B 511 15.05 3.81 16.64
CA ARG B 511 14.90 5.25 16.50
C ARG B 511 16.19 5.88 16.04
N LEU B 512 16.09 6.79 15.07
CA LEU B 512 17.25 7.60 14.70
C LEU B 512 17.45 8.70 15.72
N VAL B 513 18.69 9.16 15.82
CA VAL B 513 19.08 10.16 16.80
C VAL B 513 19.64 11.37 16.08
N ALA B 514 19.21 12.55 16.51
CA ALA B 514 19.74 13.81 16.00
C ALA B 514 20.57 14.47 17.09
N MET B 515 21.59 15.23 16.69
CA MET B 515 22.51 15.73 17.69
C MET B 515 23.22 16.97 17.17
N THR B 516 23.59 17.84 18.10
CA THR B 516 24.44 18.98 17.78
C THR B 516 25.60 18.96 18.75
N GLY B 517 26.80 18.72 18.25
CA GLY B 517 27.95 18.76 19.13
C GLY B 517 29.22 19.22 18.46
N ASP B 518 29.77 20.33 18.95
CA ASP B 518 31.07 20.81 18.52
C ASP B 518 32.15 20.21 19.39
N GLY B 519 33.39 20.37 18.94
CA GLY B 519 34.52 19.93 19.74
C GLY B 519 34.76 18.45 19.57
N THR B 520 36.03 18.04 19.59
CA THR B 520 36.33 16.62 19.43
C THR B 520 35.74 15.78 20.55
N ASN B 521 35.49 16.37 21.71
CA ASN B 521 34.96 15.60 22.84
C ASN B 521 33.67 14.88 22.47
N ASP B 522 32.89 15.44 21.55
CA ASP B 522 31.66 14.81 21.09
C ASP B 522 31.82 14.16 19.72
N ALA B 523 33.02 14.17 19.14
CA ALA B 523 33.24 13.56 17.84
C ALA B 523 32.72 12.12 17.75
N PRO B 524 33.07 11.21 18.66
CA PRO B 524 32.60 9.82 18.48
C PRO B 524 31.10 9.71 18.52
N ALA B 525 30.45 10.47 19.40
CA ALA B 525 28.99 10.48 19.42
C ALA B 525 28.45 10.97 18.07
N LEU B 526 28.98 12.11 17.60
CA LEU B 526 28.53 12.65 16.31
C LEU B 526 28.61 11.58 15.22
N ALA B 527 29.78 10.96 15.08
CA ALA B 527 29.91 9.93 14.06
C ALA B 527 28.90 8.81 14.29
N GLN B 528 28.68 8.44 15.56
CA GLN B 528 27.69 7.43 15.87
C GLN B 528 26.29 7.95 15.66
N ALA B 529 26.10 9.25 15.80
CA ALA B 529 24.77 9.82 15.62
C ALA B 529 24.34 9.69 14.16
N ASP B 530 23.05 9.81 13.94
CA ASP B 530 22.48 9.63 12.61
C ASP B 530 22.36 10.94 11.85
N VAL B 531 21.94 11.99 12.54
CA VAL B 531 21.89 13.34 11.97
C VAL B 531 22.69 14.22 12.92
N ALA B 532 23.96 14.40 12.63
CA ALA B 532 24.90 15.06 13.52
C ALA B 532 25.20 16.44 12.96
N VAL B 533 24.47 17.44 13.44
CA VAL B 533 24.73 18.80 13.01
C VAL B 533 25.95 19.30 13.77
N ALA B 534 27.12 19.02 13.23
CA ALA B 534 28.35 19.51 13.83
C ALA B 534 28.39 21.02 13.71
N MET B 535 28.37 21.70 14.85
CA MET B 535 28.31 23.16 14.82
C MET B 535 29.59 23.71 14.22
N ASN B 536 29.48 24.82 13.51
CA ASN B 536 30.62 25.40 12.81
C ASN B 536 31.45 26.30 13.68
N SER B 537 31.43 26.11 14.99
CA SER B 537 32.38 26.74 15.87
C SER B 537 33.41 25.77 16.40
N GLY B 538 33.21 24.46 16.20
CA GLY B 538 34.06 23.46 16.77
C GLY B 538 35.26 23.16 15.91
N THR B 539 36.04 22.19 16.38
CA THR B 539 37.24 21.79 15.68
C THR B 539 36.90 21.13 14.35
N GLN B 540 37.84 21.26 13.40
CA GLN B 540 37.67 20.57 12.13
C GLN B 540 37.53 19.08 12.33
N ALA B 541 38.13 18.53 13.38
CA ALA B 541 37.95 17.11 13.66
C ALA B 541 36.50 16.80 13.98
N ALA B 542 35.77 17.77 14.56
CA ALA B 542 34.37 17.56 14.83
C ALA B 542 33.51 17.80 13.59
N LYS B 543 33.84 18.83 12.81
CA LYS B 543 33.08 19.09 11.60
C LYS B 543 33.20 17.90 10.65
N GLU B 544 34.38 17.30 10.58
CA GLU B 544 34.59 16.20 9.67
C GLU B 544 33.80 14.96 10.06
N ALA B 545 33.42 14.83 11.34
CA ALA B 545 32.49 13.78 11.72
C ALA B 545 31.28 13.82 10.78
N GLY B 546 30.68 14.99 10.67
CA GLY B 546 29.86 15.26 9.51
C GLY B 546 28.41 14.83 9.61
N ASN B 547 27.86 14.54 8.44
CA ASN B 547 26.46 14.21 8.22
C ASN B 547 25.62 15.48 8.16
N MET B 548 26.13 16.59 8.68
CA MET B 548 25.57 17.93 8.59
C MET B 548 26.69 18.86 9.03
N VAL B 549 26.63 20.10 8.58
CA VAL B 549 27.51 21.13 9.09
C VAL B 549 26.73 22.42 9.15
N ASP B 550 26.69 23.04 10.31
CA ASP B 550 25.93 24.27 10.45
C ASP B 550 26.79 25.43 9.99
N LEU B 551 26.19 26.62 9.96
CA LEU B 551 26.96 27.86 9.81
C LEU B 551 26.54 28.98 10.73
N ASP B 552 25.31 28.98 11.24
CA ASP B 552 24.86 30.03 12.16
C ASP B 552 25.22 29.73 13.59
N SER B 553 25.73 28.53 13.87
CA SER B 553 26.06 28.12 15.23
C SER B 553 24.88 28.33 16.17
N ASN B 554 23.72 27.88 15.73
CA ASN B 554 22.50 27.90 16.54
C ASN B 554 22.05 26.47 16.74
N PRO B 555 22.22 25.85 17.90
CA PRO B 555 21.87 24.43 18.03
C PRO B 555 20.42 24.15 17.81
N THR B 556 19.55 25.16 17.94
CA THR B 556 18.15 24.96 17.60
C THR B 556 17.94 24.66 16.13
N LYS B 557 18.88 25.03 15.26
CA LYS B 557 18.73 24.82 13.83
C LYS B 557 18.37 23.41 13.48
N LEU B 558 18.70 22.45 14.34
CA LEU B 558 18.32 21.09 14.05
C LEU B 558 16.82 20.96 13.86
N ILE B 559 16.05 21.74 14.61
CA ILE B 559 14.60 21.71 14.43
C ILE B 559 14.23 22.07 12.99
N GLU B 560 14.84 23.13 12.47
CA GLU B 560 14.57 23.50 11.09
C GLU B 560 15.05 22.43 10.13
N VAL B 561 16.16 21.76 10.45
CA VAL B 561 16.59 20.70 9.56
C VAL B 561 15.58 19.56 9.56
N VAL B 562 14.84 19.40 10.65
CA VAL B 562 13.81 18.37 10.63
C VAL B 562 12.58 18.84 9.88
N HIS B 563 12.25 20.13 9.99
CA HIS B 563 11.15 20.63 9.18
C HIS B 563 11.47 20.47 7.71
N ILE B 564 12.69 20.76 7.30
CA ILE B 564 13.03 20.61 5.88
C ILE B 564 13.01 19.16 5.46
N GLY B 565 13.46 18.26 6.33
CA GLY B 565 13.41 16.85 5.99
C GLY B 565 11.99 16.39 5.74
N LYS B 566 11.11 16.63 6.69
CA LYS B 566 9.74 16.20 6.48
C LYS B 566 9.04 17.01 5.40
N GLN B 567 9.49 18.21 5.09
CA GLN B 567 8.90 18.91 3.94
C GLN B 567 9.23 18.18 2.67
N MET B 568 10.48 17.76 2.53
CA MET B 568 10.87 17.09 1.31
C MET B 568 10.11 15.78 1.15
N LEU B 569 10.02 14.99 2.23
CA LEU B 569 9.27 13.74 2.11
C LEU B 569 7.78 13.99 1.86
N MET B 570 7.21 15.00 2.51
CA MET B 570 5.81 15.29 2.27
C MET B 570 5.58 15.70 0.83
N THR B 571 6.50 16.46 0.26
CA THR B 571 6.35 16.85 -1.14
C THR B 571 6.31 15.62 -2.02
N ARG B 572 7.25 14.69 -1.81
CA ARG B 572 7.28 13.49 -2.63
C ARG B 572 5.96 12.75 -2.54
N GLY B 573 5.54 12.43 -1.33
CA GLY B 573 4.31 11.67 -1.16
C GLY B 573 3.11 12.40 -1.72
N SER B 574 3.00 13.68 -1.39
CA SER B 574 1.83 14.45 -1.78
C SER B 574 1.69 14.49 -3.29
N LEU B 575 2.77 14.76 -4.00
CA LEU B 575 2.67 14.79 -5.45
C LEU B 575 2.44 13.40 -6.02
N THR B 576 2.96 12.36 -5.37
CA THR B 576 2.65 11.01 -5.82
C THR B 576 1.16 10.78 -5.84
N THR B 577 0.50 11.01 -4.71
CA THR B 577 -0.96 10.89 -4.67
C THR B 577 -1.61 11.80 -5.70
N PHE B 578 -1.09 13.01 -5.86
CA PHE B 578 -1.68 13.93 -6.83
C PHE B 578 -1.67 13.33 -8.24
N SER B 579 -0.61 12.61 -8.57
CA SER B 579 -0.46 12.02 -9.90
C SER B 579 -1.34 10.78 -10.08
N ILE B 580 -1.33 9.90 -9.07
CA ILE B 580 -2.15 8.70 -9.21
C ILE B 580 -3.58 9.14 -9.37
N ALA B 581 -4.04 10.01 -8.47
CA ALA B 581 -5.42 10.40 -8.52
C ALA B 581 -5.71 11.00 -9.90
N ASN B 582 -4.84 11.93 -10.33
CA ASN B 582 -4.94 12.64 -11.61
C ASN B 582 -5.34 11.77 -12.77
N ASP B 583 -5.00 10.51 -12.65
CA ASP B 583 -5.33 9.58 -13.74
C ASP B 583 -6.82 9.30 -13.83
N VAL B 584 -7.54 9.39 -12.71
CA VAL B 584 -8.98 9.09 -12.73
C VAL B 584 -9.70 10.03 -13.67
N ALA B 585 -9.32 11.29 -13.67
CA ALA B 585 -9.99 12.24 -14.55
C ALA B 585 -9.45 12.18 -15.96
N LYS B 586 -8.20 11.80 -16.11
CA LYS B 586 -7.71 11.68 -17.47
C LYS B 586 -8.39 10.52 -18.20
N TYR B 587 -8.83 9.50 -17.46
CA TYR B 587 -9.61 8.45 -18.10
C TYR B 587 -10.93 8.96 -18.65
N PHE B 588 -11.62 9.83 -17.92
CA PHE B 588 -12.90 10.31 -18.44
C PHE B 588 -12.71 11.31 -19.54
N ALA B 589 -11.53 11.88 -19.67
CA ALA B 589 -11.31 12.78 -20.80
C ALA B 589 -10.86 12.05 -22.05
N ILE B 590 -10.18 10.92 -21.90
CA ILE B 590 -9.58 10.23 -23.05
C ILE B 590 -10.40 9.03 -23.51
N ILE B 591 -10.89 8.20 -22.61
CA ILE B 591 -11.53 6.95 -23.02
C ILE B 591 -12.74 7.25 -23.89
N PRO B 592 -13.73 8.03 -23.44
CA PRO B 592 -14.90 8.23 -24.29
C PRO B 592 -14.64 9.09 -25.49
N ALA B 593 -13.49 9.75 -25.56
CA ALA B 593 -13.15 10.54 -26.74
C ALA B 593 -12.06 9.89 -27.57
N ALA B 594 -11.59 8.71 -27.19
CA ALA B 594 -10.76 7.89 -28.05
C ALA B 594 -11.58 6.87 -28.82
N PHE B 595 -12.63 6.34 -28.19
CA PHE B 595 -13.51 5.34 -28.79
C PHE B 595 -14.80 5.94 -29.30
N ALA B 596 -14.85 7.23 -29.53
CA ALA B 596 -16.09 7.82 -30.00
C ALA B 596 -16.36 7.54 -31.45
N ALA B 597 -15.57 6.70 -32.10
CA ALA B 597 -15.83 6.25 -33.45
C ALA B 597 -15.88 4.74 -33.56
N THR B 598 -15.19 4.02 -32.68
CA THR B 598 -15.32 2.56 -32.63
C THR B 598 -16.62 2.17 -31.95
N TYR B 599 -16.79 2.59 -30.70
CA TYR B 599 -17.99 2.35 -29.91
C TYR B 599 -18.71 3.66 -29.70
N PRO B 600 -19.58 4.09 -30.61
CA PRO B 600 -20.38 5.30 -30.35
C PRO B 600 -21.02 5.31 -28.99
N GLN B 601 -21.34 4.12 -28.47
CA GLN B 601 -22.07 4.00 -27.22
C GLN B 601 -21.40 4.68 -26.06
N LEU B 602 -20.11 5.01 -26.18
CA LEU B 602 -19.33 5.48 -25.05
C LEU B 602 -19.28 6.99 -24.98
N ASN B 603 -20.16 7.69 -25.68
CA ASN B 603 -20.19 9.12 -25.51
C ASN B 603 -20.76 9.51 -24.15
N ALA B 604 -21.47 8.61 -23.50
CA ALA B 604 -22.08 8.96 -22.24
C ALA B 604 -21.06 9.13 -21.13
N LEU B 605 -19.84 8.61 -21.29
CA LEU B 605 -18.84 8.86 -20.26
C LEU B 605 -18.16 10.20 -20.45
N ASN B 606 -18.40 10.89 -21.55
CA ASN B 606 -17.75 12.17 -21.79
C ASN B 606 -18.38 13.24 -20.90
N ILE B 607 -18.24 13.05 -19.59
CA ILE B 607 -19.00 13.86 -18.64
C ILE B 607 -18.57 15.31 -18.72
N MET B 608 -17.28 15.57 -18.89
CA MET B 608 -16.83 16.95 -19.00
C MET B 608 -17.43 17.67 -20.20
N CYS B 609 -18.12 16.96 -21.09
CA CYS B 609 -18.73 17.55 -22.27
C CYS B 609 -17.65 18.17 -23.14
N LEU B 610 -16.51 17.49 -23.24
CA LEU B 610 -15.45 17.99 -24.08
C LEU B 610 -15.94 18.11 -25.51
N HIS B 611 -15.28 18.98 -26.28
CA HIS B 611 -15.83 19.39 -27.55
C HIS B 611 -15.84 18.24 -28.55
N SER B 612 -14.68 17.72 -28.90
CA SER B 612 -14.59 16.71 -29.94
C SER B 612 -13.46 15.76 -29.56
N PRO B 613 -13.56 14.48 -29.95
CA PRO B 613 -12.48 13.52 -29.64
C PRO B 613 -11.07 14.07 -29.81
N ASP B 614 -10.80 14.61 -30.99
CA ASP B 614 -9.47 15.14 -31.26
C ASP B 614 -9.14 16.23 -30.24
N SER B 615 -10.07 17.14 -30.00
CA SER B 615 -9.83 18.17 -29.01
C SER B 615 -9.72 17.57 -27.61
N ALA B 616 -10.43 16.49 -27.34
CA ALA B 616 -10.35 15.93 -26.00
C ALA B 616 -8.97 15.40 -25.70
N ILE B 617 -8.36 14.69 -26.65
CA ILE B 617 -7.06 14.12 -26.35
C ILE B 617 -5.99 15.19 -26.40
N LEU B 618 -6.14 16.15 -27.32
CA LEU B 618 -5.16 17.21 -27.34
C LEU B 618 -5.21 18.00 -26.05
N SER B 619 -6.40 18.12 -25.46
CA SER B 619 -6.54 18.85 -24.22
C SER B 619 -6.04 18.06 -23.03
N ALA B 620 -6.26 16.77 -23.00
CA ALA B 620 -5.71 16.00 -21.89
C ALA B 620 -4.19 16.07 -21.89
N VAL B 621 -3.56 15.93 -23.05
CA VAL B 621 -2.10 16.01 -23.08
C VAL B 621 -1.63 17.41 -22.70
N ILE B 622 -2.31 18.45 -23.19
CA ILE B 622 -1.89 19.79 -22.81
C ILE B 622 -1.99 19.96 -21.32
N PHE B 623 -3.05 19.48 -20.69
CA PHE B 623 -3.12 19.64 -19.26
C PHE B 623 -2.00 18.87 -18.58
N ASN B 624 -1.55 17.77 -19.17
CA ASN B 624 -0.47 16.98 -18.60
C ASN B 624 0.82 17.81 -18.51
N ALA B 625 1.12 18.49 -19.59
CA ALA B 625 2.32 19.31 -19.62
C ALA B 625 2.15 20.55 -18.74
N LEU B 626 1.00 21.19 -18.78
CA LEU B 626 0.86 22.38 -17.96
C LEU B 626 0.81 22.03 -16.49
N ILE B 627 0.40 20.83 -16.10
CA ILE B 627 0.50 20.51 -14.69
C ILE B 627 1.96 20.40 -14.30
N ILE B 628 2.79 19.79 -15.15
CA ILE B 628 4.18 19.67 -14.72
C ILE B 628 4.84 21.03 -14.58
N VAL B 629 4.38 22.03 -15.34
CA VAL B 629 5.02 23.35 -15.19
C VAL B 629 4.29 24.26 -14.22
N PHE B 630 3.04 23.95 -13.87
CA PHE B 630 2.37 24.71 -12.81
C PHE B 630 2.80 24.26 -11.44
N LEU B 631 3.16 22.99 -11.28
CA LEU B 631 3.54 22.48 -9.97
C LEU B 631 5.02 22.64 -9.67
N ILE B 632 5.77 23.32 -10.51
CA ILE B 632 7.17 23.59 -10.15
C ILE B 632 7.20 24.40 -8.87
N PRO B 633 6.65 25.64 -8.80
CA PRO B 633 6.70 26.42 -7.55
C PRO B 633 6.47 25.60 -6.31
N LEU B 634 5.52 24.67 -6.35
CA LEU B 634 5.33 23.83 -5.19
C LEU B 634 6.47 22.83 -5.06
N ALA B 635 6.90 22.22 -6.15
CA ALA B 635 7.98 21.25 -6.03
C ALA B 635 9.32 21.87 -5.71
N LEU B 636 9.43 23.20 -5.64
CA LEU B 636 10.65 23.87 -5.25
C LEU B 636 10.56 24.62 -3.94
N LYS B 637 9.38 25.12 -3.58
CA LYS B 637 9.17 25.74 -2.28
C LYS B 637 8.55 24.76 -1.30
N GLY B 638 8.60 23.46 -1.60
CA GLY B 638 8.15 22.46 -0.67
C GLY B 638 6.68 22.53 -0.34
N VAL B 639 6.16 21.47 0.25
CA VAL B 639 4.76 21.41 0.64
C VAL B 639 4.62 22.02 2.02
N SER B 640 4.06 23.23 2.09
CA SER B 640 3.81 23.86 3.36
C SER B 640 3.07 22.90 4.28
N TYR B 641 3.44 22.89 5.56
CA TYR B 641 2.84 21.94 6.47
C TYR B 641 2.94 22.47 7.89
N LYS B 642 1.84 22.37 8.64
CA LYS B 642 1.90 22.63 10.06
C LYS B 642 2.01 21.33 10.83
N PRO B 643 2.75 21.27 11.91
CA PRO B 643 2.98 19.98 12.56
C PRO B 643 1.75 19.46 13.28
N LEU B 644 0.76 18.98 12.54
CA LEU B 644 -0.35 18.29 13.17
C LEU B 644 0.06 16.87 13.53
N THR B 645 -0.75 16.22 14.35
CA THR B 645 -0.49 14.84 14.71
C THR B 645 -0.56 13.97 13.47
N ALA B 646 0.13 12.83 13.51
CA ALA B 646 0.37 12.06 12.29
C ALA B 646 -0.92 11.74 11.56
N SER B 647 -1.94 11.28 12.27
CA SER B 647 -3.19 10.96 11.59
C SER B 647 -3.83 12.19 10.98
N ALA B 648 -3.81 13.32 11.69
CA ALA B 648 -4.45 14.50 11.15
C ALA B 648 -3.65 15.09 10.00
N MET B 649 -2.33 14.89 9.98
CA MET B 649 -1.59 15.35 8.81
C MET B 649 -1.86 14.45 7.62
N LEU B 650 -2.08 13.16 7.86
CA LEU B 650 -2.54 12.33 6.75
C LEU B 650 -3.87 12.80 6.25
N ARG B 651 -4.73 13.25 7.14
CA ARG B 651 -6.05 13.62 6.69
C ARG B 651 -6.01 14.95 5.96
N ARG B 652 -5.10 15.83 6.34
CA ARG B 652 -5.00 17.08 5.60
C ARG B 652 -4.38 16.85 4.24
N ASN B 653 -3.33 16.03 4.13
CA ASN B 653 -2.75 15.89 2.80
C ASN B 653 -3.54 14.96 1.92
N LEU B 654 -4.36 14.08 2.48
CA LEU B 654 -5.26 13.36 1.61
C LEU B 654 -6.38 14.26 1.15
N TRP B 655 -6.96 15.07 2.03
CA TRP B 655 -8.00 15.95 1.53
C TRP B 655 -7.42 16.86 0.45
N ILE B 656 -6.36 17.59 0.77
CA ILE B 656 -5.87 18.62 -0.13
C ILE B 656 -5.43 18.01 -1.46
N TYR B 657 -4.60 16.97 -1.45
CA TYR B 657 -4.12 16.48 -2.73
C TYR B 657 -4.86 15.26 -3.29
N GLY B 658 -5.67 14.54 -2.52
CA GLY B 658 -6.60 13.63 -3.15
C GLY B 658 -7.63 14.38 -3.95
N LEU B 659 -8.18 15.47 -3.40
CA LEU B 659 -9.10 16.23 -4.22
C LEU B 659 -8.37 17.15 -5.16
N GLY B 660 -7.11 17.45 -4.91
CA GLY B 660 -6.31 17.97 -5.98
C GLY B 660 -6.38 17.03 -7.16
N GLY B 661 -6.13 15.76 -6.91
CA GLY B 661 -5.98 14.85 -8.02
C GLY B 661 -7.26 14.32 -8.59
N LEU B 662 -8.41 14.67 -8.03
CA LEU B 662 -9.69 14.42 -8.70
C LEU B 662 -10.31 15.71 -9.24
N LEU B 663 -10.55 16.70 -8.38
CA LEU B 663 -11.19 17.90 -8.83
C LEU B 663 -10.31 18.86 -9.62
N VAL B 664 -8.99 18.79 -9.56
CA VAL B 664 -8.21 19.77 -10.34
C VAL B 664 -8.16 19.34 -11.79
N PRO B 665 -7.95 18.07 -12.11
CA PRO B 665 -7.96 17.70 -13.53
C PRO B 665 -9.26 17.97 -14.22
N PHE B 666 -10.39 17.82 -13.56
CA PHE B 666 -11.63 18.17 -14.23
C PHE B 666 -11.60 19.62 -14.67
N ILE B 667 -11.29 20.53 -13.74
CA ILE B 667 -11.25 21.94 -14.11
C ILE B 667 -10.17 22.17 -15.15
N GLY B 668 -9.02 21.53 -14.98
CA GLY B 668 -7.93 21.67 -15.91
C GLY B 668 -8.32 21.29 -17.33
N ILE B 669 -8.63 20.02 -17.54
CA ILE B 669 -8.95 19.55 -18.88
C ILE B 669 -10.11 20.32 -19.46
N LYS B 670 -11.11 20.67 -18.64
CA LYS B 670 -12.23 21.32 -19.25
C LYS B 670 -11.91 22.75 -19.63
N VAL B 671 -11.01 23.39 -18.89
CA VAL B 671 -10.64 24.75 -19.25
C VAL B 671 -9.73 24.75 -20.47
N ILE B 672 -8.82 23.80 -20.57
CA ILE B 672 -7.96 23.79 -21.74
C ILE B 672 -8.79 23.48 -22.97
N ASP B 673 -9.75 22.56 -22.84
CA ASP B 673 -10.64 22.24 -23.95
C ASP B 673 -11.48 23.46 -24.32
N LEU B 674 -11.94 24.18 -23.30
CA LEU B 674 -12.75 25.37 -23.52
C LEU B 674 -11.95 26.43 -24.26
N LEU B 675 -10.68 26.58 -23.88
CA LEU B 675 -9.80 27.55 -24.52
C LEU B 675 -9.54 27.17 -25.97
N LEU B 676 -9.26 25.89 -26.21
CA LEU B 676 -8.99 25.43 -27.57
C LEU B 676 -10.18 25.67 -28.46
N THR B 677 -11.39 25.37 -27.97
CA THR B 677 -12.55 25.59 -28.80
C THR B 677 -12.72 27.07 -29.12
N VAL B 678 -12.56 27.93 -28.10
CA VAL B 678 -12.77 29.36 -28.31
C VAL B 678 -11.79 29.89 -29.34
N CYS B 679 -10.51 29.63 -29.14
CA CYS B 679 -9.52 30.11 -30.10
C CYS B 679 -9.81 29.61 -31.50
N GLY B 680 -10.47 28.46 -31.61
CA GLY B 680 -10.86 27.94 -32.91
C GLY B 680 -9.84 27.04 -33.54
N LEU B 681 -9.16 26.22 -32.74
CA LEU B 681 -8.19 25.26 -33.20
C LEU B 681 -8.77 23.85 -33.29
N VAL B 682 -10.04 23.66 -32.97
CA VAL B 682 -10.64 22.35 -33.03
C VAL B 682 -12.13 22.45 -33.37
N LEU C 4 13.70 -34.34 1.36
CA LEU C 4 12.81 -34.94 0.32
C LEU C 4 11.91 -36.03 0.88
N ARG C 5 12.33 -36.64 1.98
CA ARG C 5 11.51 -37.65 2.63
C ARG C 5 10.36 -36.97 3.35
N PRO C 6 10.59 -35.84 4.01
CA PRO C 6 9.43 -35.06 4.47
C PRO C 6 8.48 -34.69 3.37
N ALA C 7 8.94 -34.17 2.25
CA ALA C 7 8.01 -33.74 1.21
C ALA C 7 7.22 -34.92 0.68
N LEU C 8 7.92 -35.98 0.29
CA LEU C 8 7.21 -37.11 -0.27
C LEU C 8 6.26 -37.75 0.74
N SER C 9 6.70 -37.92 1.99
CA SER C 9 5.84 -38.56 2.97
C SER C 9 4.67 -37.66 3.36
N THR C 10 4.89 -36.36 3.51
CA THR C 10 3.77 -35.47 3.77
C THR C 10 2.77 -35.54 2.66
N PHE C 11 3.24 -35.57 1.42
CA PHE C 11 2.27 -35.60 0.36
C PHE C 11 1.53 -36.92 0.33
N ILE C 12 2.22 -38.04 0.49
CA ILE C 12 1.50 -39.30 0.48
C ILE C 12 0.54 -39.36 1.66
N PHE C 13 0.93 -38.80 2.79
CA PHE C 13 0.05 -38.88 3.93
C PHE C 13 -1.17 -38.00 3.76
N LEU C 14 -1.02 -36.82 3.17
CA LEU C 14 -2.22 -36.04 2.94
C LEU C 14 -3.01 -36.60 1.80
N LEU C 15 -2.38 -37.35 0.89
CA LEU C 15 -3.17 -38.03 -0.12
C LEU C 15 -4.05 -39.07 0.54
N LEU C 16 -3.48 -39.88 1.44
CA LEU C 16 -4.34 -40.85 2.11
C LEU C 16 -5.41 -40.16 2.93
N ILE C 17 -5.01 -39.29 3.87
CA ILE C 17 -6.01 -38.77 4.80
C ILE C 17 -7.11 -38.02 4.08
N THR C 18 -6.79 -37.25 3.04
CA THR C 18 -7.87 -36.57 2.36
C THR C 18 -8.47 -37.54 1.34
N GLY C 19 -7.78 -37.82 0.27
CA GLY C 19 -8.38 -38.59 -0.81
C GLY C 19 -8.97 -39.90 -0.37
N GLY C 20 -8.19 -40.77 0.27
CA GLY C 20 -8.71 -42.06 0.67
C GLY C 20 -9.69 -41.98 1.82
N VAL C 21 -9.22 -41.57 2.99
CA VAL C 21 -10.04 -41.70 4.21
C VAL C 21 -11.21 -40.73 4.20
N TYR C 22 -10.98 -39.46 3.88
CA TYR C 22 -12.04 -38.48 4.13
C TYR C 22 -13.27 -38.75 3.27
N PRO C 23 -13.20 -38.92 1.96
CA PRO C 23 -14.33 -39.49 1.24
C PRO C 23 -14.84 -40.78 1.82
N LEU C 24 -14.00 -41.71 2.27
CA LEU C 24 -14.56 -42.94 2.80
C LEU C 24 -15.35 -42.66 4.07
N LEU C 25 -14.89 -41.74 4.91
CA LEU C 25 -15.63 -41.46 6.12
C LEU C 25 -16.93 -40.73 5.82
N THR C 26 -16.87 -39.71 4.97
CA THR C 26 -18.10 -39.02 4.64
C THR C 26 -19.06 -39.94 3.93
N THR C 27 -18.55 -40.89 3.14
CA THR C 27 -19.46 -41.78 2.43
C THR C 27 -20.05 -42.83 3.33
N VAL C 28 -19.35 -43.22 4.38
CA VAL C 28 -19.94 -44.25 5.21
C VAL C 28 -20.86 -43.62 6.22
N LEU C 29 -20.57 -42.41 6.68
CA LEU C 29 -21.57 -41.72 7.48
C LEU C 29 -22.77 -41.34 6.62
N GLY C 30 -22.54 -40.98 5.37
CA GLY C 30 -23.66 -40.66 4.51
C GLY C 30 -24.60 -41.83 4.35
N GLN C 31 -24.05 -43.04 4.16
CA GLN C 31 -24.97 -44.18 4.05
C GLN C 31 -25.38 -44.73 5.40
N TRP C 32 -24.81 -44.25 6.50
CA TRP C 32 -25.24 -44.68 7.83
C TRP C 32 -26.46 -43.90 8.27
N TRP C 33 -26.42 -42.59 8.06
CA TRP C 33 -27.44 -41.70 8.59
C TRP C 33 -28.51 -41.35 7.58
N PHE C 34 -28.11 -40.91 6.39
CA PHE C 34 -29.03 -40.36 5.39
C PHE C 34 -29.01 -41.23 4.13
N PRO C 35 -29.60 -42.42 4.19
CA PRO C 35 -29.53 -43.30 3.03
C PRO C 35 -30.37 -42.86 1.87
N TRP C 36 -31.25 -41.87 2.03
CA TRP C 36 -32.07 -41.40 0.93
C TRP C 36 -31.52 -40.12 0.32
N GLN C 37 -31.29 -39.10 1.12
CA GLN C 37 -30.71 -37.89 0.57
C GLN C 37 -29.33 -38.15 0.02
N ALA C 38 -28.65 -39.18 0.51
CA ALA C 38 -27.27 -39.41 0.08
C ALA C 38 -27.20 -40.10 -1.26
N ASN C 39 -28.07 -41.07 -1.50
CA ASN C 39 -28.05 -41.84 -2.74
C ASN C 39 -28.71 -41.14 -3.89
N GLY C 40 -28.90 -39.83 -3.80
CA GLY C 40 -29.45 -39.06 -4.89
C GLY C 40 -30.85 -38.60 -4.67
N SER C 41 -31.52 -39.05 -3.61
CA SER C 41 -32.90 -38.69 -3.36
C SER C 41 -33.80 -39.16 -4.50
N LEU C 42 -33.81 -40.46 -4.70
CA LEU C 42 -34.61 -41.03 -5.77
C LEU C 42 -36.06 -41.16 -5.32
N ILE C 43 -36.96 -41.02 -6.29
CA ILE C 43 -38.38 -41.23 -6.06
C ILE C 43 -38.75 -42.54 -6.71
N ARG C 44 -38.69 -43.61 -5.97
CA ARG C 44 -38.98 -44.90 -6.57
C ARG C 44 -40.47 -45.10 -6.69
N GLU C 45 -40.84 -46.06 -7.51
CA GLU C 45 -42.23 -46.48 -7.64
C GLU C 45 -42.20 -47.84 -8.29
N GLY C 46 -42.78 -48.83 -7.63
CA GLY C 46 -42.59 -50.18 -8.08
C GLY C 46 -41.11 -50.48 -8.08
N ASP C 47 -40.50 -50.53 -9.26
CA ASP C 47 -39.07 -50.70 -9.38
C ASP C 47 -38.40 -49.65 -10.25
N THR C 48 -39.15 -48.88 -11.02
CA THR C 48 -38.57 -47.84 -11.85
C THR C 48 -38.30 -46.62 -10.99
N VAL C 49 -37.23 -45.91 -11.32
CA VAL C 49 -36.76 -44.78 -10.55
C VAL C 49 -37.22 -43.53 -11.28
N ARG C 50 -38.38 -42.99 -10.89
CA ARG C 50 -38.95 -41.90 -11.66
C ARG C 50 -38.34 -40.55 -11.34
N GLY C 51 -37.02 -40.46 -11.40
CA GLY C 51 -36.35 -39.19 -11.35
C GLY C 51 -36.21 -38.69 -9.94
N SER C 52 -35.02 -38.28 -9.57
CA SER C 52 -34.80 -37.81 -8.22
C SER C 52 -35.69 -36.63 -7.96
N ALA C 53 -35.94 -36.38 -6.68
CA ALA C 53 -36.74 -35.23 -6.31
C ALA C 53 -35.94 -33.94 -6.33
N LEU C 54 -34.75 -33.95 -6.90
CA LEU C 54 -33.89 -32.78 -6.89
C LEU C 54 -33.52 -32.26 -8.27
N ILE C 55 -33.46 -33.10 -9.29
CA ILE C 55 -32.97 -32.66 -10.59
C ILE C 55 -34.09 -32.39 -11.58
N GLY C 56 -35.34 -32.55 -11.20
CA GLY C 56 -36.40 -32.13 -12.09
C GLY C 56 -36.43 -32.86 -13.41
N GLN C 57 -37.42 -32.59 -14.25
CA GLN C 57 -37.56 -33.31 -15.51
C GLN C 57 -38.10 -32.36 -16.56
N ASN C 58 -38.16 -32.86 -17.79
CA ASN C 58 -38.70 -32.11 -18.91
C ASN C 58 -40.16 -32.44 -19.06
N PHE C 59 -41.01 -31.50 -18.68
CA PHE C 59 -42.45 -31.68 -18.72
C PHE C 59 -43.03 -30.92 -19.88
N THR C 60 -43.79 -31.62 -20.71
CA THR C 60 -44.33 -30.98 -21.90
C THR C 60 -45.76 -31.39 -22.17
N GLY C 61 -46.39 -32.16 -21.29
CA GLY C 61 -47.77 -32.51 -21.53
C GLY C 61 -48.65 -31.28 -21.44
N ASN C 62 -49.95 -31.49 -21.25
CA ASN C 62 -50.86 -30.37 -21.00
C ASN C 62 -51.69 -30.62 -19.76
N GLY C 63 -51.29 -31.54 -18.91
CA GLY C 63 -51.89 -31.72 -17.62
C GLY C 63 -50.79 -31.87 -16.61
N TYR C 64 -49.65 -31.23 -16.91
CA TYR C 64 -48.47 -31.33 -16.09
C TYR C 64 -47.86 -29.95 -15.95
N PHE C 65 -47.54 -29.57 -14.73
CA PHE C 65 -46.92 -28.27 -14.51
C PHE C 65 -45.60 -28.21 -15.26
N HIS C 66 -45.22 -27.01 -15.66
CA HIS C 66 -44.04 -26.80 -16.49
C HIS C 66 -42.95 -26.09 -15.72
N GLY C 67 -41.79 -26.71 -15.64
CA GLY C 67 -40.66 -26.09 -15.02
C GLY C 67 -40.08 -25.01 -15.90
N ARG C 68 -38.95 -24.55 -15.51
CA ARG C 68 -38.33 -23.49 -16.24
C ARG C 68 -37.57 -24.06 -17.44
N PRO C 69 -37.60 -23.41 -18.60
CA PRO C 69 -36.88 -23.93 -19.76
C PRO C 69 -35.43 -24.25 -19.45
N SER C 70 -34.89 -25.20 -20.20
CA SER C 70 -33.67 -25.90 -19.81
C SER C 70 -32.39 -25.33 -20.38
N ALA C 71 -32.26 -25.34 -21.71
CA ALA C 71 -31.01 -25.04 -22.40
C ALA C 71 -29.92 -26.08 -22.16
N THR C 72 -30.27 -27.29 -21.74
CA THR C 72 -29.24 -28.32 -21.60
C THR C 72 -28.69 -28.68 -23.00
N ALA C 73 -27.69 -29.56 -23.03
CA ALA C 73 -26.99 -29.83 -24.29
C ALA C 73 -27.87 -30.54 -25.30
N GLU C 74 -28.29 -31.75 -25.00
CA GLU C 74 -29.25 -32.45 -25.82
C GLU C 74 -30.64 -32.05 -25.31
N MET C 75 -31.65 -32.86 -25.59
CA MET C 75 -33.03 -32.66 -25.18
C MET C 75 -33.11 -31.99 -23.82
N PRO C 76 -34.02 -31.05 -23.61
CA PRO C 76 -34.08 -30.34 -22.33
C PRO C 76 -34.03 -31.25 -21.12
N TYR C 77 -33.54 -30.70 -20.01
CA TYR C 77 -33.44 -31.42 -18.76
C TYR C 77 -32.76 -32.77 -18.96
N ASN C 78 -31.54 -32.70 -19.47
CA ASN C 78 -30.74 -33.88 -19.74
C ASN C 78 -29.55 -33.88 -18.81
N PRO C 79 -29.65 -34.43 -17.61
CA PRO C 79 -28.55 -34.33 -16.65
C PRO C 79 -27.32 -35.14 -17.05
N GLN C 80 -26.80 -34.86 -18.22
CA GLN C 80 -25.47 -35.28 -18.61
C GLN C 80 -24.67 -34.11 -19.10
N ALA C 81 -25.30 -32.98 -19.38
CA ALA C 81 -24.60 -31.74 -19.65
C ALA C 81 -24.92 -30.67 -18.62
N SER C 82 -26.20 -30.47 -18.31
CA SER C 82 -26.59 -29.57 -17.24
C SER C 82 -25.95 -28.20 -17.38
N GLY C 83 -25.67 -27.79 -18.61
CA GLY C 83 -25.22 -26.44 -18.84
C GLY C 83 -26.34 -25.46 -18.59
N GLY C 84 -25.98 -24.20 -18.50
CA GLY C 84 -27.01 -23.20 -18.31
C GLY C 84 -27.53 -22.71 -19.63
N SER C 85 -27.76 -21.41 -19.74
CA SER C 85 -27.97 -20.76 -21.03
C SER C 85 -27.16 -19.48 -20.92
N ASN C 86 -25.92 -19.52 -21.39
CA ASN C 86 -25.04 -18.38 -21.21
C ASN C 86 -25.32 -17.25 -22.16
N LEU C 87 -26.47 -17.23 -22.81
CA LEU C 87 -26.80 -16.12 -23.68
C LEU C 87 -26.89 -14.84 -22.86
N ALA C 88 -26.09 -13.87 -23.22
CA ALA C 88 -26.02 -12.64 -22.45
C ALA C 88 -27.25 -11.81 -22.69
N VAL C 89 -27.28 -10.60 -22.16
CA VAL C 89 -28.41 -9.72 -22.40
C VAL C 89 -28.30 -9.04 -23.75
N SER C 90 -27.08 -8.69 -24.16
CA SER C 90 -26.92 -8.01 -25.44
C SER C 90 -27.26 -8.93 -26.60
N ASN C 91 -26.99 -10.22 -26.46
CA ASN C 91 -27.17 -11.15 -27.56
C ASN C 91 -28.61 -11.19 -28.01
N PRO C 92 -28.95 -10.68 -29.20
CA PRO C 92 -30.35 -10.69 -29.62
C PRO C 92 -30.93 -12.07 -29.72
N GLU C 93 -30.10 -13.11 -29.77
CA GLU C 93 -30.67 -14.45 -29.81
C GLU C 93 -31.43 -14.75 -28.54
N LEU C 94 -31.01 -14.18 -27.42
CA LEU C 94 -31.79 -14.37 -26.20
C LEU C 94 -33.16 -13.73 -26.33
N ASP C 95 -33.22 -12.55 -26.94
CA ASP C 95 -34.53 -11.93 -27.12
C ASP C 95 -35.38 -12.72 -28.09
N LYS C 96 -34.79 -13.34 -29.09
CA LYS C 96 -35.60 -14.14 -30.00
C LYS C 96 -36.13 -15.39 -29.30
N LEU C 97 -35.28 -16.04 -28.50
CA LEU C 97 -35.75 -17.20 -27.76
C LEU C 97 -36.85 -16.83 -26.78
N ILE C 98 -36.68 -15.73 -26.06
CA ILE C 98 -37.72 -15.34 -25.12
C ILE C 98 -39.01 -15.03 -25.85
N ALA C 99 -38.91 -14.43 -27.04
CA ALA C 99 -40.12 -14.17 -27.79
C ALA C 99 -40.83 -15.45 -28.17
N ALA C 100 -40.07 -16.45 -28.62
CA ALA C 100 -40.70 -17.73 -28.98
C ALA C 100 -41.35 -18.38 -27.77
N ARG C 101 -40.64 -18.41 -26.64
CA ARG C 101 -41.21 -19.06 -25.47
C ARG C 101 -42.44 -18.32 -24.99
N VAL C 102 -42.40 -16.99 -24.94
CA VAL C 102 -43.57 -16.26 -24.47
C VAL C 102 -44.74 -16.49 -25.39
N ALA C 103 -44.50 -16.54 -26.70
CA ALA C 103 -45.62 -16.78 -27.59
C ALA C 103 -46.23 -18.15 -27.34
N ALA C 104 -45.38 -19.17 -27.20
CA ALA C 104 -45.90 -20.51 -26.96
C ALA C 104 -46.67 -20.58 -25.65
N LEU C 105 -46.10 -20.00 -24.59
CA LEU C 105 -46.74 -20.03 -23.29
C LEU C 105 -48.07 -19.29 -23.32
N ARG C 106 -48.08 -18.10 -23.90
CA ARG C 106 -49.31 -17.32 -23.93
C ARG C 106 -50.38 -18.05 -24.72
N ALA C 107 -49.99 -18.74 -25.77
CA ALA C 107 -50.96 -19.42 -26.60
C ALA C 107 -51.33 -20.80 -26.07
N ALA C 108 -50.68 -21.29 -25.02
CA ALA C 108 -51.09 -22.52 -24.37
C ALA C 108 -51.94 -22.29 -23.13
N ASN C 109 -51.77 -21.17 -22.42
CA ASN C 109 -52.55 -20.86 -21.23
C ASN C 109 -53.46 -19.68 -21.51
N PRO C 110 -54.63 -19.89 -22.10
CA PRO C 110 -55.43 -18.76 -22.57
C PRO C 110 -56.33 -18.13 -21.53
N ASP C 111 -56.43 -18.69 -20.33
CA ASP C 111 -57.23 -18.07 -19.27
C ASP C 111 -56.40 -17.35 -18.24
N ALA C 112 -55.14 -17.72 -18.06
CA ALA C 112 -54.32 -17.09 -17.05
C ALA C 112 -53.90 -15.72 -17.57
N SER C 113 -53.04 -15.03 -16.82
CA SER C 113 -52.62 -13.70 -17.18
C SER C 113 -52.09 -13.66 -18.60
N ALA C 114 -52.10 -12.48 -19.20
CA ALA C 114 -51.46 -12.28 -20.48
C ALA C 114 -49.96 -12.11 -20.33
N SER C 115 -49.49 -11.76 -19.14
CA SER C 115 -48.09 -11.52 -18.86
C SER C 115 -47.53 -12.74 -18.14
N VAL C 116 -46.66 -13.46 -18.82
CA VAL C 116 -46.14 -14.72 -18.29
C VAL C 116 -45.04 -14.43 -17.29
N PRO C 117 -44.96 -15.13 -16.16
CA PRO C 117 -43.89 -14.83 -15.21
C PRO C 117 -42.54 -15.02 -15.86
N VAL C 118 -41.51 -14.46 -15.23
CA VAL C 118 -40.17 -14.54 -15.82
C VAL C 118 -39.53 -15.87 -15.57
N GLU C 119 -39.95 -16.61 -14.56
CA GLU C 119 -39.34 -17.90 -14.32
C GLU C 119 -39.59 -18.84 -15.48
N LEU C 120 -40.83 -18.92 -15.95
CA LEU C 120 -41.13 -19.82 -17.05
C LEU C 120 -40.49 -19.37 -18.36
N VAL C 121 -40.28 -18.08 -18.55
CA VAL C 121 -39.75 -17.62 -19.83
C VAL C 121 -38.28 -17.95 -19.97
N THR C 122 -37.51 -17.89 -18.90
CA THR C 122 -36.06 -17.93 -19.04
C THR C 122 -35.50 -19.32 -18.78
N ALA C 123 -34.18 -19.42 -18.81
CA ALA C 123 -33.48 -20.67 -18.59
C ALA C 123 -33.14 -20.82 -17.11
N SER C 124 -32.29 -21.79 -16.78
CA SER C 124 -31.85 -21.97 -15.41
C SER C 124 -30.34 -22.11 -15.36
N ALA C 125 -29.76 -21.69 -14.24
CA ALA C 125 -28.33 -21.79 -14.10
C ALA C 125 -27.86 -23.23 -14.19
N SER C 126 -28.70 -24.17 -13.83
CA SER C 126 -28.32 -25.56 -13.89
C SER C 126 -28.80 -26.23 -15.15
N GLY C 127 -29.95 -25.81 -15.66
CA GLY C 127 -30.62 -26.54 -16.69
C GLY C 127 -31.40 -27.72 -16.17
N LEU C 128 -31.10 -28.19 -14.96
CA LEU C 128 -31.87 -29.23 -14.30
C LEU C 128 -32.72 -28.67 -13.19
N ASP C 129 -33.09 -27.41 -13.29
CA ASP C 129 -33.82 -26.79 -12.22
C ASP C 129 -35.20 -27.39 -12.16
N ASN C 130 -35.56 -27.87 -10.99
CA ASN C 130 -36.81 -28.57 -10.82
C ASN C 130 -37.96 -27.66 -10.43
N ASN C 131 -37.68 -26.44 -9.99
CA ASN C 131 -38.61 -25.66 -9.22
C ASN C 131 -39.02 -24.35 -9.87
N ILE C 132 -40.14 -23.81 -9.39
CA ILE C 132 -40.64 -22.52 -9.81
C ILE C 132 -41.36 -21.88 -8.63
N THR C 133 -41.20 -20.57 -8.48
CA THR C 133 -41.80 -19.90 -7.34
C THR C 133 -43.32 -20.07 -7.38
N PRO C 134 -43.98 -20.34 -6.25
CA PRO C 134 -45.42 -20.65 -6.27
C PRO C 134 -46.27 -19.69 -7.07
N GLN C 135 -45.83 -18.45 -7.25
CA GLN C 135 -46.53 -17.57 -8.18
C GLN C 135 -46.62 -18.24 -9.54
N ALA C 136 -45.48 -18.58 -10.12
CA ALA C 136 -45.46 -19.18 -11.45
C ALA C 136 -46.30 -20.44 -11.49
N ALA C 137 -46.19 -21.29 -10.48
CA ALA C 137 -47.01 -22.49 -10.48
C ALA C 137 -48.48 -22.11 -10.42
N ALA C 138 -48.81 -21.05 -9.67
CA ALA C 138 -50.20 -20.63 -9.59
C ALA C 138 -50.69 -20.09 -10.91
N TRP C 139 -49.79 -19.51 -11.70
CA TRP C 139 -50.19 -18.93 -12.97
C TRP C 139 -50.79 -20.00 -13.87
N GLN C 140 -50.24 -21.20 -13.83
CA GLN C 140 -50.67 -22.24 -14.74
C GLN C 140 -52.11 -22.65 -14.50
N ILE C 141 -52.53 -22.66 -13.23
CA ILE C 141 -53.74 -23.31 -12.75
C ILE C 141 -54.92 -23.32 -13.72
N PRO C 142 -55.25 -22.24 -14.43
CA PRO C 142 -56.35 -22.32 -15.39
C PRO C 142 -56.24 -23.51 -16.33
N ARG C 143 -55.12 -23.58 -17.04
CA ARG C 143 -54.93 -24.65 -18.02
C ARG C 143 -55.02 -26.01 -17.35
N VAL C 144 -54.33 -26.19 -16.22
CA VAL C 144 -54.26 -27.50 -15.61
C VAL C 144 -55.63 -27.91 -15.10
N ALA C 145 -56.29 -27.00 -14.39
CA ALA C 145 -57.67 -27.21 -14.01
C ALA C 145 -58.48 -27.73 -15.18
N LYS C 146 -58.37 -27.09 -16.34
CA LYS C 146 -59.15 -27.54 -17.48
C LYS C 146 -58.74 -28.94 -17.90
N ALA C 147 -57.44 -29.17 -18.06
CA ALA C 147 -56.99 -30.44 -18.64
C ALA C 147 -57.27 -31.62 -17.73
N ARG C 148 -57.14 -31.45 -16.42
CA ARG C 148 -57.22 -32.55 -15.48
C ARG C 148 -58.57 -32.65 -14.78
N ASN C 149 -59.53 -31.82 -15.18
CA ASN C 149 -60.84 -31.78 -14.54
C ASN C 149 -60.70 -31.73 -13.02
N LEU C 150 -59.84 -30.83 -12.55
CA LEU C 150 -59.67 -30.58 -11.12
C LEU C 150 -60.05 -29.13 -10.86
N SER C 151 -60.94 -28.92 -9.90
CA SER C 151 -61.31 -27.57 -9.54
C SER C 151 -60.09 -26.80 -9.04
N VAL C 152 -60.24 -25.47 -8.97
CA VAL C 152 -59.10 -24.64 -8.63
C VAL C 152 -58.70 -24.79 -7.17
N GLU C 153 -59.69 -24.89 -6.28
CA GLU C 153 -59.34 -24.88 -4.86
C GLU C 153 -58.45 -26.06 -4.51
N GLN C 154 -58.75 -27.24 -5.05
CA GLN C 154 -57.94 -28.40 -4.67
C GLN C 154 -56.62 -28.39 -5.37
N LEU C 155 -56.54 -27.79 -6.55
CA LEU C 155 -55.24 -27.68 -7.19
C LEU C 155 -54.35 -26.70 -6.45
N THR C 156 -54.91 -25.61 -5.94
CA THR C 156 -54.08 -24.70 -5.17
C THR C 156 -53.69 -25.32 -3.85
N GLN C 157 -54.59 -26.09 -3.25
CA GLN C 157 -54.22 -26.84 -2.06
C GLN C 157 -53.05 -27.74 -2.36
N LEU C 158 -53.06 -28.35 -3.53
CA LEU C 158 -52.01 -29.29 -3.89
C LEU C 158 -50.70 -28.56 -4.11
N ILE C 159 -50.70 -27.38 -4.72
CA ILE C 159 -49.44 -26.64 -4.83
C ILE C 159 -48.94 -26.25 -3.45
N ALA C 160 -49.86 -25.93 -2.54
CA ALA C 160 -49.41 -25.60 -1.20
C ALA C 160 -48.74 -26.78 -0.54
N LYS C 161 -49.30 -27.97 -0.71
CA LYS C 161 -48.76 -29.13 -0.01
C LYS C 161 -47.33 -29.45 -0.45
N TYR C 162 -46.99 -29.18 -1.71
CA TYR C 162 -45.66 -29.51 -2.23
C TYR C 162 -44.75 -28.32 -2.42
N SER C 163 -45.11 -27.16 -1.89
CA SER C 163 -44.20 -26.03 -1.88
C SER C 163 -43.31 -26.11 -0.65
N GLN C 164 -42.18 -25.40 -0.69
CA GLN C 164 -41.15 -25.52 0.34
C GLN C 164 -40.61 -24.13 0.67
N GLN C 165 -41.22 -23.46 1.64
CA GLN C 165 -40.68 -22.18 2.07
C GLN C 165 -39.27 -22.39 2.61
N PRO C 166 -38.35 -21.47 2.40
CA PRO C 166 -37.01 -21.63 2.96
C PRO C 166 -37.02 -21.40 4.45
N LEU C 167 -35.90 -21.59 5.14
CA LEU C 167 -35.87 -21.41 6.59
C LEU C 167 -36.21 -19.99 6.99
N VAL C 168 -35.35 -19.05 6.63
CA VAL C 168 -35.59 -17.63 6.81
C VAL C 168 -36.13 -17.11 5.49
N LYS C 169 -36.91 -16.04 5.56
CA LYS C 169 -37.69 -15.65 4.41
C LYS C 169 -36.87 -15.10 3.25
N TYR C 170 -35.57 -14.88 3.43
CA TYR C 170 -34.76 -14.21 2.42
C TYR C 170 -33.49 -14.95 2.02
N ILE C 171 -33.25 -16.15 2.52
CA ILE C 171 -32.11 -16.93 2.08
C ILE C 171 -32.33 -17.52 0.70
N GLY C 172 -33.57 -17.70 0.29
CA GLY C 172 -33.88 -18.15 -1.04
C GLY C 172 -35.18 -17.51 -1.45
N GLN C 173 -36.13 -18.28 -1.93
CA GLN C 173 -37.47 -17.78 -2.14
C GLN C 173 -38.37 -18.98 -2.25
N PRO C 174 -39.67 -18.84 -1.97
CA PRO C 174 -40.57 -19.99 -1.97
C PRO C 174 -40.39 -20.86 -3.18
N VAL C 175 -40.74 -22.13 -3.10
CA VAL C 175 -40.34 -23.09 -4.11
C VAL C 175 -41.38 -24.17 -4.25
N VAL C 176 -41.85 -24.39 -5.46
CA VAL C 176 -42.65 -25.55 -5.76
C VAL C 176 -41.71 -26.65 -6.24
N ASN C 177 -42.14 -27.89 -6.08
CA ASN C 177 -41.35 -29.06 -6.42
C ASN C 177 -42.06 -29.79 -7.54
N ILE C 178 -41.68 -29.50 -8.77
CA ILE C 178 -42.49 -29.89 -9.91
C ILE C 178 -42.56 -31.40 -10.06
N VAL C 179 -41.47 -32.12 -9.80
CA VAL C 179 -41.51 -33.56 -10.01
C VAL C 179 -42.49 -34.21 -9.04
N GLU C 180 -42.28 -34.03 -7.75
CA GLU C 180 -43.23 -34.57 -6.80
C GLU C 180 -44.61 -34.02 -7.05
N LEU C 181 -44.69 -32.77 -7.50
CA LEU C 181 -46.00 -32.18 -7.73
C LEU C 181 -46.76 -32.94 -8.82
N ASN C 182 -46.14 -33.09 -9.98
CA ASN C 182 -46.82 -33.79 -11.06
C ASN C 182 -47.12 -35.22 -10.70
N LEU C 183 -46.22 -35.86 -9.96
CA LEU C 183 -46.51 -37.22 -9.56
C LEU C 183 -47.73 -37.26 -8.66
N ALA C 184 -47.81 -36.32 -7.72
CA ALA C 184 -49.00 -36.26 -6.88
C ALA C 184 -50.23 -36.02 -7.72
N LEU C 185 -50.10 -35.26 -8.80
CA LEU C 185 -51.26 -35.08 -9.67
C LEU C 185 -51.72 -36.41 -10.24
N ASP C 186 -50.79 -37.14 -10.86
CA ASP C 186 -51.14 -38.43 -11.46
C ASP C 186 -51.78 -39.35 -10.45
N LYS C 187 -51.26 -39.37 -9.22
CA LYS C 187 -51.91 -40.15 -8.18
C LYS C 187 -53.32 -39.64 -7.96
N LEU C 188 -53.46 -38.32 -7.80
CA LEU C 188 -54.74 -37.70 -7.50
C LEU C 188 -55.81 -37.97 -8.53
N ASP C 189 -55.43 -38.38 -9.75
CA ASP C 189 -56.40 -38.64 -10.81
C ASP C 189 -57.71 -39.30 -10.35
N MET D 1 2.11 -11.81 -37.47
CA MET D 1 0.68 -11.49 -37.76
C MET D 1 0.64 -10.48 -38.89
N SER D 2 1.29 -9.35 -38.70
CA SER D 2 1.42 -8.32 -39.72
C SER D 2 2.64 -7.48 -39.37
N ALA D 3 3.09 -6.68 -40.32
CA ALA D 3 4.28 -5.87 -40.06
C ALA D 3 4.06 -4.93 -38.87
N GLY D 4 3.00 -4.13 -38.94
CA GLY D 4 2.76 -3.18 -37.87
C GLY D 4 2.53 -3.85 -36.53
N VAL D 5 1.75 -4.93 -36.50
CA VAL D 5 1.45 -5.54 -35.21
C VAL D 5 2.68 -6.20 -34.61
N ILE D 6 3.53 -6.80 -35.44
CA ILE D 6 4.74 -7.40 -34.89
C ILE D 6 5.68 -6.33 -34.37
N THR D 7 5.85 -5.23 -35.10
CA THR D 7 6.68 -4.17 -34.57
C THR D 7 6.11 -3.63 -33.28
N GLY D 8 4.79 -3.48 -33.21
CA GLY D 8 4.17 -3.00 -31.99
C GLY D 8 4.39 -3.94 -30.82
N VAL D 9 4.08 -5.22 -31.01
CA VAL D 9 4.32 -6.19 -29.94
C VAL D 9 5.76 -6.15 -29.50
N LEU D 10 6.69 -6.10 -30.45
CA LEU D 10 8.09 -6.13 -30.09
C LEU D 10 8.46 -4.88 -29.31
N LEU D 11 7.91 -3.74 -29.67
CA LEU D 11 8.27 -2.51 -28.98
C LEU D 11 7.68 -2.48 -27.59
N VAL D 12 6.44 -2.94 -27.43
CA VAL D 12 5.88 -2.97 -26.09
C VAL D 12 6.65 -3.95 -25.21
N PHE D 13 7.06 -5.08 -25.77
CA PHE D 13 7.85 -6.00 -24.97
C PHE D 13 9.20 -5.40 -24.64
N LEU D 14 9.78 -4.63 -25.56
CA LEU D 14 11.05 -4.01 -25.24
C LEU D 14 10.90 -3.01 -24.12
N LEU D 15 9.84 -2.20 -24.16
CA LEU D 15 9.67 -1.22 -23.11
C LEU D 15 9.33 -1.88 -21.79
N LEU D 16 8.65 -3.02 -21.82
CA LEU D 16 8.41 -3.71 -20.55
C LEU D 16 9.68 -4.35 -20.06
N GLY D 17 10.55 -4.81 -20.95
CA GLY D 17 11.82 -5.31 -20.51
C GLY D 17 12.63 -4.22 -19.84
N TYR D 18 12.71 -3.06 -20.49
CA TYR D 18 13.45 -1.96 -19.88
C TYR D 18 12.83 -1.54 -18.57
N LEU D 19 11.51 -1.49 -18.48
CA LEU D 19 10.89 -1.05 -17.24
C LEU D 19 11.14 -2.04 -16.12
N VAL D 20 10.89 -3.33 -16.35
CA VAL D 20 11.16 -4.30 -15.30
C VAL D 20 12.62 -4.27 -14.92
N TYR D 21 13.49 -4.01 -15.88
CA TYR D 21 14.90 -3.90 -15.56
C TYR D 21 15.14 -2.72 -14.64
N ALA D 22 14.43 -1.62 -14.86
CA ALA D 22 14.57 -0.49 -13.95
C ALA D 22 13.94 -0.78 -12.60
N LEU D 23 12.88 -1.58 -12.57
CA LEU D 23 12.21 -1.91 -11.34
C LEU D 23 13.02 -2.89 -10.52
N ILE D 24 13.99 -3.57 -11.15
CA ILE D 24 14.87 -4.47 -10.46
C ILE D 24 16.24 -3.83 -10.21
N ASN D 25 16.34 -2.50 -10.39
CA ASN D 25 17.58 -1.80 -10.10
C ASN D 25 17.29 -0.44 -9.48
N ALA D 26 18.37 0.14 -8.96
CA ALA D 26 18.42 1.47 -8.38
C ALA D 26 19.12 2.38 -9.39
N GLU D 27 18.31 2.94 -10.28
CA GLU D 27 18.78 3.87 -11.30
C GLU D 27 17.79 5.04 -11.34
K K E . -10.40 -20.62 -6.66
N 9Y0 F . -5.98 10.56 15.53
C 9Y0 F . -12.75 11.72 11.02
O 9Y0 F . -8.24 9.85 12.27
C1 9Y0 F . -12.13 10.37 10.70
C10 9Y0 F . -13.25 14.59 7.83
C11 9Y0 F . -12.53 14.84 6.49
C12 9Y0 F . -12.13 13.46 5.90
C13 9Y0 F . -11.37 13.71 4.59
C14 9Y0 F . -10.86 12.44 3.90
C15 9Y0 F . -10.32 12.91 2.55
C16 9Y0 F . -10.39 11.70 1.61
C17 9Y0 F . -11.16 11.95 0.30
C18 9Y0 F . -10.25 12.07 -0.94
C19 9Y0 F . -9.91 10.76 -1.67
C2 9Y0 F . -10.84 10.24 11.52
C20 9Y0 F . -9.64 11.12 -3.16
C21 9Y0 F . -12.51 10.04 8.33
C22 9Y0 F . -11.95 8.94 7.37
C23 9Y0 F . -12.76 8.74 6.05
C24 9Y0 F . -11.91 9.24 4.84
C25 9Y0 F . -11.19 8.03 4.17
C26 9Y0 F . -10.20 8.57 3.09
C27 9Y0 F . -9.45 7.55 2.19
C28 9Y0 F . -9.42 7.99 0.69
C29 9Y0 F . -7.96 8.20 0.20
C3 9Y0 F . -8.27 11.16 14.90
C30 9Y0 F . -7.91 7.90 -1.32
C31 9Y0 F . -6.60 8.45 -1.98
C32 9Y0 F . -5.84 7.46 -2.92
C33 9Y0 F . -4.36 7.33 -2.46
C34 9Y0 F . -3.45 7.02 -3.67
C35 9Y0 F . -3.14 5.51 -3.68
C36 9Y0 F . -2.04 5.24 -4.73
C37 9Y0 F . -8.86 10.04 -3.98
C38 9Y0 F . -9.05 9.89 -5.50
C4 9Y0 F . -7.39 10.24 15.76
C5 9Y0 F . -13.85 12.99 12.76
C6 9Y0 F . -13.76 14.42 12.09
C7 9Y0 F . -14.39 14.53 10.67
C8 9Y0 F . -14.02 15.87 9.98
C9 9Y0 F . -12.90 15.66 8.90
O1 9Y0 F . -9.41 10.42 14.49
O2 9Y0 F . -8.82 7.99 13.73
O3 9Y0 F . -10.74 9.21 12.48
O4 9Y0 F . -14.70 12.79 13.57
O5 9Y0 F . -12.96 11.93 12.40
O6 9Y0 F . -13.57 10.54 8.18
O7 9Y0 F . -11.66 10.45 9.39
P 9Y0 F . -9.27 9.33 13.24
H1 9Y0 F . -5.41 9.75 15.76
H2 9Y0 F . -5.71 11.32 16.15
H4 9Y0 F . -12.04 12.45 10.65
H5 9Y0 F . -13.70 11.73 10.49
H6 9Y0 F . -12.81 9.55 10.85
H7 9Y0 F . -14.33 14.58 7.67
H8 9Y0 F . -12.94 13.61 8.20
H9 9Y0 F . -13.21 15.34 5.79
H10 9Y0 F . -11.65 15.45 6.64
H11 9Y0 F . -13.02 12.86 5.72
H12 9Y0 F . -11.48 12.93 6.61
H13 9Y0 F . -10.53 14.36 4.79
H14 9Y0 F . -10.07 11.98 4.49
H15 9Y0 F . -9.28 13.22 2.67
H16 9Y0 F . -10.92 13.74 2.19
H17 9Y0 F . -11.00 11.03 2.17
H18 9Y0 F . -9.41 11.27 1.43
H19 9Y0 F . -11.76 12.87 0.38
H20 9Y0 F . -11.85 11.12 0.13
H21 9Y0 F . -10.84 12.58 -1.67
H22 9Y0 F . -9.34 12.63 -0.69
H23 9Y0 F . -8.99 10.38 -1.20
H24 9Y0 F . -10.72 10.05 -1.57
H25 9Y0 F . -10.67 11.18 12.06
H26 9Y0 F . -10.06 10.10 10.79
H27 9Y0 F . -10.63 11.33 -3.57
H28 9Y0 F . -9.05 12.05 -3.19
H29 9Y0 F . -10.92 9.17 7.15
H30 9Y0 F . -11.97 8.00 7.92
H31 9Y0 F . -13.69 9.31 6.09
H32 9Y0 F . -12.99 7.69 5.94
H33 9Y0 F . -12.57 9.70 4.12
H34 9Y0 F . -11.17 9.97 5.15
H35 9Y0 F . -11.90 7.34 3.72
H36 9Y0 F . -10.61 7.55 4.95
H37 9Y0 F . -9.51 9.31 3.51
H38 9Y0 F . -10.90 9.04 2.42
H39 9Y0 F . -8.46 7.32 2.58
H40 9Y0 F . -10.09 6.68 2.18
H41 9Y0 F . -9.90 7.22 0.09
H42 9Y0 F . -9.95 8.93 0.53
H43 9Y0 F . -7.28 7.52 0.70
H44 9Y0 F . -7.65 9.23 0.38
H45 9Y0 F . -8.59 12.02 15.49
H46 9Y0 F . -7.72 11.51 14.02
H47 9Y0 F . -7.93 6.84 -1.46
H48 9Y0 F . -8.82 8.27 -1.72
H49 9Y0 F . -5.95 8.62 -1.13
H50 9Y0 F . -6.71 9.42 -2.42
H51 9Y0 F . -5.89 7.87 -3.92
H52 9Y0 F . -6.31 6.48 -2.92
H53 9Y0 F . -4.02 8.28 -2.03
H54 9Y0 F . -4.29 6.55 -1.70
H55 9Y0 F . -3.91 7.31 -4.62
H56 9Y0 F . -2.51 7.58 -3.55
H57 9Y0 F . -2.82 5.17 -2.71
H58 9Y0 F . -4.03 4.97 -3.99
H59 9Y0 F . -1.69 4.21 -4.76
H60 9Y0 F . -2.59 5.29 -5.64
H61 9Y0 F . -1.28 6.02 -4.78
H62 9Y0 F . -9.08 9.07 -3.58
H63 9Y0 F . -7.82 10.29 -3.90
H64 9Y0 F . -9.65 10.74 -5.29
H65 9Y0 F . -9.15 8.84 -5.23
H66 9Y0 F . -9.93 9.61 -6.08
H67 9Y0 F . -7.57 9.20 15.48
H68 9Y0 F . -7.64 10.39 16.81
H69 9Y0 F . -14.26 15.12 12.75
H70 9Y0 F . -12.71 14.69 12.02
H71 9Y0 F . -15.48 14.52 10.80
H72 9Y0 F . -14.16 13.71 10.05
H73 9Y0 F . -13.66 16.59 10.73
H74 9Y0 F . -14.90 16.28 9.49
H75 9Y0 F . -11.98 15.36 9.40
H76 9Y0 F . -12.73 16.60 8.38
#